data_4G4M
# 
_entry.id   4G4M 
# 
_audit_conform.dict_name       mmcif_pdbx.dic 
_audit_conform.dict_version    5.403 
_audit_conform.dict_location   http://mmcif.pdb.org/dictionaries/ascii/mmcif_pdbx.dic 
# 
loop_
_database_2.database_id 
_database_2.database_code 
_database_2.pdbx_database_accession 
_database_2.pdbx_DOI 
PDB   4G4M         pdb_00004g4m 10.2210/pdb4g4m/pdb 
RCSB  RCSB073731   ?            ?                   
WWPDB D_1000073731 ?            ?                   
# 
loop_
_pdbx_audit_revision_history.ordinal 
_pdbx_audit_revision_history.data_content_type 
_pdbx_audit_revision_history.major_revision 
_pdbx_audit_revision_history.minor_revision 
_pdbx_audit_revision_history.revision_date 
_pdbx_audit_revision_history.part_number 
1 'Structure model' 1 0 2012-10-31 ? 
2 'Structure model' 1 1 2012-11-21 ? 
3 'Structure model' 1 2 2017-11-15 ? 
4 'Structure model' 1 3 2025-03-26 ? 
# 
_pdbx_audit_revision_details.ordinal             1 
_pdbx_audit_revision_details.revision_ordinal    1 
_pdbx_audit_revision_details.data_content_type   'Structure model' 
_pdbx_audit_revision_details.provider            repository 
_pdbx_audit_revision_details.type                'Initial release' 
_pdbx_audit_revision_details.description         ? 
_pdbx_audit_revision_details.details             ? 
# 
loop_
_pdbx_audit_revision_group.ordinal 
_pdbx_audit_revision_group.revision_ordinal 
_pdbx_audit_revision_group.data_content_type 
_pdbx_audit_revision_group.group 
1 2 'Structure model' 'Database references'    
2 3 'Structure model' 'Refinement description' 
3 4 'Structure model' 'Data collection'        
4 4 'Structure model' 'Database references'    
5 4 'Structure model' 'Derived calculations'   
6 4 'Structure model' 'Structure summary'      
# 
loop_
_pdbx_audit_revision_category.ordinal 
_pdbx_audit_revision_category.revision_ordinal 
_pdbx_audit_revision_category.data_content_type 
_pdbx_audit_revision_category.category 
1 3 'Structure model' software                  
2 4 'Structure model' chem_comp_atom            
3 4 'Structure model' chem_comp_bond            
4 4 'Structure model' database_2                
5 4 'Structure model' pdbx_entry_details        
6 4 'Structure model' pdbx_modification_feature 
7 4 'Structure model' struct_conn               
8 4 'Structure model' struct_site               
# 
loop_
_pdbx_audit_revision_item.ordinal 
_pdbx_audit_revision_item.revision_ordinal 
_pdbx_audit_revision_item.data_content_type 
_pdbx_audit_revision_item.item 
1 4 'Structure model' '_database_2.pdbx_DOI'                
2 4 'Structure model' '_database_2.pdbx_database_accession' 
3 4 'Structure model' '_struct_conn.pdbx_leaving_atom_flag' 
4 4 'Structure model' '_struct_site.pdbx_auth_asym_id'      
5 4 'Structure model' '_struct_site.pdbx_auth_comp_id'      
6 4 'Structure model' '_struct_site.pdbx_auth_seq_id'       
# 
_pdbx_database_status.entry_id                        4G4M 
_pdbx_database_status.status_code                     REL 
_pdbx_database_status.deposit_site                    RCSB 
_pdbx_database_status.process_site                    RCSB 
_pdbx_database_status.recvd_initial_deposition_date   2012-07-16 
_pdbx_database_status.status_code_sf                  REL 
_pdbx_database_status.status_code_mr                  ? 
_pdbx_database_status.SG_entry                        ? 
_pdbx_database_status.status_code_cs                  ? 
_pdbx_database_status.methods_development_category    ? 
_pdbx_database_status.pdb_format_compatible           Y 
_pdbx_database_status.status_code_nmr_data            ? 
# 
loop_
_pdbx_database_related.db_name 
_pdbx_database_related.db_id 
_pdbx_database_related.details 
_pdbx_database_related.content_type 
PDB 4G3B . unspecified 
PDB 4G4L . unspecified 
PDB 3TWE . unspecified 
PDB 3TWF . unspecified 
PDB 3TWG . unspecified 
# 
loop_
_audit_author.name 
_audit_author.pdbx_ordinal 
'Buer, B.C.'    1 
'Meagher, J.L.' 2 
'Stuckey, J.A.' 3 
'Marsh, E.N.G.' 4 
# 
_citation.id                        primary 
_citation.title                     
;Comparison of the structures and stabilities of coiled-coil proteins containing hexafluoroleucine and t-butylalanine provides insight into the stabilizing effects of highly fluorinated amino acid side-chains.
;
_citation.journal_abbrev            'Protein Sci.' 
_citation.journal_volume            21 
_citation.page_first                1705 
_citation.page_last                 1715 
_citation.year                      2012 
_citation.journal_id_ASTM           PRCIEI 
_citation.country                   US 
_citation.journal_id_ISSN           0961-8368 
_citation.journal_id_CSD            0795 
_citation.book_publisher            ? 
_citation.pdbx_database_id_PubMed   22930450 
_citation.pdbx_database_id_DOI      10.1002/pro.2150 
# 
loop_
_citation_author.citation_id 
_citation_author.name 
_citation_author.ordinal 
_citation_author.identifier_ORCID 
primary 'Buer, B.C.'    1 ? 
primary 'Meagher, J.L.' 2 ? 
primary 'Stuckey, J.A.' 3 ? 
primary 'Marsh, E.N.'   4 ? 
# 
loop_
_entity.id 
_entity.type 
_entity.src_method 
_entity.pdbx_description 
_entity.formula_weight 
_entity.pdbx_number_of_molecules 
_entity.pdbx_ec 
_entity.pdbx_mutation 
_entity.pdbx_fragment 
_entity.details 
1 polymer     syn 'alpha4F3(6-13)'       3590.581 2  ? ? ? ? 
2 non-polymer syn 'TETRAETHYLENE GLYCOL' 194.226  2  ? ? ? ? 
3 non-polymer syn 1,2-ETHANEDIOL         62.068   3  ? ? ? ? 
4 water       nat water                  18.015   28 ? ? ? ? 
# 
_entity_poly.entity_id                      1 
_entity_poly.type                           'polypeptide(L)' 
_entity_poly.nstd_linkage                   no 
_entity_poly.nstd_monomer                   yes 
_entity_poly.pdbx_seq_one_letter_code       'GNADE(6FL)YKE(6FL)ED(6FL)QERLRKLRKKLRSG' 
_entity_poly.pdbx_seq_one_letter_code_can   GNADEXYKEXEDXQERLRKLRKKLRSG 
_entity_poly.pdbx_strand_id                 A,B 
_entity_poly.pdbx_target_identifier         ? 
# 
loop_
_pdbx_entity_nonpoly.entity_id 
_pdbx_entity_nonpoly.name 
_pdbx_entity_nonpoly.comp_id 
2 'TETRAETHYLENE GLYCOL' PG4 
3 1,2-ETHANEDIOL         EDO 
4 water                  HOH 
# 
loop_
_entity_poly_seq.entity_id 
_entity_poly_seq.num 
_entity_poly_seq.mon_id 
_entity_poly_seq.hetero 
1 1  GLY n 
1 2  ASN n 
1 3  ALA n 
1 4  ASP n 
1 5  GLU n 
1 6  6FL n 
1 7  TYR n 
1 8  LYS n 
1 9  GLU n 
1 10 6FL n 
1 11 GLU n 
1 12 ASP n 
1 13 6FL n 
1 14 GLN n 
1 15 GLU n 
1 16 ARG n 
1 17 LEU n 
1 18 ARG n 
1 19 LYS n 
1 20 LEU n 
1 21 ARG n 
1 22 LYS n 
1 23 LYS n 
1 24 LEU n 
1 25 ARG n 
1 26 SER n 
1 27 GLY n 
# 
loop_
_chem_comp.id 
_chem_comp.type 
_chem_comp.mon_nstd_flag 
_chem_comp.name 
_chem_comp.pdbx_synonyms 
_chem_comp.formula 
_chem_comp.formula_weight 
6FL 'L-peptide linking' . "5,5,5,5',5',5'-hexafluoro-L-leucine" ?                 'C6 H7 F6 N O2'  239.116 
ALA 'L-peptide linking' y ALANINE                               ?                 'C3 H7 N O2'     89.093  
ARG 'L-peptide linking' y ARGININE                              ?                 'C6 H15 N4 O2 1' 175.209 
ASN 'L-peptide linking' y ASPARAGINE                            ?                 'C4 H8 N2 O3'    132.118 
ASP 'L-peptide linking' y 'ASPARTIC ACID'                       ?                 'C4 H7 N O4'     133.103 
EDO non-polymer         . 1,2-ETHANEDIOL                        'ETHYLENE GLYCOL' 'C2 H6 O2'       62.068  
GLN 'L-peptide linking' y GLUTAMINE                             ?                 'C5 H10 N2 O3'   146.144 
GLU 'L-peptide linking' y 'GLUTAMIC ACID'                       ?                 'C5 H9 N O4'     147.129 
GLY 'peptide linking'   y GLYCINE                               ?                 'C2 H5 N O2'     75.067  
HOH non-polymer         . WATER                                 ?                 'H2 O'           18.015  
LEU 'L-peptide linking' y LEUCINE                               ?                 'C6 H13 N O2'    131.173 
LYS 'L-peptide linking' y LYSINE                                ?                 'C6 H15 N2 O2 1' 147.195 
PG4 non-polymer         . 'TETRAETHYLENE GLYCOL'                ?                 'C8 H18 O5'      194.226 
SER 'L-peptide linking' y SERINE                                ?                 'C3 H7 N O3'     105.093 
TYR 'L-peptide linking' y TYROSINE                              ?                 'C9 H11 N O3'    181.189 
# 
loop_
_pdbx_poly_seq_scheme.asym_id 
_pdbx_poly_seq_scheme.entity_id 
_pdbx_poly_seq_scheme.seq_id 
_pdbx_poly_seq_scheme.mon_id 
_pdbx_poly_seq_scheme.ndb_seq_num 
_pdbx_poly_seq_scheme.pdb_seq_num 
_pdbx_poly_seq_scheme.auth_seq_num 
_pdbx_poly_seq_scheme.pdb_mon_id 
_pdbx_poly_seq_scheme.auth_mon_id 
_pdbx_poly_seq_scheme.pdb_strand_id 
_pdbx_poly_seq_scheme.pdb_ins_code 
_pdbx_poly_seq_scheme.hetero 
A 1 1  GLY 1  1  1  GLY GLY A . n 
A 1 2  ASN 2  2  2  ASN ASN A . n 
A 1 3  ALA 3  3  3  ALA ALA A . n 
A 1 4  ASP 4  4  4  ASP ASP A . n 
A 1 5  GLU 5  5  5  GLU GLU A . n 
A 1 6  6FL 6  6  6  6FL 6FL A . n 
A 1 7  TYR 7  7  7  TYR TYR A . n 
A 1 8  LYS 8  8  8  LYS LYS A . n 
A 1 9  GLU 9  9  9  GLU GLU A . n 
A 1 10 6FL 10 10 10 6FL 6FL A . n 
A 1 11 GLU 11 11 11 GLU GLU A . n 
A 1 12 ASP 12 12 12 ASP ASP A . n 
A 1 13 6FL 13 13 13 6FL 6FL A . n 
A 1 14 GLN 14 14 14 GLN GLN A . n 
A 1 15 GLU 15 15 15 GLU GLU A . n 
A 1 16 ARG 16 16 16 ARG ARG A . n 
A 1 17 LEU 17 17 17 LEU LEU A . n 
A 1 18 ARG 18 18 18 ARG ARG A . n 
A 1 19 LYS 19 19 19 LYS LYS A . n 
A 1 20 LEU 20 20 20 LEU LEU A . n 
A 1 21 ARG 21 21 21 ARG ARG A . n 
A 1 22 LYS 22 22 22 LYS LYS A . n 
A 1 23 LYS 23 23 23 LYS LYS A . n 
A 1 24 LEU 24 24 24 LEU LEU A . n 
A 1 25 ARG 25 25 25 ARG ARG A . n 
A 1 26 SER 26 26 ?  ?   ?   A . n 
A 1 27 GLY 27 27 ?  ?   ?   A . n 
B 1 1  GLY 1  1  1  GLY GLY B . n 
B 1 2  ASN 2  2  2  ASN ASN B . n 
B 1 3  ALA 3  3  3  ALA ALA B . n 
B 1 4  ASP 4  4  4  ASP ASP B . n 
B 1 5  GLU 5  5  5  GLU GLU B . n 
B 1 6  6FL 6  6  6  6FL 6FL B . n 
B 1 7  TYR 7  7  7  TYR TYR B . n 
B 1 8  LYS 8  8  8  LYS LYS B . n 
B 1 9  GLU 9  9  9  GLU GLU B . n 
B 1 10 6FL 10 10 10 6FL 6FL B . n 
B 1 11 GLU 11 11 11 GLU GLU B . n 
B 1 12 ASP 12 12 12 ASP ASP B . n 
B 1 13 6FL 13 13 13 6FL 6FL B . n 
B 1 14 GLN 14 14 14 GLN GLN B . n 
B 1 15 GLU 15 15 15 GLU GLU B . n 
B 1 16 ARG 16 16 16 ARG ARG B . n 
B 1 17 LEU 17 17 17 LEU LEU B . n 
B 1 18 ARG 18 18 18 ARG ARG B . n 
B 1 19 LYS 19 19 19 LYS LYS B . n 
B 1 20 LEU 20 20 20 LEU LEU B . n 
B 1 21 ARG 21 21 21 ARG ARG B . n 
B 1 22 LYS 22 22 22 LYS LYS B . n 
B 1 23 LYS 23 23 23 LYS LYS B . n 
B 1 24 LEU 24 24 24 LEU LEU B . n 
B 1 25 ARG 25 25 25 ARG ARG B . n 
B 1 26 SER 26 26 ?  ?   ?   B . n 
B 1 27 GLY 27 27 ?  ?   ?   B . n 
# 
loop_
_pdbx_nonpoly_scheme.asym_id 
_pdbx_nonpoly_scheme.entity_id 
_pdbx_nonpoly_scheme.mon_id 
_pdbx_nonpoly_scheme.ndb_seq_num 
_pdbx_nonpoly_scheme.pdb_seq_num 
_pdbx_nonpoly_scheme.auth_seq_num 
_pdbx_nonpoly_scheme.pdb_mon_id 
_pdbx_nonpoly_scheme.auth_mon_id 
_pdbx_nonpoly_scheme.pdb_strand_id 
_pdbx_nonpoly_scheme.pdb_ins_code 
C 2 PG4 1  101 1  PG4 PG4 A . 
D 3 EDO 1  102 1  EDO EDO A . 
E 3 EDO 1  103 1  EDO EDO A . 
F 2 PG4 1  101 1  PG4 PG4 B . 
G 3 EDO 1  102 1  EDO EDO B . 
H 4 HOH 1  201 1  HOH HOH A . 
H 4 HOH 2  202 1  HOH HOH A . 
H 4 HOH 3  203 3  HOH HOH A . 
H 4 HOH 4  204 7  HOH HOH A . 
H 4 HOH 5  205 8  HOH HOH A . 
H 4 HOH 6  206 9  HOH HOH A . 
H 4 HOH 7  207 10 HOH HOH A . 
H 4 HOH 8  208 11 HOH HOH A . 
H 4 HOH 9  209 13 HOH HOH A . 
H 4 HOH 10 210 17 HOH HOH A . 
H 4 HOH 11 211 18 HOH HOH A . 
H 4 HOH 12 212 27 HOH HOH A . 
I 4 HOH 1  201 2  HOH HOH B . 
I 4 HOH 2  202 4  HOH HOH B . 
I 4 HOH 3  203 5  HOH HOH B . 
I 4 HOH 4  204 6  HOH HOH B . 
I 4 HOH 5  205 12 HOH HOH B . 
I 4 HOH 6  206 14 HOH HOH B . 
I 4 HOH 7  207 15 HOH HOH B . 
I 4 HOH 8  208 16 HOH HOH B . 
I 4 HOH 9  209 19 HOH HOH B . 
I 4 HOH 10 210 20 HOH HOH B . 
I 4 HOH 11 211 21 HOH HOH B . 
I 4 HOH 12 212 22 HOH HOH B . 
I 4 HOH 13 213 23 HOH HOH B . 
I 4 HOH 14 214 24 HOH HOH B . 
I 4 HOH 15 215 25 HOH HOH B . 
I 4 HOH 16 216 26 HOH HOH B . 
# 
loop_
_pdbx_unobs_or_zero_occ_atoms.id 
_pdbx_unobs_or_zero_occ_atoms.PDB_model_num 
_pdbx_unobs_or_zero_occ_atoms.polymer_flag 
_pdbx_unobs_or_zero_occ_atoms.occupancy_flag 
_pdbx_unobs_or_zero_occ_atoms.auth_asym_id 
_pdbx_unobs_or_zero_occ_atoms.auth_comp_id 
_pdbx_unobs_or_zero_occ_atoms.auth_seq_id 
_pdbx_unobs_or_zero_occ_atoms.PDB_ins_code 
_pdbx_unobs_or_zero_occ_atoms.auth_atom_id 
_pdbx_unobs_or_zero_occ_atoms.label_alt_id 
_pdbx_unobs_or_zero_occ_atoms.label_asym_id 
_pdbx_unobs_or_zero_occ_atoms.label_comp_id 
_pdbx_unobs_or_zero_occ_atoms.label_seq_id 
_pdbx_unobs_or_zero_occ_atoms.label_atom_id 
1  1 Y 1 A LYS 23  ? CG ? A LYS 23 CG 
2  1 Y 1 A LYS 23  ? CD ? A LYS 23 CD 
3  1 Y 1 A LYS 23  ? CE ? A LYS 23 CE 
4  1 Y 1 A LYS 23  ? NZ ? A LYS 23 NZ 
5  1 N 1 A PG4 101 ? O1 ? C PG4 1  O1 
6  1 N 1 A PG4 101 ? C1 ? C PG4 1  C1 
7  1 N 1 A PG4 101 ? C2 ? C PG4 1  C2 
8  1 N 1 A PG4 101 ? O2 ? C PG4 1  O2 
9  1 N 1 A PG4 101 ? C3 ? C PG4 1  C3 
10 1 N 1 A PG4 101 ? C4 ? C PG4 1  C4 
11 1 N 1 B PG4 101 ? O1 ? F PG4 1  O1 
12 1 N 1 B PG4 101 ? C1 ? F PG4 1  C1 
13 1 N 1 B PG4 101 ? C2 ? F PG4 1  C2 
14 1 N 1 B PG4 101 ? O2 ? F PG4 1  O2 
15 1 N 1 B PG4 101 ? C3 ? F PG4 1  C3 
16 1 N 1 B PG4 101 ? C4 ? F PG4 1  C4 
# 
loop_
_software.pdbx_ordinal 
_software.name 
_software.version 
_software.date 
_software.type 
_software.contact_author 
_software.contact_author_email 
_software.classification 
_software.location 
_software.language 
_software.citation_id 
1 DENZO       .              ?                package 'Zbyszek Otwinowski' hkl@hkl-xray.com                 'data reduction'  
http://www.hkl-xray.com/                  ?   ? 
2 SCALEPACK   .              ?                package 'Zbyszek Otwinowski' hkl@hkl-xray.com                 'data scaling'    
http://www.hkl-xray.com/                  ?   ? 
3 BUSTER-TNT  'BUSTER 2.8.0' ?                program 'Gerard Bricogne'    buster-develop@GlobalPhasing.com refinement        
http://www.globalphasing.com/buster/      ?   ? 
4 PDB_EXTRACT 3.11           'April 22, 2011' package PDB                  deposit@deposit.rcsb.org         'data extraction' 
http://sw-tools.pdb.org/apps/PDB_EXTRACT/ C++ ? 
5 HKL-2000    .              ?                ?       ?                    ?                                'data collection' ? ? 
? 
6 HKL-2000    .              ?                ?       ?                    ?                                'data reduction'  ? ? 
? 
7 HKL-2000    .              ?                ?       ?                    ?                                'data scaling'    ? ? 
? 
8 PHASER      .              ?                ?       ?                    ?                                phasing           ? ? 
? 
9 BUSTER      1.6.0          ?                ?       ?                    ?                                refinement        ? ? 
? 
# 
_cell.length_a           49.581 
_cell.length_b           49.581 
_cell.length_c           41.569 
_cell.angle_alpha        90.000 
_cell.angle_beta         90.000 
_cell.angle_gamma        90.000 
_cell.entry_id           4G4M 
_cell.pdbx_unique_axis   ? 
_cell.Z_PDB              16 
_cell.length_a_esd       ? 
_cell.length_b_esd       ? 
_cell.length_c_esd       ? 
_cell.angle_alpha_esd    ? 
_cell.angle_beta_esd     ? 
_cell.angle_gamma_esd    ? 
# 
_symmetry.space_group_name_H-M             'I 41' 
_symmetry.entry_id                         4G4M 
_symmetry.pdbx_full_space_group_name_H-M   ? 
_symmetry.Int_Tables_number                80 
_symmetry.cell_setting                     ? 
_symmetry.space_group_name_Hall            ? 
# 
_exptl.crystals_number   1 
_exptl.entry_id          4G4M 
_exptl.method            'X-RAY DIFFRACTION' 
# 
_exptl_crystal.id                    1 
_exptl_crystal.density_Matthews      1.78 
_exptl_crystal.density_meas          ? 
_exptl_crystal.density_percent_sol   30.85 
_exptl_crystal.description           ? 
_exptl_crystal.F_000                 ? 
_exptl_crystal.preparation           ? 
# 
_exptl_crystal_grow.crystal_id      1 
_exptl_crystal_grow.method          'VAPOR DIFFUSION, HANGING DROP' 
_exptl_crystal_grow.pH              7.8 
_exptl_crystal_grow.temp            293.15 
_exptl_crystal_grow.pdbx_details    '48% PEG600, 0.1M Tris pH 8.5, vapor diffusion, hanging drop, temperature 293.15K' 
_exptl_crystal_grow.temp_details    ? 
_exptl_crystal_grow.pdbx_pH_range   ? 
# 
_diffrn.id                     1 
_diffrn.ambient_temp           100 
_diffrn.ambient_temp_details   ? 
_diffrn.crystal_id             1 
# 
_diffrn_detector.diffrn_id              1 
_diffrn_detector.detector               CCD 
_diffrn_detector.type                   'MARMOSAIC 300 mm CCD' 
_diffrn_detector.pdbx_collection_date   2011-10-13 
_diffrn_detector.details                ? 
# 
_diffrn_radiation.diffrn_id                        1 
_diffrn_radiation.pdbx_diffrn_protocol             'SINGLE WAVELENGTH' 
_diffrn_radiation.monochromator                    'Diamond [111]' 
_diffrn_radiation.wavelength_id                    1 
_diffrn_radiation.pdbx_monochromatic_or_laue_m_l   M 
_diffrn_radiation.pdbx_scattering_type             x-ray 
# 
_diffrn_radiation_wavelength.id           1 
_diffrn_radiation_wavelength.wavelength   0.97856 
_diffrn_radiation_wavelength.wt           1.0 
# 
_diffrn_source.diffrn_id                   1 
_diffrn_source.source                      SYNCHROTRON 
_diffrn_source.type                        'APS BEAMLINE 21-ID-G' 
_diffrn_source.pdbx_wavelength_list        0.97856 
_diffrn_source.pdbx_wavelength             ? 
_diffrn_source.pdbx_synchrotron_site       APS 
_diffrn_source.pdbx_synchrotron_beamline   21-ID-G 
# 
_reflns.entry_id                     4G4M 
_reflns.observed_criterion_sigma_F   ? 
_reflns.observed_criterion_sigma_I   ? 
_reflns.d_resolution_high            1.48 
_reflns.d_resolution_low             50.0 
_reflns.number_all                   ? 
_reflns.number_obs                   8484 
_reflns.percent_possible_obs         ? 
_reflns.pdbx_Rmerge_I_obs            ? 
_reflns.pdbx_Rsym_value              ? 
_reflns.pdbx_netI_over_sigmaI        ? 
_reflns.B_iso_Wilson_estimate        ? 
_reflns.pdbx_redundancy              ? 
_reflns.R_free_details               ? 
_reflns.limit_h_max                  ? 
_reflns.limit_h_min                  ? 
_reflns.limit_k_max                  ? 
_reflns.limit_k_min                  ? 
_reflns.limit_l_max                  ? 
_reflns.limit_l_min                  ? 
_reflns.observed_criterion_F_max     ? 
_reflns.observed_criterion_F_min     ? 
_reflns.pdbx_chi_squared             ? 
_reflns.pdbx_scaling_rejects         ? 
_reflns.pdbx_ordinal                 1 
_reflns.pdbx_diffrn_id               1 
# 
_refine.entry_id                                 4G4M 
_refine.ls_d_res_high                            1.4800 
_refine.ls_d_res_low                             10.0000 
_refine.pdbx_ls_sigma_F                          0.000 
_refine.pdbx_data_cutoff_high_absF               ? 
_refine.pdbx_data_cutoff_low_absF                ? 
_refine.ls_percent_reflns_obs                    ? 
_refine.ls_number_reflns_obs                     8457 
_refine.ls_number_reflns_all                     ? 
_refine.pdbx_ls_cross_valid_method               THROUGHOUT 
_refine.pdbx_R_Free_selection_details            RANDOM 
_refine.details                                  ? 
_refine.ls_R_factor_all                          ? 
_refine.ls_R_factor_obs                          0.2553 
_refine.ls_R_factor_R_work                       0.2522 
_refine.ls_wR_factor_R_work                      ? 
_refine.ls_R_factor_R_free                       0.3176 
_refine.ls_wR_factor_R_free                      ? 
_refine.ls_percent_reflns_R_free                 4.6600 
_refine.ls_number_reflns_R_free                  394 
_refine.ls_R_factor_R_free_error                 ? 
_refine.B_iso_mean                               30.4037 
_refine.solvent_model_param_bsol                 ? 
_refine.solvent_model_param_ksol                 ? 
_refine.pdbx_isotropic_thermal_model             ? 
_refine.aniso_B[1][1]                            -1.0565 
_refine.aniso_B[2][2]                            -1.0565 
_refine.aniso_B[3][3]                            2.1130 
_refine.aniso_B[1][2]                            0.0000 
_refine.aniso_B[1][3]                            0.0000 
_refine.aniso_B[2][3]                            0.0000 
_refine.correlation_coeff_Fo_to_Fc               0.9152 
_refine.correlation_coeff_Fo_to_Fc_free          0.8716 
_refine.overall_SU_R_Cruickshank_DPI             ? 
_refine.overall_SU_R_free                        ? 
_refine.pdbx_overall_ESU_R                       ? 
_refine.pdbx_overall_ESU_R_Free                  ? 
_refine.overall_SU_ML                            ? 
_refine.overall_SU_B                             ? 
_refine.solvent_model_details                    ? 
_refine.pdbx_solvent_vdw_probe_radii             ? 
_refine.pdbx_solvent_ion_probe_radii             ? 
_refine.pdbx_solvent_shrinkage_radii             ? 
_refine.ls_number_parameters                     ? 
_refine.ls_number_restraints                     ? 
_refine.pdbx_starting_model                      ? 
_refine.pdbx_method_to_determine_struct          'MOLECULAR REPLACEMENT' 
_refine.pdbx_stereochemistry_target_values       ? 
_refine.pdbx_stereochem_target_val_spec_case     ? 
_refine.overall_FOM_work_R_set                   ? 
_refine.B_iso_max                                84.260 
_refine.B_iso_min                                12.450 
_refine.pdbx_overall_phase_error                 ? 
_refine.occupancy_max                            1.000 
_refine.occupancy_min                            1.000 
_refine.pdbx_ls_sigma_I                          ? 
_refine.ls_redundancy_reflns_obs                 ? 
_refine.ls_R_factor_R_free_error_details         ? 
_refine.pdbx_data_cutoff_high_rms_absF           ? 
_refine.overall_FOM_free_R_set                   ? 
_refine.pdbx_diffrn_id                           1 
_refine.pdbx_refine_id                           'X-RAY DIFFRACTION' 
_refine.pdbx_TLS_residual_ADP_flag               ? 
_refine.pdbx_overall_SU_R_free_Cruickshank_DPI   ? 
_refine.pdbx_overall_SU_R_Blow_DPI               ? 
_refine.pdbx_overall_SU_R_free_Blow_DPI          ? 
# 
_refine_analyze.entry_id                        4G4M 
_refine_analyze.Luzzati_coordinate_error_obs    0.291 
_refine_analyze.Luzzati_sigma_a_obs             ? 
_refine_analyze.Luzzati_d_res_low_obs           ? 
_refine_analyze.Luzzati_coordinate_error_free   ? 
_refine_analyze.Luzzati_sigma_a_free            ? 
_refine_analyze.Luzzati_d_res_low_free          ? 
_refine_analyze.number_disordered_residues      ? 
_refine_analyze.occupancy_sum_non_hydrogen      ? 
_refine_analyze.occupancy_sum_hydrogen          ? 
_refine_analyze.pdbx_Luzzati_d_res_high_obs     ? 
_refine_analyze.pdbx_refine_id                  'X-RAY DIFFRACTION' 
# 
_refine_hist.pdbx_refine_id                   'X-RAY DIFFRACTION' 
_refine_hist.cycle_id                         LAST 
_refine_hist.pdbx_number_atoms_protein        468 
_refine_hist.pdbx_number_atoms_nucleic_acid   0 
_refine_hist.pdbx_number_atoms_ligand         26 
_refine_hist.number_atoms_solvent             28 
_refine_hist.number_atoms_total               522 
_refine_hist.d_res_high                       1.4800 
_refine_hist.d_res_low                        10.0000 
# 
loop_
_refine_ls_restr.type 
_refine_ls_restr.number 
_refine_ls_restr.dev_ideal 
_refine_ls_restr.dev_ideal_target 
_refine_ls_restr.weight 
_refine_ls_restr.pdbx_restraint_function 
_refine_ls_restr.pdbx_refine_id 
t_dihedral_angle_d        174 ?      ? 2.000  SINUSOIDAL   'X-RAY DIFFRACTION' 
t_trig_c_planes           16  ?      ? 2.000  HARMONIC     'X-RAY DIFFRACTION' 
t_gen_planes              58  ?      ? 5.000  HARMONIC     'X-RAY DIFFRACTION' 
t_it                      489 ?      ? 20.000 HARMONIC     'X-RAY DIFFRACTION' 
t_nbd                     25  ?      ? 5.000  SEMIHARMONIC 'X-RAY DIFFRACTION' 
t_improper_torsion        ?   ?      ? ?      ?            'X-RAY DIFFRACTION' 
t_pseud_angle             ?   ?      ? ?      ?            'X-RAY DIFFRACTION' 
t_chiral_improper_torsion 42  ?      ? 5.000  SEMIHARMONIC 'X-RAY DIFFRACTION' 
t_sum_occupancies         ?   ?      ? ?      ?            'X-RAY DIFFRACTION' 
t_utility_distance        ?   ?      ? ?      ?            'X-RAY DIFFRACTION' 
t_utility_angle           ?   ?      ? ?      ?            'X-RAY DIFFRACTION' 
t_utility_torsion         ?   ?      ? ?      ?            'X-RAY DIFFRACTION' 
t_ideal_dist_contact      524 ?      ? 4.000  SEMIHARMONIC 'X-RAY DIFFRACTION' 
t_bond_d                  489 0.010  ? 2.000  HARMONIC     'X-RAY DIFFRACTION' 
t_angle_deg               656 1.190  ? 2.000  HARMONIC     'X-RAY DIFFRACTION' 
t_omega_torsion           ?   2.490  ? ?      ?            'X-RAY DIFFRACTION' 
t_other_torsion           ?   19.340 ? ?      ?            'X-RAY DIFFRACTION' 
# 
_refine_ls_shell.d_res_high                       1.4800 
_refine_ls_shell.d_res_low                        1.6600 
_refine_ls_shell.pdbx_total_number_of_bins_used   5 
_refine_ls_shell.percent_reflns_obs               ? 
_refine_ls_shell.number_reflns_R_work             2297 
_refine_ls_shell.R_factor_all                     0.2619 
_refine_ls_shell.R_factor_R_work                  0.2603 
_refine_ls_shell.R_factor_R_free                  0.2963 
_refine_ls_shell.percent_reflns_R_free            4.2900 
_refine_ls_shell.number_reflns_R_free             103 
_refine_ls_shell.R_factor_R_free_error            ? 
_refine_ls_shell.number_reflns_all                2400 
_refine_ls_shell.number_reflns_obs                ? 
_refine_ls_shell.redundancy_reflns_obs            ? 
_refine_ls_shell.pdbx_refine_id                   'X-RAY DIFFRACTION' 
# 
_struct.entry_id                  4G4M 
_struct.title                     'Crystal structure of the de novo designed fluorinated peptide alpha4F3(6-13)' 
_struct.pdbx_model_details        ? 
_struct.pdbx_CASP_flag            ? 
_struct.pdbx_model_type_details   ? 
# 
_struct_keywords.entry_id        4G4M 
_struct_keywords.text            'alpha helix, de novo designed, fluorinated protein, coiled-coil, DE NOVO PROTEIN' 
_struct_keywords.pdbx_keywords   'DE NOVO PROTEIN' 
# 
loop_
_struct_asym.id 
_struct_asym.pdbx_blank_PDB_chainid_flag 
_struct_asym.pdbx_modified 
_struct_asym.entity_id 
_struct_asym.details 
A N N 1 ? 
B N N 1 ? 
C N N 2 ? 
D N N 3 ? 
E N N 3 ? 
F N N 2 ? 
G N N 3 ? 
H N N 4 ? 
I N N 4 ? 
# 
_struct_ref.id                         1 
_struct_ref.db_name                    PDB 
_struct_ref.db_code                    4G4M 
_struct_ref.pdbx_db_accession          4G4M 
_struct_ref.entity_id                  1 
_struct_ref.pdbx_align_begin           ? 
_struct_ref.pdbx_seq_one_letter_code   GNADEXYKEXEDXQERLRKLRKKLRSG 
_struct_ref.pdbx_db_isoform            ? 
# 
loop_
_struct_ref_seq.align_id 
_struct_ref_seq.ref_id 
_struct_ref_seq.pdbx_PDB_id_code 
_struct_ref_seq.pdbx_strand_id 
_struct_ref_seq.seq_align_beg 
_struct_ref_seq.pdbx_seq_align_beg_ins_code 
_struct_ref_seq.seq_align_end 
_struct_ref_seq.pdbx_seq_align_end_ins_code 
_struct_ref_seq.pdbx_db_accession 
_struct_ref_seq.db_align_beg 
_struct_ref_seq.pdbx_db_align_beg_ins_code 
_struct_ref_seq.db_align_end 
_struct_ref_seq.pdbx_db_align_end_ins_code 
_struct_ref_seq.pdbx_auth_seq_align_beg 
_struct_ref_seq.pdbx_auth_seq_align_end 
1 1 4G4M A 1 ? 27 ? 4G4M 1 ? 27 ? 1 27 
2 1 4G4M B 1 ? 27 ? 4G4M 1 ? 27 ? 1 27 
# 
_pdbx_struct_assembly.id                   1 
_pdbx_struct_assembly.details              author_defined_assembly 
_pdbx_struct_assembly.method_details       ? 
_pdbx_struct_assembly.oligomeric_details   tetrameric 
_pdbx_struct_assembly.oligomeric_count     4 
# 
_pdbx_struct_assembly_gen.assembly_id       1 
_pdbx_struct_assembly_gen.oper_expression   1,2 
_pdbx_struct_assembly_gen.asym_id_list      A,B,C,D,E,F,G,H,I 
# 
loop_
_pdbx_struct_oper_list.id 
_pdbx_struct_oper_list.type 
_pdbx_struct_oper_list.name 
_pdbx_struct_oper_list.symmetry_operation 
_pdbx_struct_oper_list.matrix[1][1] 
_pdbx_struct_oper_list.matrix[1][2] 
_pdbx_struct_oper_list.matrix[1][3] 
_pdbx_struct_oper_list.vector[1] 
_pdbx_struct_oper_list.matrix[2][1] 
_pdbx_struct_oper_list.matrix[2][2] 
_pdbx_struct_oper_list.matrix[2][3] 
_pdbx_struct_oper_list.vector[2] 
_pdbx_struct_oper_list.matrix[3][1] 
_pdbx_struct_oper_list.matrix[3][2] 
_pdbx_struct_oper_list.matrix[3][3] 
_pdbx_struct_oper_list.vector[3] 
1 'identity operation'         1_555 x,y,z   1.0000000000 0.0000000000  0.0000000000  0.0000000000  0.0000000000  1.0000000000  0.0000000000 0.0000000000  0.0000000000  0.0000000000 1.0000000000  0.0000000000  
2 'crystal symmetry operation' 6_555 -x,-y,z 0.1836076447 -0.8450111136 -0.5022394356 -6.9233641277 -0.8450111136 -0.3967225665 0.3585629974 -6.2023099284 -0.5022394356 0.3585629974 -0.7868850782 -5.8807128221 
# 
_struct_biol.id        1 
_struct_biol.details   ? 
# 
loop_
_struct_conf.conf_type_id 
_struct_conf.id 
_struct_conf.pdbx_PDB_helix_id 
_struct_conf.beg_label_comp_id 
_struct_conf.beg_label_asym_id 
_struct_conf.beg_label_seq_id 
_struct_conf.pdbx_beg_PDB_ins_code 
_struct_conf.end_label_comp_id 
_struct_conf.end_label_asym_id 
_struct_conf.end_label_seq_id 
_struct_conf.pdbx_end_PDB_ins_code 
_struct_conf.beg_auth_comp_id 
_struct_conf.beg_auth_asym_id 
_struct_conf.beg_auth_seq_id 
_struct_conf.end_auth_comp_id 
_struct_conf.end_auth_asym_id 
_struct_conf.end_auth_seq_id 
_struct_conf.pdbx_PDB_helix_class 
_struct_conf.details 
_struct_conf.pdbx_PDB_helix_length 
HELX_P HELX_P1 1 GLY A 1 ? ARG A 25 ? GLY A 1 ARG A 25 1 ? 25 
HELX_P HELX_P2 2 ASN B 2 ? ARG B 25 ? ASN B 2 ARG B 25 1 ? 24 
# 
_struct_conf_type.id          HELX_P 
_struct_conf_type.criteria    ? 
_struct_conf_type.reference   ? 
# 
loop_
_struct_conn.id 
_struct_conn.conn_type_id 
_struct_conn.pdbx_leaving_atom_flag 
_struct_conn.pdbx_PDB_id 
_struct_conn.ptnr1_label_asym_id 
_struct_conn.ptnr1_label_comp_id 
_struct_conn.ptnr1_label_seq_id 
_struct_conn.ptnr1_label_atom_id 
_struct_conn.pdbx_ptnr1_label_alt_id 
_struct_conn.pdbx_ptnr1_PDB_ins_code 
_struct_conn.pdbx_ptnr1_standard_comp_id 
_struct_conn.ptnr1_symmetry 
_struct_conn.ptnr2_label_asym_id 
_struct_conn.ptnr2_label_comp_id 
_struct_conn.ptnr2_label_seq_id 
_struct_conn.ptnr2_label_atom_id 
_struct_conn.pdbx_ptnr2_label_alt_id 
_struct_conn.pdbx_ptnr2_PDB_ins_code 
_struct_conn.ptnr1_auth_asym_id 
_struct_conn.ptnr1_auth_comp_id 
_struct_conn.ptnr1_auth_seq_id 
_struct_conn.ptnr2_auth_asym_id 
_struct_conn.ptnr2_auth_comp_id 
_struct_conn.ptnr2_auth_seq_id 
_struct_conn.ptnr2_symmetry 
_struct_conn.pdbx_ptnr3_label_atom_id 
_struct_conn.pdbx_ptnr3_label_seq_id 
_struct_conn.pdbx_ptnr3_label_comp_id 
_struct_conn.pdbx_ptnr3_label_asym_id 
_struct_conn.pdbx_ptnr3_label_alt_id 
_struct_conn.pdbx_ptnr3_PDB_ins_code 
_struct_conn.details 
_struct_conn.pdbx_dist_value 
_struct_conn.pdbx_value_order 
_struct_conn.pdbx_role 
covale1  covale both ? A GLU 5  C ? ? ? 1_555 A 6FL 6  N ? ? A GLU 5  A 6FL 6  1_555 ? ? ? ? ? ? ? 1.346 ? ? 
covale2  covale both ? A 6FL 6  C ? ? ? 1_555 A TYR 7  N ? ? A 6FL 6  A TYR 7  1_555 ? ? ? ? ? ? ? 1.338 ? ? 
covale3  covale both ? A GLU 9  C ? ? ? 1_555 A 6FL 10 N ? ? A GLU 9  A 6FL 10 1_555 ? ? ? ? ? ? ? 1.355 ? ? 
covale4  covale both ? A 6FL 10 C ? ? ? 1_555 A GLU 11 N ? ? A 6FL 10 A GLU 11 1_555 ? ? ? ? ? ? ? 1.344 ? ? 
covale5  covale both ? A ASP 12 C ? ? ? 1_555 A 6FL 13 N ? ? A ASP 12 A 6FL 13 1_555 ? ? ? ? ? ? ? 1.352 ? ? 
covale6  covale both ? A 6FL 13 C ? ? ? 1_555 A GLN 14 N ? ? A 6FL 13 A GLN 14 1_555 ? ? ? ? ? ? ? 1.368 ? ? 
covale7  covale both ? B GLU 5  C ? ? ? 1_555 B 6FL 6  N ? ? B GLU 5  B 6FL 6  1_555 ? ? ? ? ? ? ? 1.335 ? ? 
covale8  covale both ? B 6FL 6  C ? ? ? 1_555 B TYR 7  N ? ? B 6FL 6  B TYR 7  1_555 ? ? ? ? ? ? ? 1.347 ? ? 
covale9  covale both ? B GLU 9  C ? ? ? 1_555 B 6FL 10 N ? ? B GLU 9  B 6FL 10 1_555 ? ? ? ? ? ? ? 1.328 ? ? 
covale10 covale both ? B 6FL 10 C ? ? ? 1_555 B GLU 11 N ? ? B 6FL 10 B GLU 11 1_555 ? ? ? ? ? ? ? 1.322 ? ? 
covale11 covale both ? B ASP 12 C ? ? ? 1_555 B 6FL 13 N ? ? B ASP 12 B 6FL 13 1_555 ? ? ? ? ? ? ? 1.347 ? ? 
covale12 covale both ? B 6FL 13 C ? ? ? 1_555 B GLN 14 N ? ? B 6FL 13 B GLN 14 1_555 ? ? ? ? ? ? ? 1.353 ? ? 
# 
_struct_conn_type.id          covale 
_struct_conn_type.criteria    ? 
_struct_conn_type.reference   ? 
# 
loop_
_pdbx_modification_feature.ordinal 
_pdbx_modification_feature.label_comp_id 
_pdbx_modification_feature.label_asym_id 
_pdbx_modification_feature.label_seq_id 
_pdbx_modification_feature.label_alt_id 
_pdbx_modification_feature.modified_residue_label_comp_id 
_pdbx_modification_feature.modified_residue_label_asym_id 
_pdbx_modification_feature.modified_residue_label_seq_id 
_pdbx_modification_feature.modified_residue_label_alt_id 
_pdbx_modification_feature.auth_comp_id 
_pdbx_modification_feature.auth_asym_id 
_pdbx_modification_feature.auth_seq_id 
_pdbx_modification_feature.PDB_ins_code 
_pdbx_modification_feature.symmetry 
_pdbx_modification_feature.modified_residue_auth_comp_id 
_pdbx_modification_feature.modified_residue_auth_asym_id 
_pdbx_modification_feature.modified_residue_auth_seq_id 
_pdbx_modification_feature.modified_residue_PDB_ins_code 
_pdbx_modification_feature.modified_residue_symmetry 
_pdbx_modification_feature.comp_id_linking_atom 
_pdbx_modification_feature.modified_residue_id_linking_atom 
_pdbx_modification_feature.modified_residue_id 
_pdbx_modification_feature.ref_pcm_id 
_pdbx_modification_feature.ref_comp_id 
_pdbx_modification_feature.type 
_pdbx_modification_feature.category 
1 6FL A 6  ? . . . . 6FL A 6  ? 1_555 . . . . . . . LEU 1 6FL Fluorination 'Named protein modification' 
2 6FL A 10 ? . . . . 6FL A 10 ? 1_555 . . . . . . . LEU 1 6FL Fluorination 'Named protein modification' 
3 6FL A 13 ? . . . . 6FL A 13 ? 1_555 . . . . . . . LEU 1 6FL Fluorination 'Named protein modification' 
4 6FL B 6  ? . . . . 6FL B 6  ? 1_555 . . . . . . . LEU 1 6FL Fluorination 'Named protein modification' 
5 6FL B 10 ? . . . . 6FL B 10 ? 1_555 . . . . . . . LEU 1 6FL Fluorination 'Named protein modification' 
6 6FL B 13 ? . . . . 6FL B 13 ? 1_555 . . . . . . . LEU 1 6FL Fluorination 'Named protein modification' 
# 
loop_
_struct_site.id 
_struct_site.pdbx_evidence_code 
_struct_site.pdbx_auth_asym_id 
_struct_site.pdbx_auth_comp_id 
_struct_site.pdbx_auth_seq_id 
_struct_site.pdbx_auth_ins_code 
_struct_site.pdbx_num_residues 
_struct_site.details 
AC1 Software A PG4 101 ? 4 'BINDING SITE FOR RESIDUE PG4 A 101' 
AC2 Software A EDO 102 ? 4 'BINDING SITE FOR RESIDUE EDO A 102' 
AC3 Software A EDO 103 ? 4 'BINDING SITE FOR RESIDUE EDO A 103' 
AC4 Software B PG4 101 ? 5 'BINDING SITE FOR RESIDUE PG4 B 101' 
AC5 Software B EDO 102 ? 3 'BINDING SITE FOR RESIDUE EDO B 102' 
# 
loop_
_struct_site_gen.id 
_struct_site_gen.site_id 
_struct_site_gen.pdbx_num_res 
_struct_site_gen.label_comp_id 
_struct_site_gen.label_asym_id 
_struct_site_gen.label_seq_id 
_struct_site_gen.pdbx_auth_ins_code 
_struct_site_gen.auth_comp_id 
_struct_site_gen.auth_asym_id 
_struct_site_gen.auth_seq_id 
_struct_site_gen.label_atom_id 
_struct_site_gen.label_alt_id 
_struct_site_gen.symmetry 
_struct_site_gen.details 
1  AC1 4 6FL A 6  ? 6FL A 6   . ? 1_555 ? 
2  AC1 4 EDO E .  ? EDO A 103 . ? 6_555 ? 
3  AC1 4 ALA B 3  ? ALA B 3   . ? 6_554 ? 
4  AC1 4 LEU B 24 ? LEU B 24  . ? 6_555 ? 
5  AC2 4 LEU A 24 ? LEU A 24  . ? 1_555 ? 
6  AC2 4 EDO E .  ? EDO A 103 . ? 1_556 ? 
7  AC2 4 ASN B 2  ? ASN B 2   . ? 6_555 ? 
8  AC2 4 6FL B 6  ? 6FL B 6   . ? 6_555 ? 
9  AC3 4 ASN A 2  ? ASN A 2   . ? 1_555 ? 
10 AC3 4 ALA A 3  ? ALA A 3   . ? 1_555 ? 
11 AC3 4 PG4 C .  ? PG4 A 101 . ? 6_555 ? 
12 AC3 4 EDO D .  ? EDO A 102 . ? 1_554 ? 
13 AC4 5 ASP B 12 ? ASP B 12  . ? 1_555 ? 
14 AC4 5 ARG B 16 ? ARG B 16  . ? 1_555 ? 
15 AC4 5 LYS B 19 ? LYS B 19  . ? 1_555 ? 
16 AC4 5 HOH I .  ? HOH B 206 . ? 1_555 ? 
17 AC4 5 HOH I .  ? HOH B 215 . ? 7_454 ? 
18 AC5 3 GLU B 5  ? GLU B 5   . ? 1_555 ? 
19 AC5 3 GLU B 9  ? GLU B 9   . ? 1_555 ? 
20 AC5 3 ARG B 25 ? ARG B 25  . ? 7_455 ? 
# 
_pdbx_entry_details.entry_id                   4G4M 
_pdbx_entry_details.compound_details           ? 
_pdbx_entry_details.source_details             ? 
_pdbx_entry_details.nonpolymer_details         ? 
_pdbx_entry_details.sequence_details           ? 
_pdbx_entry_details.has_ligand_of_interest     ? 
_pdbx_entry_details.has_protein_modification   Y 
# 
_pdbx_validate_torsion.id              1 
_pdbx_validate_torsion.PDB_model_num   1 
_pdbx_validate_torsion.auth_comp_id    ASN 
_pdbx_validate_torsion.auth_asym_id    B 
_pdbx_validate_torsion.auth_seq_id     2 
_pdbx_validate_torsion.PDB_ins_code    ? 
_pdbx_validate_torsion.label_alt_id    ? 
_pdbx_validate_torsion.phi             -150.80 
_pdbx_validate_torsion.psi             -6.37 
# 
loop_
_pdbx_refine_tls.pdbx_refine_id 
_pdbx_refine_tls.id 
_pdbx_refine_tls.details 
_pdbx_refine_tls.method 
_pdbx_refine_tls.origin_x 
_pdbx_refine_tls.origin_y 
_pdbx_refine_tls.origin_z 
_pdbx_refine_tls.T[1][1] 
_pdbx_refine_tls.T[2][2] 
_pdbx_refine_tls.T[3][3] 
_pdbx_refine_tls.T[1][2] 
_pdbx_refine_tls.T[1][3] 
_pdbx_refine_tls.T[2][3] 
_pdbx_refine_tls.L[1][1] 
_pdbx_refine_tls.L[2][2] 
_pdbx_refine_tls.L[3][3] 
_pdbx_refine_tls.L[1][2] 
_pdbx_refine_tls.L[1][3] 
_pdbx_refine_tls.L[2][3] 
_pdbx_refine_tls.S[1][1] 
_pdbx_refine_tls.S[2][2] 
_pdbx_refine_tls.S[3][3] 
_pdbx_refine_tls.S[1][2] 
_pdbx_refine_tls.S[1][3] 
_pdbx_refine_tls.S[2][3] 
_pdbx_refine_tls.S[2][1] 
_pdbx_refine_tls.S[3][1] 
_pdbx_refine_tls.S[3][2] 
'X-RAY DIFFRACTION' 1 ? refined 2.0504  2.2003  -3.9662 -0.0053 -0.0843 -0.0660 0.0100 0.0036  -0.0108 5.8144 3.9079 6.6741 -2.2153 -3.1764 2.0230  -0.1515 0.0062  0.1454  -0.0042 0.0270  0.1477 -0.0327 0.1071  -0.0162 
'X-RAY DIFFRACTION' 2 ? refined -2.8435 -1.5431 4.5639  -0.0822 -0.0612 -0.0091 0.0045 -0.0182 -0.0194 4.5368 1.3972 5.7933 2.6120  -2.9092 -0.2798 0.0362  -0.0095 -0.0267 0.0158  -0.0031 0.0311 -0.0453 -0.0081 -0.0610  
# 
loop_
_pdbx_refine_tls_group.pdbx_refine_id 
_pdbx_refine_tls_group.id 
_pdbx_refine_tls_group.refine_tls_id 
_pdbx_refine_tls_group.beg_auth_asym_id 
_pdbx_refine_tls_group.beg_auth_seq_id 
_pdbx_refine_tls_group.end_auth_asym_id 
_pdbx_refine_tls_group.end_auth_seq_id 
_pdbx_refine_tls_group.selection_details 
_pdbx_refine_tls_group.beg_label_asym_id 
_pdbx_refine_tls_group.beg_label_seq_id 
_pdbx_refine_tls_group.end_label_asym_id 
_pdbx_refine_tls_group.end_label_seq_id 
_pdbx_refine_tls_group.selection 
'X-RAY DIFFRACTION' 1 1 A 1 A 25 '{ A|* }' ? ? ? ? ? 
'X-RAY DIFFRACTION' 2 2 B 1 B 25 '{ B|* }' ? ? ? ? ? 
# 
loop_
_pdbx_unobs_or_zero_occ_residues.id 
_pdbx_unobs_or_zero_occ_residues.PDB_model_num 
_pdbx_unobs_or_zero_occ_residues.polymer_flag 
_pdbx_unobs_or_zero_occ_residues.occupancy_flag 
_pdbx_unobs_or_zero_occ_residues.auth_asym_id 
_pdbx_unobs_or_zero_occ_residues.auth_comp_id 
_pdbx_unobs_or_zero_occ_residues.auth_seq_id 
_pdbx_unobs_or_zero_occ_residues.PDB_ins_code 
_pdbx_unobs_or_zero_occ_residues.label_asym_id 
_pdbx_unobs_or_zero_occ_residues.label_comp_id 
_pdbx_unobs_or_zero_occ_residues.label_seq_id 
1 1 Y 1 A SER 26 ? A SER 26 
2 1 Y 1 A GLY 27 ? A GLY 27 
3 1 Y 1 B SER 26 ? B SER 26 
4 1 Y 1 B GLY 27 ? B GLY 27 
# 
loop_
_chem_comp_atom.comp_id 
_chem_comp_atom.atom_id 
_chem_comp_atom.type_symbol 
_chem_comp_atom.pdbx_aromatic_flag 
_chem_comp_atom.pdbx_stereo_config 
_chem_comp_atom.pdbx_ordinal 
6FL C    C N N 1   
6FL N    N N N 2   
6FL O    O N N 3   
6FL CA   C N S 4   
6FL CB   C N N 5   
6FL CG   C N N 6   
6FL FAC  F N N 7   
6FL FAD  F N N 8   
6FL FAE  F N N 9   
6FL FAF  F N N 10  
6FL FAG  F N N 11  
6FL FAH  F N N 12  
6FL CD1  C N N 13  
6FL CD2  C N N 14  
6FL OXT  O N N 15  
6FL H    H N N 16  
6FL H2   H N N 17  
6FL HA   H N N 18  
6FL HB   H N N 19  
6FL HBA  H N N 20  
6FL HG   H N N 21  
6FL HXT  H N N 22  
ALA N    N N N 23  
ALA CA   C N S 24  
ALA C    C N N 25  
ALA O    O N N 26  
ALA CB   C N N 27  
ALA OXT  O N N 28  
ALA H    H N N 29  
ALA H2   H N N 30  
ALA HA   H N N 31  
ALA HB1  H N N 32  
ALA HB2  H N N 33  
ALA HB3  H N N 34  
ALA HXT  H N N 35  
ARG N    N N N 36  
ARG CA   C N S 37  
ARG C    C N N 38  
ARG O    O N N 39  
ARG CB   C N N 40  
ARG CG   C N N 41  
ARG CD   C N N 42  
ARG NE   N N N 43  
ARG CZ   C N N 44  
ARG NH1  N N N 45  
ARG NH2  N N N 46  
ARG OXT  O N N 47  
ARG H    H N N 48  
ARG H2   H N N 49  
ARG HA   H N N 50  
ARG HB2  H N N 51  
ARG HB3  H N N 52  
ARG HG2  H N N 53  
ARG HG3  H N N 54  
ARG HD2  H N N 55  
ARG HD3  H N N 56  
ARG HE   H N N 57  
ARG HH11 H N N 58  
ARG HH12 H N N 59  
ARG HH21 H N N 60  
ARG HH22 H N N 61  
ARG HXT  H N N 62  
ASN N    N N N 63  
ASN CA   C N S 64  
ASN C    C N N 65  
ASN O    O N N 66  
ASN CB   C N N 67  
ASN CG   C N N 68  
ASN OD1  O N N 69  
ASN ND2  N N N 70  
ASN OXT  O N N 71  
ASN H    H N N 72  
ASN H2   H N N 73  
ASN HA   H N N 74  
ASN HB2  H N N 75  
ASN HB3  H N N 76  
ASN HD21 H N N 77  
ASN HD22 H N N 78  
ASN HXT  H N N 79  
ASP N    N N N 80  
ASP CA   C N S 81  
ASP C    C N N 82  
ASP O    O N N 83  
ASP CB   C N N 84  
ASP CG   C N N 85  
ASP OD1  O N N 86  
ASP OD2  O N N 87  
ASP OXT  O N N 88  
ASP H    H N N 89  
ASP H2   H N N 90  
ASP HA   H N N 91  
ASP HB2  H N N 92  
ASP HB3  H N N 93  
ASP HD2  H N N 94  
ASP HXT  H N N 95  
EDO C1   C N N 96  
EDO O1   O N N 97  
EDO C2   C N N 98  
EDO O2   O N N 99  
EDO H11  H N N 100 
EDO H12  H N N 101 
EDO HO1  H N N 102 
EDO H21  H N N 103 
EDO H22  H N N 104 
EDO HO2  H N N 105 
GLN N    N N N 106 
GLN CA   C N S 107 
GLN C    C N N 108 
GLN O    O N N 109 
GLN CB   C N N 110 
GLN CG   C N N 111 
GLN CD   C N N 112 
GLN OE1  O N N 113 
GLN NE2  N N N 114 
GLN OXT  O N N 115 
GLN H    H N N 116 
GLN H2   H N N 117 
GLN HA   H N N 118 
GLN HB2  H N N 119 
GLN HB3  H N N 120 
GLN HG2  H N N 121 
GLN HG3  H N N 122 
GLN HE21 H N N 123 
GLN HE22 H N N 124 
GLN HXT  H N N 125 
GLU N    N N N 126 
GLU CA   C N S 127 
GLU C    C N N 128 
GLU O    O N N 129 
GLU CB   C N N 130 
GLU CG   C N N 131 
GLU CD   C N N 132 
GLU OE1  O N N 133 
GLU OE2  O N N 134 
GLU OXT  O N N 135 
GLU H    H N N 136 
GLU H2   H N N 137 
GLU HA   H N N 138 
GLU HB2  H N N 139 
GLU HB3  H N N 140 
GLU HG2  H N N 141 
GLU HG3  H N N 142 
GLU HE2  H N N 143 
GLU HXT  H N N 144 
GLY N    N N N 145 
GLY CA   C N N 146 
GLY C    C N N 147 
GLY O    O N N 148 
GLY OXT  O N N 149 
GLY H    H N N 150 
GLY H2   H N N 151 
GLY HA2  H N N 152 
GLY HA3  H N N 153 
GLY HXT  H N N 154 
HOH O    O N N 155 
HOH H1   H N N 156 
HOH H2   H N N 157 
LEU N    N N N 158 
LEU CA   C N S 159 
LEU C    C N N 160 
LEU O    O N N 161 
LEU CB   C N N 162 
LEU CG   C N N 163 
LEU CD1  C N N 164 
LEU CD2  C N N 165 
LEU OXT  O N N 166 
LEU H    H N N 167 
LEU H2   H N N 168 
LEU HA   H N N 169 
LEU HB2  H N N 170 
LEU HB3  H N N 171 
LEU HG   H N N 172 
LEU HD11 H N N 173 
LEU HD12 H N N 174 
LEU HD13 H N N 175 
LEU HD21 H N N 176 
LEU HD22 H N N 177 
LEU HD23 H N N 178 
LEU HXT  H N N 179 
LYS N    N N N 180 
LYS CA   C N S 181 
LYS C    C N N 182 
LYS O    O N N 183 
LYS CB   C N N 184 
LYS CG   C N N 185 
LYS CD   C N N 186 
LYS CE   C N N 187 
LYS NZ   N N N 188 
LYS OXT  O N N 189 
LYS H    H N N 190 
LYS H2   H N N 191 
LYS HA   H N N 192 
LYS HB2  H N N 193 
LYS HB3  H N N 194 
LYS HG2  H N N 195 
LYS HG3  H N N 196 
LYS HD2  H N N 197 
LYS HD3  H N N 198 
LYS HE2  H N N 199 
LYS HE3  H N N 200 
LYS HZ1  H N N 201 
LYS HZ2  H N N 202 
LYS HZ3  H N N 203 
LYS HXT  H N N 204 
PG4 O1   O N N 205 
PG4 C1   C N N 206 
PG4 C2   C N N 207 
PG4 O2   O N N 208 
PG4 C3   C N N 209 
PG4 C4   C N N 210 
PG4 O3   O N N 211 
PG4 C5   C N N 212 
PG4 C6   C N N 213 
PG4 O4   O N N 214 
PG4 C7   C N N 215 
PG4 C8   C N N 216 
PG4 O5   O N N 217 
PG4 HO1  H N N 218 
PG4 H11  H N N 219 
PG4 H12  H N N 220 
PG4 H21  H N N 221 
PG4 H22  H N N 222 
PG4 H31  H N N 223 
PG4 H32  H N N 224 
PG4 H41  H N N 225 
PG4 H42  H N N 226 
PG4 H51  H N N 227 
PG4 H52  H N N 228 
PG4 H61  H N N 229 
PG4 H62  H N N 230 
PG4 H71  H N N 231 
PG4 H72  H N N 232 
PG4 H81  H N N 233 
PG4 H82  H N N 234 
PG4 HO5  H N N 235 
SER N    N N N 236 
SER CA   C N S 237 
SER C    C N N 238 
SER O    O N N 239 
SER CB   C N N 240 
SER OG   O N N 241 
SER OXT  O N N 242 
SER H    H N N 243 
SER H2   H N N 244 
SER HA   H N N 245 
SER HB2  H N N 246 
SER HB3  H N N 247 
SER HG   H N N 248 
SER HXT  H N N 249 
TYR N    N N N 250 
TYR CA   C N S 251 
TYR C    C N N 252 
TYR O    O N N 253 
TYR CB   C N N 254 
TYR CG   C Y N 255 
TYR CD1  C Y N 256 
TYR CD2  C Y N 257 
TYR CE1  C Y N 258 
TYR CE2  C Y N 259 
TYR CZ   C Y N 260 
TYR OH   O N N 261 
TYR OXT  O N N 262 
TYR H    H N N 263 
TYR H2   H N N 264 
TYR HA   H N N 265 
TYR HB2  H N N 266 
TYR HB3  H N N 267 
TYR HD1  H N N 268 
TYR HD2  H N N 269 
TYR HE1  H N N 270 
TYR HE2  H N N 271 
TYR HH   H N N 272 
TYR HXT  H N N 273 
# 
loop_
_chem_comp_bond.comp_id 
_chem_comp_bond.atom_id_1 
_chem_comp_bond.atom_id_2 
_chem_comp_bond.value_order 
_chem_comp_bond.pdbx_aromatic_flag 
_chem_comp_bond.pdbx_stereo_config 
_chem_comp_bond.pdbx_ordinal 
6FL C   O    doub N N 1   
6FL C   CA   sing N N 2   
6FL C   OXT  sing N N 3   
6FL N   CA   sing N N 4   
6FL N   H    sing N N 5   
6FL N   H2   sing N N 6   
6FL CA  CB   sing N N 7   
6FL CA  HA   sing N N 8   
6FL CB  CG   sing N N 9   
6FL CB  HB   sing N N 10  
6FL CB  HBA  sing N N 11  
6FL CG  CD1  sing N N 12  
6FL CG  CD2  sing N N 13  
6FL CG  HG   sing N N 14  
6FL FAC CD1  sing N N 15  
6FL FAD CD1  sing N N 16  
6FL FAE CD1  sing N N 17  
6FL FAF CD2  sing N N 18  
6FL FAG CD2  sing N N 19  
6FL FAH CD2  sing N N 20  
6FL OXT HXT  sing N N 21  
ALA N   CA   sing N N 22  
ALA N   H    sing N N 23  
ALA N   H2   sing N N 24  
ALA CA  C    sing N N 25  
ALA CA  CB   sing N N 26  
ALA CA  HA   sing N N 27  
ALA C   O    doub N N 28  
ALA C   OXT  sing N N 29  
ALA CB  HB1  sing N N 30  
ALA CB  HB2  sing N N 31  
ALA CB  HB3  sing N N 32  
ALA OXT HXT  sing N N 33  
ARG N   CA   sing N N 34  
ARG N   H    sing N N 35  
ARG N   H2   sing N N 36  
ARG CA  C    sing N N 37  
ARG CA  CB   sing N N 38  
ARG CA  HA   sing N N 39  
ARG C   O    doub N N 40  
ARG C   OXT  sing N N 41  
ARG CB  CG   sing N N 42  
ARG CB  HB2  sing N N 43  
ARG CB  HB3  sing N N 44  
ARG CG  CD   sing N N 45  
ARG CG  HG2  sing N N 46  
ARG CG  HG3  sing N N 47  
ARG CD  NE   sing N N 48  
ARG CD  HD2  sing N N 49  
ARG CD  HD3  sing N N 50  
ARG NE  CZ   sing N N 51  
ARG NE  HE   sing N N 52  
ARG CZ  NH1  sing N N 53  
ARG CZ  NH2  doub N N 54  
ARG NH1 HH11 sing N N 55  
ARG NH1 HH12 sing N N 56  
ARG NH2 HH21 sing N N 57  
ARG NH2 HH22 sing N N 58  
ARG OXT HXT  sing N N 59  
ASN N   CA   sing N N 60  
ASN N   H    sing N N 61  
ASN N   H2   sing N N 62  
ASN CA  C    sing N N 63  
ASN CA  CB   sing N N 64  
ASN CA  HA   sing N N 65  
ASN C   O    doub N N 66  
ASN C   OXT  sing N N 67  
ASN CB  CG   sing N N 68  
ASN CB  HB2  sing N N 69  
ASN CB  HB3  sing N N 70  
ASN CG  OD1  doub N N 71  
ASN CG  ND2  sing N N 72  
ASN ND2 HD21 sing N N 73  
ASN ND2 HD22 sing N N 74  
ASN OXT HXT  sing N N 75  
ASP N   CA   sing N N 76  
ASP N   H    sing N N 77  
ASP N   H2   sing N N 78  
ASP CA  C    sing N N 79  
ASP CA  CB   sing N N 80  
ASP CA  HA   sing N N 81  
ASP C   O    doub N N 82  
ASP C   OXT  sing N N 83  
ASP CB  CG   sing N N 84  
ASP CB  HB2  sing N N 85  
ASP CB  HB3  sing N N 86  
ASP CG  OD1  doub N N 87  
ASP CG  OD2  sing N N 88  
ASP OD2 HD2  sing N N 89  
ASP OXT HXT  sing N N 90  
EDO C1  O1   sing N N 91  
EDO C1  C2   sing N N 92  
EDO C1  H11  sing N N 93  
EDO C1  H12  sing N N 94  
EDO O1  HO1  sing N N 95  
EDO C2  O2   sing N N 96  
EDO C2  H21  sing N N 97  
EDO C2  H22  sing N N 98  
EDO O2  HO2  sing N N 99  
GLN N   CA   sing N N 100 
GLN N   H    sing N N 101 
GLN N   H2   sing N N 102 
GLN CA  C    sing N N 103 
GLN CA  CB   sing N N 104 
GLN CA  HA   sing N N 105 
GLN C   O    doub N N 106 
GLN C   OXT  sing N N 107 
GLN CB  CG   sing N N 108 
GLN CB  HB2  sing N N 109 
GLN CB  HB3  sing N N 110 
GLN CG  CD   sing N N 111 
GLN CG  HG2  sing N N 112 
GLN CG  HG3  sing N N 113 
GLN CD  OE1  doub N N 114 
GLN CD  NE2  sing N N 115 
GLN NE2 HE21 sing N N 116 
GLN NE2 HE22 sing N N 117 
GLN OXT HXT  sing N N 118 
GLU N   CA   sing N N 119 
GLU N   H    sing N N 120 
GLU N   H2   sing N N 121 
GLU CA  C    sing N N 122 
GLU CA  CB   sing N N 123 
GLU CA  HA   sing N N 124 
GLU C   O    doub N N 125 
GLU C   OXT  sing N N 126 
GLU CB  CG   sing N N 127 
GLU CB  HB2  sing N N 128 
GLU CB  HB3  sing N N 129 
GLU CG  CD   sing N N 130 
GLU CG  HG2  sing N N 131 
GLU CG  HG3  sing N N 132 
GLU CD  OE1  doub N N 133 
GLU CD  OE2  sing N N 134 
GLU OE2 HE2  sing N N 135 
GLU OXT HXT  sing N N 136 
GLY N   CA   sing N N 137 
GLY N   H    sing N N 138 
GLY N   H2   sing N N 139 
GLY CA  C    sing N N 140 
GLY CA  HA2  sing N N 141 
GLY CA  HA3  sing N N 142 
GLY C   O    doub N N 143 
GLY C   OXT  sing N N 144 
GLY OXT HXT  sing N N 145 
HOH O   H1   sing N N 146 
HOH O   H2   sing N N 147 
LEU N   CA   sing N N 148 
LEU N   H    sing N N 149 
LEU N   H2   sing N N 150 
LEU CA  C    sing N N 151 
LEU CA  CB   sing N N 152 
LEU CA  HA   sing N N 153 
LEU C   O    doub N N 154 
LEU C   OXT  sing N N 155 
LEU CB  CG   sing N N 156 
LEU CB  HB2  sing N N 157 
LEU CB  HB3  sing N N 158 
LEU CG  CD1  sing N N 159 
LEU CG  CD2  sing N N 160 
LEU CG  HG   sing N N 161 
LEU CD1 HD11 sing N N 162 
LEU CD1 HD12 sing N N 163 
LEU CD1 HD13 sing N N 164 
LEU CD2 HD21 sing N N 165 
LEU CD2 HD22 sing N N 166 
LEU CD2 HD23 sing N N 167 
LEU OXT HXT  sing N N 168 
LYS N   CA   sing N N 169 
LYS N   H    sing N N 170 
LYS N   H2   sing N N 171 
LYS CA  C    sing N N 172 
LYS CA  CB   sing N N 173 
LYS CA  HA   sing N N 174 
LYS C   O    doub N N 175 
LYS C   OXT  sing N N 176 
LYS CB  CG   sing N N 177 
LYS CB  HB2  sing N N 178 
LYS CB  HB3  sing N N 179 
LYS CG  CD   sing N N 180 
LYS CG  HG2  sing N N 181 
LYS CG  HG3  sing N N 182 
LYS CD  CE   sing N N 183 
LYS CD  HD2  sing N N 184 
LYS CD  HD3  sing N N 185 
LYS CE  NZ   sing N N 186 
LYS CE  HE2  sing N N 187 
LYS CE  HE3  sing N N 188 
LYS NZ  HZ1  sing N N 189 
LYS NZ  HZ2  sing N N 190 
LYS NZ  HZ3  sing N N 191 
LYS OXT HXT  sing N N 192 
PG4 O1  C1   sing N N 193 
PG4 O1  HO1  sing N N 194 
PG4 C1  C2   sing N N 195 
PG4 C1  H11  sing N N 196 
PG4 C1  H12  sing N N 197 
PG4 C2  O2   sing N N 198 
PG4 C2  H21  sing N N 199 
PG4 C2  H22  sing N N 200 
PG4 O2  C3   sing N N 201 
PG4 C3  C4   sing N N 202 
PG4 C3  H31  sing N N 203 
PG4 C3  H32  sing N N 204 
PG4 C4  O3   sing N N 205 
PG4 C4  H41  sing N N 206 
PG4 C4  H42  sing N N 207 
PG4 O3  C5   sing N N 208 
PG4 C5  C6   sing N N 209 
PG4 C5  H51  sing N N 210 
PG4 C5  H52  sing N N 211 
PG4 C6  O4   sing N N 212 
PG4 C6  H61  sing N N 213 
PG4 C6  H62  sing N N 214 
PG4 O4  C7   sing N N 215 
PG4 C7  C8   sing N N 216 
PG4 C7  H71  sing N N 217 
PG4 C7  H72  sing N N 218 
PG4 C8  O5   sing N N 219 
PG4 C8  H81  sing N N 220 
PG4 C8  H82  sing N N 221 
PG4 O5  HO5  sing N N 222 
SER N   CA   sing N N 223 
SER N   H    sing N N 224 
SER N   H2   sing N N 225 
SER CA  C    sing N N 226 
SER CA  CB   sing N N 227 
SER CA  HA   sing N N 228 
SER C   O    doub N N 229 
SER C   OXT  sing N N 230 
SER CB  OG   sing N N 231 
SER CB  HB2  sing N N 232 
SER CB  HB3  sing N N 233 
SER OG  HG   sing N N 234 
SER OXT HXT  sing N N 235 
TYR N   CA   sing N N 236 
TYR N   H    sing N N 237 
TYR N   H2   sing N N 238 
TYR CA  C    sing N N 239 
TYR CA  CB   sing N N 240 
TYR CA  HA   sing N N 241 
TYR C   O    doub N N 242 
TYR C   OXT  sing N N 243 
TYR CB  CG   sing N N 244 
TYR CB  HB2  sing N N 245 
TYR CB  HB3  sing N N 246 
TYR CG  CD1  doub Y N 247 
TYR CG  CD2  sing Y N 248 
TYR CD1 CE1  sing Y N 249 
TYR CD1 HD1  sing N N 250 
TYR CD2 CE2  doub Y N 251 
TYR CD2 HD2  sing N N 252 
TYR CE1 CZ   doub Y N 253 
TYR CE1 HE1  sing N N 254 
TYR CE2 CZ   sing Y N 255 
TYR CE2 HE2  sing N N 256 
TYR CZ  OH   sing N N 257 
TYR OH  HH   sing N N 258 
TYR OXT HXT  sing N N 259 
# 
_atom_sites.entry_id                    4G4M 
_atom_sites.fract_transf_matrix[1][1]   0.00360535 
_atom_sites.fract_transf_matrix[1][2]   0.01362503 
_atom_sites.fract_transf_matrix[1][3]   -0.01442735 
_atom_sites.fract_transf_matrix[2][1]   -0.01237138 
_atom_sites.fract_transf_matrix[2][2]   -0.00992189 
_atom_sites.fract_transf_matrix[2][3]   -0.01246169 
_atom_sites.fract_transf_matrix[3][1]   -0.01850599 
_atom_sites.fract_transf_matrix[3][2]   0.01321195 
_atom_sites.fract_transf_matrix[3][3]   0.00785263 
_atom_sites.fract_transf_vector[1]      0.012312 
_atom_sites.fract_transf_vector[2]      -0.110237 
_atom_sites.fract_transf_vector[3]      -0.396880 
# 
loop_
_atom_type.symbol 
C 
F 
N 
O 
# 
loop_
_atom_site.group_PDB 
_atom_site.id 
_atom_site.type_symbol 
_atom_site.label_atom_id 
_atom_site.label_alt_id 
_atom_site.label_comp_id 
_atom_site.label_asym_id 
_atom_site.label_entity_id 
_atom_site.label_seq_id 
_atom_site.pdbx_PDB_ins_code 
_atom_site.Cartn_x 
_atom_site.Cartn_y 
_atom_site.Cartn_z 
_atom_site.occupancy 
_atom_site.B_iso_or_equiv 
_atom_site.pdbx_formal_charge 
_atom_site.auth_seq_id 
_atom_site.auth_comp_id 
_atom_site.auth_asym_id 
_atom_site.auth_atom_id 
_atom_site.pdbx_PDB_model_num 
ATOM   1   N N   . GLY A 1 1  ? 15.362  -5.767  -13.759 1.00 31.21 ? 1   GLY A N   1 
ATOM   2   C CA  . GLY A 1 1  ? 14.512  -6.536  -14.652 1.00 31.28 ? 1   GLY A CA  1 
ATOM   3   C C   . GLY A 1 1  ? 13.189  -6.857  -14.000 1.00 32.84 ? 1   GLY A C   1 
ATOM   4   O O   . GLY A 1 1  ? 12.563  -5.968  -13.425 1.00 32.03 ? 1   GLY A O   1 
ATOM   5   N N   . ASN A 1 2  ? 12.776  -8.137  -14.067 1.00 31.31 ? 2   ASN A N   1 
ATOM   6   C CA  . ASN A 1 2  ? 11.562  -8.715  -13.470 1.00 31.08 ? 2   ASN A CA  1 
ATOM   7   C C   . ASN A 1 2  ? 11.301  -8.223  -12.044 1.00 30.12 ? 2   ASN A C   1 
ATOM   8   O O   . ASN A 1 2  ? 10.215  -7.699  -11.771 1.00 27.06 ? 2   ASN A O   1 
ATOM   9   C CB  . ASN A 1 2  ? 11.663  -10.253 -13.459 1.00 37.80 ? 2   ASN A CB  1 
ATOM   10  C CG  . ASN A 1 2  ? 10.622  -10.972 -14.273 1.00 57.59 ? 2   ASN A CG  1 
ATOM   11  O OD1 . ASN A 1 2  ? 9.418   -10.868 -14.020 1.00 50.74 ? 2   ASN A OD1 1 
ATOM   12  N ND2 . ASN A 1 2  ? 11.079  -11.776 -15.223 1.00 50.10 ? 2   ASN A ND2 1 
ATOM   13  N N   . ALA A 1 3  ? 12.301  -8.364  -11.144 1.00 27.10 ? 3   ALA A N   1 
ATOM   14  C CA  . ALA A 1 3  ? 12.224  -7.987  -9.723  1.00 26.74 ? 3   ALA A CA  1 
ATOM   15  C C   . ALA A 1 3  ? 12.106  -6.511  -9.526  1.00 28.94 ? 3   ALA A C   1 
ATOM   16  O O   . ALA A 1 3  ? 11.181  -6.092  -8.844  1.00 26.61 ? 3   ALA A O   1 
ATOM   17  C CB  . ALA A 1 3  ? 13.427  -8.504  -8.963  1.00 29.96 ? 3   ALA A CB  1 
ATOM   18  N N   . ASP A 1 4  ? 13.040  -5.717  -10.102 1.00 27.14 ? 4   ASP A N   1 
ATOM   19  C CA  . ASP A 1 4  ? 13.046  -4.254  -10.009 1.00 26.47 ? 4   ASP A CA  1 
ATOM   20  C C   . ASP A 1 4  ? 11.687  -3.695  -10.461 1.00 25.32 ? 4   ASP A C   1 
ATOM   21  O O   . ASP A 1 4  ? 11.110  -2.921  -9.721  1.00 21.65 ? 4   ASP A O   1 
ATOM   22  C CB  . ASP A 1 4  ? 14.225  -3.678  -10.841 1.00 30.61 ? 4   ASP A CB  1 
ATOM   23  C CG  . ASP A 1 4  ? 14.530  -2.187  -10.687 1.00 44.13 ? 4   ASP A CG  1 
ATOM   24  O OD1 . ASP A 1 4  ? 14.394  -1.660  -9.564  1.00 43.58 ? 4   ASP A OD1 1 
ATOM   25  O OD2 . ASP A 1 4  ? 15.008  -1.580  -11.664 1.00 50.52 ? 4   ASP A OD2 1 
ATOM   26  N N   . GLU A 1 5  ? 11.148  -4.158  -11.621 1.00 22.91 ? 5   GLU A N   1 
ATOM   27  C CA  . GLU A 1 5  ? 9.834   -3.734  -12.162 1.00 22.28 ? 5   GLU A CA  1 
ATOM   28  C C   . GLU A 1 5  ? 8.638   -4.085  -11.261 1.00 25.28 ? 5   GLU A C   1 
ATOM   29  O O   . GLU A 1 5  ? 7.726   -3.265  -11.096 1.00 21.46 ? 5   GLU A O   1 
ATOM   30  C CB  . GLU A 1 5  ? 9.629   -4.254  -13.601 1.00 25.36 ? 5   GLU A CB  1 
ATOM   31  C CG  . GLU A 1 5  ? 10.603  -3.662  -14.618 1.00 29.63 ? 5   GLU A CG  1 
ATOM   32  C CD  . GLU A 1 5  ? 10.688  -2.144  -14.625 1.00 39.18 ? 5   GLU A CD  1 
ATOM   33  O OE1 . GLU A 1 5  ? 11.800  -1.611  -14.398 1.00 29.23 ? 5   GLU A OE1 1 
ATOM   34  O OE2 . GLU A 1 5  ? 9.631   -1.488  -14.783 1.00 31.71 ? 5   GLU A OE2 1 
HETATM 35  C C   . 6FL A 1 6  ? 7.668   -4.835  -8.438  1.00 24.02 ? 6   6FL A C   1 
HETATM 36  N N   . 6FL A 1 6  ? 8.638   -5.290  -10.661 1.00 24.22 ? 6   6FL A N   1 
HETATM 37  O O   . 6FL A 1 6  ? 6.647   -4.430  -7.897  1.00 21.82 ? 6   6FL A O   1 
HETATM 38  C CA  . 6FL A 1 6  ? 7.592   -5.694  -9.710  1.00 24.27 ? 6   6FL A CA  1 
HETATM 39  C CB  . 6FL A 1 6  ? 7.827   -7.152  -9.269  1.00 29.56 ? 6   6FL A CB  1 
HETATM 40  C CG  . 6FL A 1 6  ? 7.395   -8.181  -10.329 1.00 37.43 ? 6   6FL A CG  1 
HETATM 41  F FAC . 6FL A 1 6  ? 8.702   -9.575  -8.982  1.00 41.89 ? 6   6FL A FAC 1 
HETATM 42  F FAD . 6FL A 1 6  ? 6.602   -9.957  -9.065  1.00 42.36 ? 6   6FL A FAD 1 
HETATM 43  F FAE . 6FL A 1 6  ? 7.814   -10.459 -10.765 1.00 45.04 ? 6   6FL A FAE 1 
HETATM 44  F FAF . 6FL A 1 6  ? 5.103   -7.944  -9.741  1.00 43.78 ? 6   6FL A FAF 1 
HETATM 45  F FAG . 6FL A 1 6  ? 5.769   -6.962  -11.562 1.00 38.54 ? 6   6FL A FAG 1 
HETATM 46  F FAH . 6FL A 1 6  ? 5.567   -9.102  -11.470 1.00 42.91 ? 6   6FL A FAH 1 
HETATM 47  C CD1 . 6FL A 1 6  ? 7.641   -9.591  -9.781  1.00 40.73 ? 6   6FL A CD1 1 
HETATM 48  C CD2 . 6FL A 1 6  ? 5.923   -8.031  -10.782 1.00 40.52 ? 6   6FL A CD2 1 
ATOM   49  N N   . TYR A 1 7  ? 8.887   -4.580  -7.948  1.00 20.28 ? 7   TYR A N   1 
ATOM   50  C CA  . TYR A 1 7  ? 9.176   -3.787  -6.755  1.00 19.23 ? 7   TYR A CA  1 
ATOM   51  C C   . TYR A 1 7  ? 8.603   -2.387  -6.957  1.00 20.50 ? 7   TYR A C   1 
ATOM   52  O O   . TYR A 1 7  ? 7.815   -1.917  -6.141  1.00 19.74 ? 7   TYR A O   1 
ATOM   53  C CB  . TYR A 1 7  ? 10.697  -3.741  -6.524  1.00 21.29 ? 7   TYR A CB  1 
ATOM   54  C CG  . TYR A 1 7  ? 11.130  -3.131  -5.208  1.00 25.63 ? 7   TYR A CG  1 
ATOM   55  C CD1 . TYR A 1 7  ? 11.270  -3.915  -4.067  1.00 30.49 ? 7   TYR A CD1 1 
ATOM   56  C CD2 . TYR A 1 7  ? 11.418  -1.775  -5.106  1.00 26.33 ? 7   TYR A CD2 1 
ATOM   57  C CE1 . TYR A 1 7  ? 11.662  -3.356  -2.849  1.00 35.63 ? 7   TYR A CE1 1 
ATOM   58  C CE2 . TYR A 1 7  ? 11.878  -1.219  -3.910  1.00 28.90 ? 7   TYR A CE2 1 
ATOM   59  C CZ  . TYR A 1 7  ? 11.988  -2.011  -2.781  1.00 41.77 ? 7   TYR A CZ  1 
ATOM   60  O OH  . TYR A 1 7  ? 12.429  -1.472  -1.596  1.00 47.23 ? 7   TYR A OH  1 
ATOM   61  N N   . LYS A 1 8  ? 8.924   -1.767  -8.091  1.00 17.07 ? 8   LYS A N   1 
ATOM   62  C CA  . LYS A 1 8  ? 8.422   -0.442  -8.399  1.00 15.35 ? 8   LYS A CA  1 
ATOM   63  C C   . LYS A 1 8  ? 6.892   -0.403  -8.473  1.00 16.63 ? 8   LYS A C   1 
ATOM   64  O O   . LYS A 1 8  ? 6.302   0.488   -7.899  1.00 18.24 ? 8   LYS A O   1 
ATOM   65  C CB  . LYS A 1 8  ? 9.062   0.070   -9.687  1.00 15.59 ? 8   LYS A CB  1 
ATOM   66  C CG  . LYS A 1 8  ? 10.523  0.439   -9.572  1.00 20.50 ? 8   LYS A CG  1 
ATOM   67  C CD  . LYS A 1 8  ? 10.994  0.872   -10.931 1.00 28.69 ? 8   LYS A CD  1 
ATOM   68  C CE  . LYS A 1 8  ? 12.473  0.766   -11.105 1.00 31.62 ? 8   LYS A CE  1 
ATOM   69  N NZ  . LYS A 1 8  ? 12.816  0.884   -12.548 1.00 48.58 ? 8   LYS A NZ  1 
ATOM   70  N N   . GLU A 1 9  ? 6.233   -1.387  -9.082  1.00 14.60 ? 9   GLU A N   1 
ATOM   71  C CA  . GLU A 1 9  ? 4.760   -1.433  -9.152  1.00 15.73 ? 9   GLU A CA  1 
ATOM   72  C C   . GLU A 1 9  ? 4.119   -1.556  -7.767  1.00 16.71 ? 9   GLU A C   1 
ATOM   73  O O   . GLU A 1 9  ? 3.136   -0.874  -7.503  1.00 15.19 ? 9   GLU A O   1 
ATOM   74  C CB  . GLU A 1 9  ? 4.273   -2.542  -10.067 1.00 19.21 ? 9   GLU A CB  1 
ATOM   75  C CG  . GLU A 1 9  ? 2.977   -2.184  -10.771 1.00 33.03 ? 9   GLU A CG  1 
ATOM   76  C CD  . GLU A 1 9  ? 3.039   -1.113  -11.849 1.00 48.05 ? 9   GLU A CD  1 
ATOM   77  O OE1 . GLU A 1 9  ? 4.148   -0.740  -12.302 1.00 31.37 ? 9   GLU A OE1 1 
ATOM   78  O OE2 . GLU A 1 9  ? 1.950   -0.658  -12.262 1.00 45.15 ? 9   GLU A OE2 1 
HETATM 79  C C   . 6FL A 1 10 ? 4.361   -1.218  -4.745  1.00 16.32 ? 10  6FL A C   1 
HETATM 80  N N   . 6FL A 1 10 ? 4.711   -2.384  -6.872  1.00 14.72 ? 10  6FL A N   1 
HETATM 81  O O   . 6FL A 1 10 ? 3.458   -0.863  -3.992  1.00 18.07 ? 10  6FL A O   1 
HETATM 82  C CA  . 6FL A 1 10 ? 4.232   -2.540  -5.481  1.00 15.51 ? 10  6FL A CA  1 
HETATM 83  C CB  . 6FL A 1 10 ? 5.040   -3.596  -4.701  1.00 18.36 ? 10  6FL A CB  1 
HETATM 84  C CG  . 6FL A 1 10 ? 5.079   -4.997  -5.368  1.00 20.16 ? 10  6FL A CG  1 
HETATM 85  F FAC . 6FL A 1 10 ? 6.061   -7.161  -5.057  1.00 33.57 ? 10  6FL A FAC 1 
HETATM 86  F FAD . 6FL A 1 10 ? 7.137   -5.410  -4.339  1.00 31.30 ? 10  6FL A FAD 1 
HETATM 87  F FAE . 6FL A 1 10 ? 5.437   -6.078  -3.295  1.00 30.98 ? 10  6FL A FAE 1 
HETATM 88  F FAF . 6FL A 1 10 ? 3.079   -4.861  -6.683  1.00 26.96 ? 10  6FL A FAF 1 
HETATM 89  F FAG . 6FL A 1 10 ? 3.845   -6.826  -6.233  1.00 30.93 ? 10  6FL A FAG 1 
HETATM 90  F FAH . 6FL A 1 10 ? 2.960   -5.680  -4.638  1.00 34.91 ? 10  6FL A FAH 1 
HETATM 91  C CD1 . 6FL A 1 10 ? 5.938   -5.951  -4.503  1.00 29.17 ? 10  6FL A CD1 1 
HETATM 92  C CD2 . 6FL A 1 10 ? 3.705   -5.592  -5.748  1.00 28.54 ? 10  6FL A CD2 1 
ATOM   93  N N   . GLU A 1 11 ? 5.469   -0.487  -4.963  1.00 14.32 ? 11  GLU A N   1 
ATOM   94  C CA  . GLU A 1 11 ? 5.676   0.851   -4.386  1.00 14.47 ? 11  GLU A CA  1 
ATOM   95  C C   . GLU A 1 11 ? 4.590   1.820   -4.891  1.00 18.54 ? 11  GLU A C   1 
ATOM   96  O O   . GLU A 1 11 ? 4.019   2.505   -4.068  1.00 16.66 ? 11  GLU A O   1 
ATOM   97  C CB  . GLU A 1 11 ? 7.081   1.387   -4.699  1.00 16.53 ? 11  GLU A CB  1 
ATOM   98  C CG  . GLU A 1 11 ? 7.526   2.478   -3.723  1.00 29.33 ? 11  GLU A CG  1 
ATOM   99  C CD  . GLU A 1 11 ? 7.224   3.936   -4.019  1.00 45.83 ? 11  GLU A CD  1 
ATOM   100 O OE1 . GLU A 1 11 ? 6.589   4.229   -5.057  1.00 33.97 ? 11  GLU A OE1 1 
ATOM   101 O OE2 . GLU A 1 11 ? 7.650   4.796   -3.210  1.00 41.92 ? 11  GLU A OE2 1 
ATOM   102 N N   . ASP A 1 12 ? 4.250   1.811   -6.222  1.00 14.82 ? 12  ASP A N   1 
ATOM   103 C CA  . ASP A 1 12 ? 3.224   2.651   -6.823  1.00 15.89 ? 12  ASP A CA  1 
ATOM   104 C C   . ASP A 1 12 ? 1.872   2.367   -6.174  1.00 18.01 ? 12  ASP A C   1 
ATOM   105 O O   . ASP A 1 12 ? 1.146   3.313   -5.872  1.00 16.86 ? 12  ASP A O   1 
ATOM   106 C CB  . ASP A 1 12 ? 3.106   2.328   -8.326  1.00 17.75 ? 12  ASP A CB  1 
ATOM   107 C CG  . ASP A 1 12 ? 3.395   3.458   -9.276  1.00 30.08 ? 12  ASP A CG  1 
ATOM   108 O OD1 . ASP A 1 12 ? 3.174   4.642   -8.892  1.00 32.12 ? 12  ASP A OD1 1 
ATOM   109 O OD2 . ASP A 1 12 ? 3.824   3.173   -10.412 1.00 27.40 ? 12  ASP A OD2 1 
HETATM 110 C C   . 6FL A 1 13 ? 0.219   1.253   -3.948  1.00 16.36 ? 13  6FL A C   1 
HETATM 111 N N   . 6FL A 1 13 ? 1.507   1.078   -5.986  1.00 17.15 ? 13  6FL A N   1 
HETATM 112 O O   . 6FL A 1 13 ? -0.805  1.736   -3.499  1.00 15.32 ? 13  6FL A O   1 
HETATM 113 C CA  . 6FL A 1 13 ? 0.209   0.773   -5.400  1.00 16.95 ? 13  6FL A CA  1 
HETATM 114 C CB  . 6FL A 1 13 ? -0.122  -0.728  -5.367  1.00 19.77 ? 13  6FL A CB  1 
HETATM 115 C CG  . 6FL A 1 13 ? -0.039  -1.448  -6.732  1.00 24.77 ? 13  6FL A CG  1 
HETATM 116 F FAC . 6FL A 1 13 ? 0.648   -3.444  -5.681  1.00 26.15 ? 13  6FL A FAC 1 
HETATM 117 F FAD . 6FL A 1 13 ? -1.462  -3.174  -6.009  1.00 31.70 ? 13  6FL A FAD 1 
HETATM 118 F FAE . 6FL A 1 13 ? -0.123  -3.570  -7.665  1.00 27.62 ? 13  6FL A FAE 1 
HETATM 119 F FAF . 6FL A 1 13 ? -2.272  -1.301  -7.526  1.00 33.56 ? 13  6FL A FAF 1 
HETATM 120 F FAG . 6FL A 1 13 ? -0.983  0.378   -7.915  1.00 28.48 ? 13  6FL A FAG 1 
HETATM 121 F FAH . 6FL A 1 13 ? -0.741  -1.454  -8.999  1.00 28.29 ? 13  6FL A FAH 1 
HETATM 122 C CD1 . 6FL A 1 13 ? -0.251  -2.944  -6.519  1.00 27.78 ? 13  6FL A CD1 1 
HETATM 123 C CD2 . 6FL A 1 13 ? -1.032  -0.933  -7.809  1.00 29.65 ? 13  6FL A CD2 1 
ATOM   124 N N   . GLN A 1 14 ? 1.360   1.092   -3.211  1.00 13.93 ? 14  GLN A N   1 
ATOM   125 C CA  . GLN A 1 14 ? 1.472   1.529   -1.819  1.00 15.49 ? 14  GLN A CA  1 
ATOM   126 C C   . GLN A 1 14 ? 1.261   3.016   -1.702  1.00 15.39 ? 14  GLN A C   1 
ATOM   127 O O   . GLN A 1 14 ? 0.563   3.496   -0.814  1.00 13.51 ? 14  GLN A O   1 
ATOM   128 C CB  . GLN A 1 14 ? 2.868   1.169   -1.313  1.00 17.30 ? 14  GLN A CB  1 
ATOM   129 C CG  . GLN A 1 14 ? 2.954   0.983   0.198   1.00 23.84 ? 14  GLN A CG  1 
ATOM   130 C CD  . GLN A 1 14 ? 4.403   0.809   0.560   1.00 32.96 ? 14  GLN A CD  1 
ATOM   131 O OE1 . GLN A 1 14 ? 5.056   -0.151  0.141   1.00 29.66 ? 14  GLN A OE1 1 
ATOM   132 N NE2 . GLN A 1 14 ? 4.954   1.759   1.282   1.00 36.34 ? 14  GLN A NE2 1 
ATOM   133 N N   . GLU A 1 15 ? 1.798   3.747   -2.664  1.00 12.72 ? 15  GLU A N   1 
ATOM   134 C CA  . GLU A 1 15 ? 1.662   5.174   -2.718  1.00 13.67 ? 15  GLU A CA  1 
ATOM   135 C C   . GLU A 1 15 ? 0.253   5.589   -3.048  1.00 16.18 ? 15  GLU A C   1 
ATOM   136 O O   . GLU A 1 15 ? -0.194  6.603   -2.549  1.00 17.06 ? 15  GLU A O   1 
ATOM   137 C CB  . GLU A 1 15 ? 2.711   5.758   -3.647  1.00 16.63 ? 15  GLU A CB  1 
ATOM   138 C CG  . GLU A 1 15 ? 4.111   5.622   -3.056  1.00 23.16 ? 15  GLU A CG  1 
ATOM   139 C CD  . GLU A 1 15 ? 4.221   6.271   -1.690  1.00 36.48 ? 15  GLU A CD  1 
ATOM   140 O OE1 . GLU A 1 15 ? 3.947   7.484   -1.615  1.00 23.17 ? 15  GLU A OE1 1 
ATOM   141 O OE2 . GLU A 1 15 ? 4.405   5.546   -0.686  1.00 27.54 ? 15  GLU A OE2 1 
ATOM   142 N N   . ARG A 1 16 ? -0.503  4.805   -3.845  1.00 14.58 ? 16  ARG A N   1 
ATOM   143 C CA  . ARG A 1 16 ? -1.900  5.168   -4.078  1.00 15.53 ? 16  ARG A CA  1 
ATOM   144 C C   . ARG A 1 16 ? -2.756  4.993   -2.816  1.00 14.43 ? 16  ARG A C   1 
ATOM   145 O O   . ARG A 1 16 ? -3.610  5.826   -2.547  1.00 14.66 ? 16  ARG A O   1 
ATOM   146 C CB  . ARG A 1 16 ? -2.496  4.452   -5.301  1.00 15.03 ? 16  ARG A CB  1 
ATOM   147 C CG  . ARG A 1 16 ? -1.898  4.991   -6.577  1.00 23.06 ? 16  ARG A CG  1 
ATOM   148 C CD  . ARG A 1 16 ? -2.335  4.258   -7.795  1.00 21.68 ? 16  ARG A CD  1 
ATOM   149 N NE  . ARG A 1 16 ? -3.732  4.517   -8.127  1.00 20.68 ? 16  ARG A NE  1 
ATOM   150 C CZ  . ARG A 1 16 ? -4.324  4.029   -9.211  1.00 29.81 ? 16  ARG A CZ  1 
ATOM   151 N NH1 . ARG A 1 16 ? -3.648  3.262   -10.059 1.00 25.68 ? 16  ARG A NH1 1 
ATOM   152 N NH2 . ARG A 1 16 ? -5.597  4.292   -9.452  1.00 30.66 ? 16  ARG A NH2 1 
ATOM   153 N N   . LEU A 1 17 ? -2.541  3.908   -2.062  1.00 13.63 ? 17  LEU A N   1 
ATOM   154 C CA  . LEU A 1 17 ? -3.240  3.698   -0.797  1.00 13.13 ? 17  LEU A CA  1 
ATOM   155 C C   . LEU A 1 17 ? -2.869  4.815   0.180   1.00 12.45 ? 17  LEU A C   1 
ATOM   156 O O   . LEU A 1 17 ? -3.694  5.205   1.014   1.00 14.41 ? 17  LEU A O   1 
ATOM   157 C CB  . LEU A 1 17 ? -2.801  2.356   -0.206  1.00 13.19 ? 17  LEU A CB  1 
ATOM   158 C CG  . LEU A 1 17 ? -3.384  1.102   -0.867  1.00 17.63 ? 17  LEU A CG  1 
ATOM   159 C CD1 . LEU A 1 17 ? -2.606  -0.092  -0.499  1.00 18.82 ? 17  LEU A CD1 1 
ATOM   160 C CD2 . LEU A 1 17 ? -4.839  0.874   -0.433  1.00 20.61 ? 17  LEU A CD2 1 
ATOM   161 N N   . ARG A 1 18 ? -1.619  5.284   0.170   1.00 14.53 ? 18  ARG A N   1 
ATOM   162 C CA  . ARG A 1 18 ? -1.182  6.377   1.057   1.00 15.57 ? 18  ARG A CA  1 
ATOM   163 C C   . ARG A 1 18 ? -2.025  7.626   0.744   1.00 16.35 ? 18  ARG A C   1 
ATOM   164 O O   . ARG A 1 18 ? -2.549  8.278   1.663   1.00 18.25 ? 18  ARG A O   1 
ATOM   165 C CB  . ARG A 1 18 ? 0.321   6.643   0.887   1.00 18.75 ? 18  ARG A CB  1 
ATOM   166 C CG  . ARG A 1 18 ? 0.936   7.568   1.924   1.00 20.71 ? 18  ARG A CG  1 
ATOM   167 C CD  . ARG A 1 18 ? 2.413   7.840   1.628   1.00 25.03 ? 18  ARG A CD  1 
ATOM   168 N NE  . ARG A 1 18 ? 2.820   9.226   1.908   1.00 19.35 ? 18  ARG A NE  1 
ATOM   169 C CZ  . ARG A 1 18 ? 3.267   9.649   3.078   1.00 49.36 ? 18  ARG A CZ  1 
ATOM   170 N NH1 . ARG A 1 18 ? 3.374   8.807   4.099   1.00 37.16 ? 18  ARG A NH1 1 
ATOM   171 N NH2 . ARG A 1 18 ? 3.629   10.914  3.236   1.00 45.87 ? 18  ARG A NH2 1 
ATOM   172 N N   . LYS A 1 19 ? -2.228  7.903   -0.555  1.00 16.14 ? 19  LYS A N   1 
ATOM   173 C CA  . LYS A 1 19 ? -3.030  9.031   -0.983  1.00 18.44 ? 19  LYS A CA  1 
ATOM   174 C C   . LYS A 1 19 ? -4.525  8.869   -0.692  1.00 21.69 ? 19  LYS A C   1 
ATOM   175 O O   . LYS A 1 19 ? -5.120  9.796   -0.185  1.00 22.76 ? 19  LYS A O   1 
ATOM   176 C CB  . LYS A 1 19 ? -2.719  9.440   -2.429  1.00 23.02 ? 19  LYS A CB  1 
ATOM   177 C CG  . LYS A 1 19 ? -1.253  9.838   -2.698  1.00 31.11 ? 19  LYS A CG  1 
ATOM   178 C CD  . LYS A 1 19 ? -0.669  10.795  -1.642  1.00 30.54 ? 19  LYS A CD  1 
ATOM   179 C CE  . LYS A 1 19 ? 0.818   10.647  -1.511  1.00 30.74 ? 19  LYS A CE  1 
ATOM   180 N NZ  . LYS A 1 19 ? 1.313   11.211  -0.238  1.00 25.80 ? 19  LYS A NZ  1 
ATOM   181 N N   . LEU A 1 20 ? -5.101  7.678   -0.916  1.00 16.57 ? 20  LEU A N   1 
ATOM   182 C CA  . LEU A 1 20 ? -6.502  7.356   -0.627  1.00 20.55 ? 20  LEU A CA  1 
ATOM   183 C C   . LEU A 1 20 ? -6.822  7.566   0.830   1.00 23.91 ? 20  LEU A C   1 
ATOM   184 O O   . LEU A 1 20 ? -7.945  7.964   1.143   1.00 25.36 ? 20  LEU A O   1 
ATOM   185 C CB  . LEU A 1 20 ? -6.774  5.870   -0.876  1.00 22.02 ? 20  LEU A CB  1 
ATOM   186 C CG  . LEU A 1 20 ? -7.375  5.400   -2.178  1.00 28.72 ? 20  LEU A CG  1 
ATOM   187 C CD1 . LEU A 1 20 ? -7.629  3.923   -2.099  1.00 27.80 ? 20  LEU A CD1 1 
ATOM   188 C CD2 . LEU A 1 20 ? -8.686  6.103   -2.483  1.00 33.51 ? 20  LEU A CD2 1 
ATOM   189 N N   . ARG A 1 21 ? -5.863  7.246   1.741   1.00 16.04 ? 21  ARG A N   1 
ATOM   190 C CA  . ARG A 1 21 ? -6.122  7.381   3.168   1.00 17.56 ? 21  ARG A CA  1 
ATOM   191 C C   . ARG A 1 21 ? -6.303  8.852   3.482   1.00 22.93 ? 21  ARG A C   1 
ATOM   192 O O   . ARG A 1 21 ? -7.245  9.207   4.213   1.00 24.47 ? 21  ARG A O   1 
ATOM   193 C CB  . ARG A 1 21 ? -4.936  6.834   3.984   1.00 16.65 ? 21  ARG A CB  1 
ATOM   194 C CG  . ARG A 1 21 ? -4.922  5.327   4.150   1.00 24.67 ? 21  ARG A CG  1 
ATOM   195 C CD  . ARG A 1 21 ? -3.592  4.904   4.770   1.00 20.42 ? 21  ARG A CD  1 
ATOM   196 N NE  . ARG A 1 21 ? -3.433  5.527   6.088   1.00 30.97 ? 21  ARG A NE  1 
ATOM   197 C CZ  . ARG A 1 21 ? -2.287  5.957   6.602   1.00 42.33 ? 21  ARG A CZ  1 
ATOM   198 N NH1 . ARG A 1 21 ? -2.266  6.530   7.795   1.00 31.14 ? 21  ARG A NH1 1 
ATOM   199 N NH2 . ARG A 1 21 ? -1.153  5.803   5.935   1.00 28.90 ? 21  ARG A NH2 1 
ATOM   200 N N   . LYS A 1 22 ? -5.459  9.726   2.854   1.00 18.95 ? 22  LYS A N   1 
ATOM   201 C CA  . LYS A 1 22 ? -5.565  11.190  3.041   1.00 22.01 ? 22  LYS A CA  1 
ATOM   202 C C   . LYS A 1 22 ? -6.877  11.699  2.508   1.00 28.78 ? 22  LYS A C   1 
ATOM   203 O O   . LYS A 1 22 ? -7.481  12.549  3.141   1.00 31.61 ? 22  LYS A O   1 
ATOM   204 C CB  . LYS A 1 22 ? -4.440  11.924  2.305   1.00 23.53 ? 22  LYS A CB  1 
ATOM   205 C CG  . LYS A 1 22 ? -3.023  11.648  2.782   1.00 23.40 ? 22  LYS A CG  1 
ATOM   206 C CD  . LYS A 1 22 ? -2.045  12.429  1.911   1.00 32.79 ? 22  LYS A CD  1 
ATOM   207 C CE  . LYS A 1 22 ? -0.809  12.885  2.656   1.00 38.27 ? 22  LYS A CE  1 
ATOM   208 N NZ  . LYS A 1 22 ? 0.248   11.839  2.676   1.00 45.80 ? 22  LYS A NZ  1 
ATOM   209 N N   . LYS A 1 23 ? -7.311  11.201  1.338   1.00 24.30 ? 23  LYS A N   1 
ATOM   210 C CA  . LYS A 1 23 ? -8.583  11.612  0.704   1.00 25.77 ? 23  LYS A CA  1 
ATOM   211 C C   . LYS A 1 23 ? -9.796  11.195  1.534   1.00 30.81 ? 23  LYS A C   1 
ATOM   212 O O   . LYS A 1 23 ? -10.757 11.963  1.635   1.00 32.37 ? 23  LYS A O   1 
ATOM   213 C CB  . LYS A 1 23 ? -8.679  11.060  -0.712  1.00 27.49 ? 23  LYS A CB  1 
ATOM   214 N N   . LEU A 1 24 ? -9.756  9.979   2.124   1.00 28.80 ? 24  LEU A N   1 
ATOM   215 C CA  . LEU A 1 24 ? -10.799 9.462   3.000   1.00 29.48 ? 24  LEU A CA  1 
ATOM   216 C C   . LEU A 1 24 ? -10.914 10.382  4.212   1.00 35.56 ? 24  LEU A C   1 
ATOM   217 O O   . LEU A 1 24 ? -11.907 11.095  4.291   1.00 38.16 ? 24  LEU A O   1 
ATOM   218 C CB  . LEU A 1 24 ? -10.516 8.001   3.403   1.00 28.25 ? 24  LEU A CB  1 
ATOM   219 C CG  . LEU A 1 24 ? -11.718 7.170   3.893   1.00 34.11 ? 24  LEU A CG  1 
ATOM   220 C CD1 . LEU A 1 24 ? -12.800 7.087   2.846   1.00 35.26 ? 24  LEU A CD1 1 
ATOM   221 C CD2 . LEU A 1 24 ? -11.285 5.788   4.252   1.00 35.57 ? 24  LEU A CD2 1 
ATOM   222 N N   . ARG A 1 25 ? -9.857  10.452  5.078   1.00 29.88 ? 25  ARG A N   1 
ATOM   223 C CA  . ARG A 1 25 ? -9.781  11.288  6.289   1.00 35.35 ? 25  ARG A CA  1 
ATOM   224 C C   . ARG A 1 25 ? -10.105 12.782  6.049   1.00 70.51 ? 25  ARG A C   1 
ATOM   225 O O   . ARG A 1 25 ? -9.807  13.341  4.993   1.00 39.60 ? 25  ARG A O   1 
ATOM   226 C CB  . ARG A 1 25 ? -8.408  11.120  6.961   1.00 34.19 ? 25  ARG A CB  1 
ATOM   227 C CG  . ARG A 1 25 ? -8.266  11.817  8.333   1.00 40.15 ? 25  ARG A CG  1 
ATOM   228 C CD  . ARG A 1 25 ? -6.833  11.822  8.840   1.00 46.35 ? 25  ARG A CD  1 
ATOM   229 N NE  . ARG A 1 25 ? -5.874  12.194  7.795   1.00 56.86 ? 25  ARG A NE  1 
ATOM   230 C CZ  . ARG A 1 25 ? -5.447  13.433  7.561   1.00 74.45 ? 25  ARG A CZ  1 
ATOM   231 N NH1 . ARG A 1 25 ? -5.863  14.441  8.319   1.00 68.39 ? 25  ARG A NH1 1 
ATOM   232 N NH2 . ARG A 1 25 ? -4.579  13.668  6.584   1.00 57.26 ? 25  ARG A NH2 1 
ATOM   233 N N   . GLY B 1 1  ? -18.258 4.032   11.889  1.00 42.94 ? 1   GLY B N   1 
ATOM   234 C CA  . GLY B 1 1  ? -19.246 3.242   11.166  1.00 43.18 ? 1   GLY B CA  1 
ATOM   235 C C   . GLY B 1 1  ? -18.641 2.412   10.058  1.00 45.48 ? 1   GLY B C   1 
ATOM   236 O O   . GLY B 1 1  ? -18.662 1.178   10.127  1.00 45.55 ? 1   GLY B O   1 
ATOM   237 N N   . ASN B 1 2  ? -18.072 3.096   9.040   1.00 38.62 ? 2   ASN B N   1 
ATOM   238 C CA  . ASN B 1 2  ? -17.412 2.493   7.887   1.00 36.26 ? 2   ASN B CA  1 
ATOM   239 C C   . ASN B 1 2  ? -16.295 3.394   7.312   1.00 38.33 ? 2   ASN B C   1 
ATOM   240 O O   . ASN B 1 2  ? -15.548 2.958   6.429   1.00 36.02 ? 2   ASN B O   1 
ATOM   241 C CB  . ASN B 1 2  ? -18.421 2.092   6.823   1.00 38.39 ? 2   ASN B CB  1 
ATOM   242 C CG  . ASN B 1 2  ? -18.173 0.733   6.217   1.00 52.59 ? 2   ASN B CG  1 
ATOM   243 O OD1 . ASN B 1 2  ? -17.316 0.570   5.343   1.00 43.81 ? 2   ASN B OD1 1 
ATOM   244 N ND2 . ASN B 1 2  ? -18.949 -0.270  6.636   1.00 40.38 ? 2   ASN B ND2 1 
ATOM   245 N N   . ALA B 1 3  ? -16.166 4.626   7.834   1.00 34.75 ? 3   ALA B N   1 
ATOM   246 C CA  . ALA B 1 3  ? -15.136 5.583   7.440   1.00 34.79 ? 3   ALA B CA  1 
ATOM   247 C C   . ALA B 1 3  ? -13.813 5.136   8.075   1.00 32.39 ? 3   ALA B C   1 
ATOM   248 O O   . ALA B 1 3  ? -12.781 5.037   7.385   1.00 30.67 ? 3   ALA B O   1 
ATOM   249 C CB  . ALA B 1 3  ? -15.508 6.971   7.930   1.00 38.92 ? 3   ALA B CB  1 
ATOM   250 N N   . ASP B 1 4  ? -13.863 4.826   9.385   1.00 27.50 ? 4   ASP B N   1 
ATOM   251 C CA  . ASP B 1 4  ? -12.713 4.348   10.155  1.00 24.12 ? 4   ASP B CA  1 
ATOM   252 C C   . ASP B 1 4  ? -12.310 2.917   9.834   1.00 26.37 ? 4   ASP B C   1 
ATOM   253 O O   . ASP B 1 4  ? -11.130 2.612   9.835   1.00 24.27 ? 4   ASP B O   1 
ATOM   254 C CB  . ASP B 1 4  ? -12.905 4.554   11.664  1.00 27.16 ? 4   ASP B CB  1 
ATOM   255 C CG  . ASP B 1 4  ? -14.062 3.826   12.337  1.00 38.61 ? 4   ASP B CG  1 
ATOM   256 O OD1 . ASP B 1 4  ? -14.876 3.198   11.621  1.00 38.68 ? 4   ASP B OD1 1 
ATOM   257 O OD2 . ASP B 1 4  ? -14.181 3.928   13.575  1.00 46.76 ? 4   ASP B OD2 1 
ATOM   258 N N   . GLU B 1 5  ? -13.295 2.059   9.550   1.00 21.79 ? 5   GLU B N   1 
ATOM   259 C CA  . GLU B 1 5  ? -13.162 0.651   9.200   1.00 20.97 ? 5   GLU B CA  1 
ATOM   260 C C   . GLU B 1 5  ? -12.377 0.563   7.899   1.00 25.19 ? 5   GLU B C   1 
ATOM   261 O O   . GLU B 1 5  ? -11.381 -0.159  7.815   1.00 23.57 ? 5   GLU B O   1 
ATOM   262 C CB  . GLU B 1 5  ? -14.576 0.073   9.022   1.00 23.43 ? 5   GLU B CB  1 
ATOM   263 C CG  . GLU B 1 5  ? -14.641 -1.437  9.107   1.00 35.95 ? 5   GLU B CG  1 
ATOM   264 C CD  . GLU B 1 5  ? -16.031 -2.015  8.942   1.00 50.91 ? 5   GLU B CD  1 
ATOM   265 O OE1 . GLU B 1 5  ? -16.993 -1.442  9.505   1.00 42.94 ? 5   GLU B OE1 1 
ATOM   266 O OE2 . GLU B 1 5  ? -16.152 -3.069  8.276   1.00 40.91 ? 5   GLU B OE2 1 
HETATM 267 C C   . 6FL B 1 6  ? -10.720 1.983   5.726   1.00 21.44 ? 6   6FL B C   1 
HETATM 268 N N   . 6FL B 1 6  ? -12.797 1.353   6.907   1.00 23.88 ? 6   6FL B N   1 
HETATM 269 O O   . 6FL B 1 6  ? -9.824  1.351   5.213   1.00 18.85 ? 6   6FL B O   1 
HETATM 270 C CA  . 6FL B 1 6  ? -12.130 1.453   5.619   1.00 23.59 ? 6   6FL B CA  1 
HETATM 271 C CB  . 6FL B 1 6  ? -12.919 2.316   4.674   1.00 33.37 ? 6   6FL B CB  1 
HETATM 272 C CG  . 6FL B 1 6  ? -12.956 1.476   3.414   1.00 41.98 ? 6   6FL B CG  1 
HETATM 273 F FAC . 6FL B 1 6  ? -15.250 1.394   3.523   1.00 50.59 ? 6   6FL B FAC 1 
HETATM 274 F FAD . 6FL B 1 6  ? -14.280 -0.028  2.201   1.00 45.11 ? 6   6FL B FAD 1 
HETATM 275 F FAE . 6FL B 1 6  ? -14.150 -0.314  4.372   1.00 39.10 ? 6   6FL B FAE 1 
HETATM 276 F FAF . 6FL B 1 6  ? -12.157 1.645   1.274   1.00 50.05 ? 6   6FL B FAF 1 
HETATM 277 F FAG . 6FL B 1 6  ? -13.954 2.764   1.733   1.00 55.39 ? 6   6FL B FAG 1 
HETATM 278 F FAH . 6FL B 1 6  ? -12.021 3.372   2.512   1.00 52.04 ? 6   6FL B FAH 1 
HETATM 279 C CD1 . 6FL B 1 6  ? -14.204 0.597   3.377   1.00 44.54 ? 6   6FL B CD1 1 
HETATM 280 C CD2 . 6FL B 1 6  ? -12.782 2.343   2.187   1.00 49.24 ? 6   6FL B CD2 1 
ATOM   281 N N   . TYR B 1 7  ? -10.515 3.100   6.450   1.00 20.12 ? 7   TYR B N   1 
ATOM   282 C CA  . TYR B 1 7  ? -9.218  3.706   6.682   1.00 20.03 ? 7   TYR B CA  1 
ATOM   283 C C   . TYR B 1 7  ? -8.237  2.662   7.227   1.00 21.44 ? 7   TYR B C   1 
ATOM   284 O O   . TYR B 1 7  ? -7.110  2.553   6.734   1.00 20.84 ? 7   TYR B O   1 
ATOM   285 C CB  . TYR B 1 7  ? -9.369  4.894   7.659   1.00 23.45 ? 7   TYR B CB  1 
ATOM   286 C CG  . TYR B 1 7  ? -8.100  5.722   7.772   1.00 26.07 ? 7   TYR B CG  1 
ATOM   287 C CD1 . TYR B 1 7  ? -7.978  6.939   7.110   1.00 29.97 ? 7   TYR B CD1 1 
ATOM   288 C CD2 . TYR B 1 7  ? -7.013  5.269   8.511   1.00 26.23 ? 7   TYR B CD2 1 
ATOM   289 C CE1 . TYR B 1 7  ? -6.793  7.675   7.169   1.00 29.79 ? 7   TYR B CE1 1 
ATOM   290 C CE2 . TYR B 1 7  ? -5.813  5.977   8.543   1.00 28.52 ? 7   TYR B CE2 1 
ATOM   291 C CZ  . TYR B 1 7  ? -5.726  7.207   7.919   1.00 33.52 ? 7   TYR B CZ  1 
ATOM   292 O OH  . TYR B 1 7  ? -4.552  7.916   8.003   1.00 32.28 ? 7   TYR B OH  1 
ATOM   293 N N   . LYS B 1 8  ? -8.663  1.926   8.260   1.00 17.49 ? 8   LYS B N   1 
ATOM   294 C CA  . LYS B 1 8  ? -7.886  0.865   8.887   1.00 16.30 ? 8   LYS B CA  1 
ATOM   295 C C   . LYS B 1 8  ? -7.514  -0.245  7.902   1.00 17.89 ? 8   LYS B C   1 
ATOM   296 O O   . LYS B 1 8  ? -6.364  -0.688  7.875   1.00 17.11 ? 8   LYS B O   1 
ATOM   297 C CB  . LYS B 1 8  ? -8.671  0.336   10.091  1.00 18.48 ? 8   LYS B CB  1 
ATOM   298 C CG  . LYS B 1 8  ? -7.904  -0.636  10.971  1.00 33.36 ? 8   LYS B CG  1 
ATOM   299 C CD  . LYS B 1 8  ? -8.470  -0.707  12.372  1.00 45.46 ? 8   LYS B CD  1 
ATOM   300 C CE  . LYS B 1 8  ? -7.692  -1.714  13.185  1.00 58.55 ? 8   LYS B CE  1 
ATOM   301 N NZ  . LYS B 1 8  ? -8.321  -1.976  14.507  1.00 67.88 ? 8   LYS B NZ  1 
ATOM   302 N N   . GLU B 1 9  ? -8.449  -0.620  7.042   1.00 14.59 ? 9   GLU B N   1 
ATOM   303 C CA  . GLU B 1 9  ? -8.212  -1.634  6.030   1.00 12.70 ? 9   GLU B CA  1 
ATOM   304 C C   . GLU B 1 9  ? -7.225  -1.139  4.984   1.00 15.06 ? 9   GLU B C   1 
ATOM   305 O O   . GLU B 1 9  ? -6.400  -1.919  4.485   1.00 17.99 ? 9   GLU B O   1 
ATOM   306 C CB  . GLU B 1 9  ? -9.562  -1.968  5.382   1.00 15.23 ? 9   GLU B CB  1 
ATOM   307 C CG  . GLU B 1 9  ? -9.538  -3.085  4.343   1.00 25.19 ? 9   GLU B CG  1 
ATOM   308 C CD  . GLU B 1 9  ? -8.968  -4.439  4.721   1.00 48.42 ? 9   GLU B CD  1 
ATOM   309 O OE1 . GLU B 1 9  ? -7.785  -4.493  5.126   1.00 58.03 ? 9   GLU B OE1 1 
ATOM   310 O OE2 . GLU B 1 9  ? -9.649  -5.457  4.466   1.00 32.38 ? 9   GLU B OE2 1 
HETATM 311 C C   . 6FL B 1 10 ? -4.933  0.722   4.228   1.00 17.34 ? 10  6FL B C   1 
HETATM 312 N N   . 6FL B 1 10 ? -7.277  0.147   4.658   1.00 16.25 ? 10  6FL B N   1 
HETATM 313 O O   . 6FL B 1 10 ? -4.013  0.273   3.552   1.00 16.81 ? 10  6FL B O   1 
HETATM 314 C CA  . 6FL B 1 10 ? -6.351  0.732   3.682   1.00 16.92 ? 10  6FL B CA  1 
HETATM 315 C CB  . 6FL B 1 10 ? -6.766  2.181   3.368   1.00 16.63 ? 10  6FL B CB  1 
HETATM 316 C CG  . 6FL B 1 10 ? -8.166  2.276   2.732   1.00 20.54 ? 10  6FL B CG  1 
HETATM 317 F FAC . 6FL B 1 10 ? -9.606  3.910   1.762   1.00 24.71 ? 10  6FL B FAC 1 
HETATM 318 F FAD . 6FL B 1 10 ? -8.216  4.499   3.259   1.00 25.87 ? 10  6FL B FAD 1 
HETATM 319 F FAE . 6FL B 1 10 ? -7.489  3.994   1.273   1.00 28.00 ? 10  6FL B FAE 1 
HETATM 320 F FAF . 6FL B 1 10 ? -8.394  -0.019  2.017   1.00 23.98 ? 10  6FL B FAF 1 
HETATM 321 F FAG . 6FL B 1 10 ? -9.583  1.486   1.107   1.00 26.86 ? 10  6FL B FAG 1 
HETATM 322 F FAH . 6FL B 1 10 ? -7.461  1.482   0.632   1.00 25.90 ? 10  6FL B FAH 1 
HETATM 323 C CD1 . 6FL B 1 10 ? -8.376  3.700   2.224   1.00 23.95 ? 10  6FL B CD1 1 
HETATM 324 C CD2 . 6FL B 1 10 ? -8.379  1.259   1.585   1.00 23.82 ? 10  6FL B CD2 1 
ATOM   325 N N   . GLU B 1 11 ? -4.754  1.175   5.457   1.00 15.06 ? 11  GLU B N   1 
ATOM   326 C CA  . GLU B 1 11 ? -3.421  1.182   6.037   1.00 15.80 ? 11  GLU B CA  1 
ATOM   327 C C   . GLU B 1 11 ? -2.895  -0.259  6.270   1.00 18.55 ? 11  GLU B C   1 
ATOM   328 O O   . GLU B 1 11 ? -1.722  -0.469  6.103   1.00 15.21 ? 11  GLU B O   1 
ATOM   329 C CB  . GLU B 1 11 ? -3.409  2.046   7.276   1.00 17.94 ? 11  GLU B CB  1 
ATOM   330 C CG  . GLU B 1 11 ? -2.009  2.452   7.645   1.00 21.64 ? 11  GLU B CG  1 
ATOM   331 C CD  . GLU B 1 11 ? -1.948  3.395   8.824   1.00 26.81 ? 11  GLU B CD  1 
ATOM   332 O OE1 . GLU B 1 11 ? -3.025  3.786   9.333   1.00 29.08 ? 11  GLU B OE1 1 
ATOM   333 O OE2 . GLU B 1 11 ? -0.816  3.718   9.253   1.00 31.02 ? 11  GLU B OE2 1 
ATOM   334 N N   . ASP B 1 12 ? -3.773  -1.275  6.493   1.00 14.11 ? 12  ASP B N   1 
ATOM   335 C CA  . ASP B 1 12 ? -3.289  -2.660  6.616   1.00 16.11 ? 12  ASP B CA  1 
ATOM   336 C C   . ASP B 1 12 ? -2.749  -3.129  5.262   1.00 16.41 ? 12  ASP B C   1 
ATOM   337 O O   . ASP B 1 12 ? -1.679  -3.738  5.207   1.00 15.25 ? 12  ASP B O   1 
ATOM   338 C CB  . ASP B 1 12 ? -4.365  -3.596  7.186   1.00 17.85 ? 12  ASP B CB  1 
ATOM   339 C CG  . ASP B 1 12 ? -3.890  -5.025  7.433   1.00 26.87 ? 12  ASP B CG  1 
ATOM   340 O OD1 . ASP B 1 12 ? -3.175  -5.252  8.425   1.00 30.09 ? 12  ASP B OD1 1 
ATOM   341 O OD2 . ASP B 1 12 ? -4.226  -5.908  6.628   1.00 30.54 ? 12  ASP B OD2 1 
HETATM 342 C C   . 6FL B 1 13 ? -1.623  -2.380  2.513   1.00 15.36 ? 13  6FL B C   1 
HETATM 343 N N   . 6FL B 1 13 ? -3.405  -2.736  4.153   1.00 14.33 ? 13  6FL B N   1 
HETATM 344 O O   . 6FL B 1 13 ? -0.804  -2.936  1.823   1.00 15.60 ? 13  6FL B O   1 
HETATM 345 C CA  . 6FL B 1 13 ? -2.943  -3.117  2.828   1.00 14.03 ? 13  6FL B CA  1 
HETATM 346 C CB  . 6FL B 1 13 ? -4.002  -2.733  1.758   1.00 16.07 ? 13  6FL B CB  1 
HETATM 347 C CG  . 6FL B 1 13 ? -5.388  -3.413  1.849   1.00 19.37 ? 13  6FL B CG  1 
HETATM 348 F FAC . 6FL B 1 13 ? -6.274  -1.510  0.879   1.00 23.94 ? 13  6FL B FAC 1 
HETATM 349 F FAD . 6FL B 1 13 ? -5.794  -3.070  -0.526  1.00 23.48 ? 13  6FL B FAD 1 
HETATM 350 F FAE . 6FL B 1 13 ? -7.464  -3.325  0.811   1.00 25.53 ? 13  6FL B FAE 1 
HETATM 351 F FAF . 6FL B 1 13 ? -4.883  -5.217  0.509   1.00 27.21 ? 13  6FL B FAF 1 
HETATM 352 F FAG . 6FL B 1 13 ? -4.562  -5.491  2.638   1.00 24.46 ? 13  6FL B FAG 1 
HETATM 353 F FAH . 6FL B 1 13 ? -6.568  -5.449  1.817   1.00 27.95 ? 13  6FL B FAH 1 
HETATM 354 C CD1 . 6FL B 1 13 ? -6.244  -2.831  0.724   1.00 23.88 ? 13  6FL B CD1 1 
HETATM 355 C CD2 . 6FL B 1 13 ? -5.336  -4.941  1.712   1.00 27.22 ? 13  6FL B CD2 1 
ATOM   356 N N   . GLN B 1 14 ? -1.453  -1.118  2.970   1.00 14.30 ? 14  GLN B N   1 
ATOM   357 C CA  . GLN B 1 14 ? -0.261  -0.347  2.669   1.00 15.22 ? 14  GLN B CA  1 
ATOM   358 C C   . GLN B 1 14 ? 0.894   -1.029  3.340   1.00 16.40 ? 14  GLN B C   1 
ATOM   359 O O   . GLN B 1 14 ? 1.975   -1.131  2.747   1.00 16.01 ? 14  GLN B O   1 
ATOM   360 C CB  . GLN B 1 14 ? -0.434  1.025   3.294   1.00 16.39 ? 14  GLN B CB  1 
ATOM   361 C CG  . GLN B 1 14 ? 0.303   2.133   2.573   1.00 23.43 ? 14  GLN B CG  1 
ATOM   362 C CD  . GLN B 1 14 ? 0.183   3.414   3.336   1.00 22.79 ? 14  GLN B CD  1 
ATOM   363 O OE1 . GLN B 1 14 ? -0.874  3.771   3.844   1.00 23.08 ? 14  GLN B OE1 1 
ATOM   364 N NE2 . GLN B 1 14 ? 1.266   4.151   3.376   1.00 27.62 ? 14  GLN B NE2 1 
ATOM   365 N N   . GLU B 1 15 ? 0.647   -1.507  4.583   1.00 16.54 ? 15  GLU B N   1 
ATOM   366 C CA  . GLU B 1 15 ? 1.655   -2.130  5.433   1.00 16.81 ? 15  GLU B CA  1 
ATOM   367 C C   . GLU B 1 15 ? 1.996   -3.516  4.890   1.00 19.68 ? 15  GLU B C   1 
ATOM   368 O O   . GLU B 1 15 ? 3.164   -3.865  4.892   1.00 19.27 ? 15  GLU B O   1 
ATOM   369 C CB  . GLU B 1 15 ? 1.173   -2.171  6.881   1.00 18.80 ? 15  GLU B CB  1 
ATOM   370 C CG  . GLU B 1 15 ? 2.150   -2.745  7.901   1.00 33.65 ? 15  GLU B CG  1 
ATOM   371 C CD  . GLU B 1 15 ? 3.424   -1.965  8.206   1.00 43.22 ? 15  GLU B CD  1 
ATOM   372 O OE1 . GLU B 1 15 ? 3.501   -0.762  7.863   1.00 29.61 ? 15  GLU B OE1 1 
ATOM   373 O OE2 . GLU B 1 15 ? 4.343   -2.564  8.809   1.00 38.87 ? 15  GLU B OE2 1 
ATOM   374 N N   . ARG B 1 16 ? 1.008   -4.245  4.315   1.00 16.09 ? 16  ARG B N   1 
ATOM   375 C CA  . ARG B 1 16 ? 1.309   -5.566  3.726   1.00 16.49 ? 16  ARG B CA  1 
ATOM   376 C C   . ARG B 1 16 ? 2.217   -5.426  2.514   1.00 18.70 ? 16  ARG B C   1 
ATOM   377 O O   . ARG B 1 16 ? 3.162   -6.209  2.347   1.00 20.15 ? 16  ARG B O   1 
ATOM   378 C CB  . ARG B 1 16 ? 0.043   -6.338  3.413   1.00 15.65 ? 16  ARG B CB  1 
ATOM   379 C CG  . ARG B 1 16 ? -0.634  -6.811  4.688   1.00 18.42 ? 16  ARG B CG  1 
ATOM   380 C CD  . ARG B 1 16 ? -1.947  -7.497  4.425   1.00 19.08 ? 16  ARG B CD  1 
ATOM   381 N NE  . ARG B 1 16 ? -1.739  -8.896  4.071   1.00 38.09 ? 16  ARG B NE  1 
ATOM   382 C CZ  . ARG B 1 16 ? -1.578  -9.872  4.958   1.00 55.31 ? 16  ARG B CZ  1 
ATOM   383 N NH1 . ARG B 1 16 ? -1.608  -9.609  6.260   1.00 40.93 ? 16  ARG B NH1 1 
ATOM   384 N NH2 . ARG B 1 16 ? -1.369  -11.115 4.550   1.00 49.45 ? 16  ARG B NH2 1 
ATOM   385 N N   . LEU B 1 17 ? 2.009   -4.376  1.730   1.00 16.06 ? 17  LEU B N   1 
ATOM   386 C CA  . LEU B 1 17 ? 2.862   -4.107  0.565   1.00 15.75 ? 17  LEU B CA  1 
ATOM   387 C C   . LEU B 1 17 ? 4.289   -3.712  0.975   1.00 20.43 ? 17  LEU B C   1 
ATOM   388 O O   . LEU B 1 17 ? 5.244   -4.179  0.366   1.00 17.66 ? 17  LEU B O   1 
ATOM   389 C CB  . LEU B 1 17 ? 2.203   -3.079  -0.381  1.00 16.26 ? 17  LEU B CB  1 
ATOM   390 C CG  . LEU B 1 17 ? 0.954   -3.575  -1.114  1.00 20.86 ? 17  LEU B CG  1 
ATOM   391 C CD1 . LEU B 1 17 ? 0.061   -2.420  -1.531  1.00 19.03 ? 17  LEU B CD1 1 
ATOM   392 C CD2 . LEU B 1 17 ? 1.316   -4.441  -2.297  1.00 27.20 ? 17  LEU B CD2 1 
ATOM   393 N N   . ARG B 1 18 ? 4.432   -2.873  2.030   1.00 18.53 ? 18  ARG B N   1 
ATOM   394 C CA  . ARG B 1 18 ? 5.722   -2.465  2.604   1.00 20.85 ? 18  ARG B CA  1 
ATOM   395 C C   . ARG B 1 18 ? 6.521   -3.715  2.894   1.00 22.74 ? 18  ARG B C   1 
ATOM   396 O O   . ARG B 1 18 ? 7.720   -3.788  2.568   1.00 22.41 ? 18  ARG B O   1 
ATOM   397 C CB  . ARG B 1 18 ? 5.508   -1.791  3.973   1.00 25.14 ? 18  ARG B CB  1 
ATOM   398 C CG  . ARG B 1 18 ? 5.055   -0.368  3.939   1.00 32.80 ? 18  ARG B CG  1 
ATOM   399 C CD  . ARG B 1 18 ? 5.350   0.244   5.288   1.00 40.06 ? 18  ARG B CD  1 
ATOM   400 N NE  . ARG B 1 18 ? 5.013   1.660   5.316   1.00 42.24 ? 18  ARG B NE  1 
ATOM   401 C CZ  . ARG B 1 18 ? 3.855   2.152   5.735   1.00 53.62 ? 18  ARG B CZ  1 
ATOM   402 N NH1 . ARG B 1 18 ? 2.883   1.337   6.129   1.00 35.98 ? 18  ARG B NH1 1 
ATOM   403 N NH2 . ARG B 1 18 ? 3.641   3.460   5.720   1.00 45.87 ? 18  ARG B NH2 1 
ATOM   404 N N   . LYS B 1 19 ? 5.838   -4.683  3.557   1.00 19.47 ? 19  LYS B N   1 
ATOM   405 C CA  . LYS B 1 19 ? 6.364   -5.950  4.025   1.00 22.08 ? 19  LYS B CA  1 
ATOM   406 C C   . LYS B 1 19 ? 6.809   -6.852  2.893   1.00 26.74 ? 19  LYS B C   1 
ATOM   407 O O   . LYS B 1 19 ? 7.909   -7.377  2.951   1.00 24.13 ? 19  LYS B O   1 
ATOM   408 C CB  . LYS B 1 19 ? 5.354   -6.663  4.929   1.00 24.93 ? 19  LYS B CB  1 
ATOM   409 C CG  . LYS B 1 19 ? 5.263   -6.044  6.306   1.00 27.64 ? 19  LYS B CG  1 
ATOM   410 C CD  . LYS B 1 19 ? 4.868   -7.039  7.354   1.00 33.59 ? 19  LYS B CD  1 
ATOM   411 C CE  . LYS B 1 19 ? 4.639   -6.345  8.672   1.00 39.06 ? 19  LYS B CE  1 
ATOM   412 N NZ  . LYS B 1 19 ? 3.610   -7.042  9.483   1.00 35.50 ? 19  LYS B NZ  1 
ATOM   413 N N   . LEU B 1 20 ? 5.952   -6.990  1.854   1.00 24.53 ? 20  LEU B N   1 
ATOM   414 C CA  . LEU B 1 20 ? 6.178   -7.781  0.647   1.00 26.80 ? 20  LEU B CA  1 
ATOM   415 C C   . LEU B 1 20 ? 7.351   -7.202  -0.163  1.00 31.99 ? 20  LEU B C   1 
ATOM   416 O O   . LEU B 1 20 ? 8.100   -7.971  -0.780  1.00 35.84 ? 20  LEU B O   1 
ATOM   417 C CB  . LEU B 1 20 ? 4.860   -7.822  -0.168  1.00 26.41 ? 20  LEU B CB  1 
ATOM   418 C CG  . LEU B 1 20 ? 4.669   -8.928  -1.223  1.00 33.82 ? 20  LEU B CG  1 
ATOM   419 C CD1 . LEU B 1 20 ? 4.529   -10.321 -0.571  1.00 36.18 ? 20  LEU B CD1 1 
ATOM   420 C CD2 . LEU B 1 20 ? 3.418   -8.669  -2.060  1.00 36.36 ? 20  LEU B CD2 1 
ATOM   421 N N   . ARG B 1 21 ? 7.567   -5.867  -0.102  1.00 25.76 ? 21  ARG B N   1 
ATOM   422 C CA  . ARG B 1 21 ? 8.698   -5.221  -0.797  1.00 26.69 ? 21  ARG B CA  1 
ATOM   423 C C   . ARG B 1 21 ? 10.019  -5.521  -0.083  1.00 30.09 ? 21  ARG B C   1 
ATOM   424 O O   . ARG B 1 21 ? 11.055  -5.715  -0.741  1.00 27.72 ? 21  ARG B O   1 
ATOM   425 C CB  . ARG B 1 21 ? 8.454   -3.711  -0.959  1.00 27.47 ? 21  ARG B CB  1 
ATOM   426 C CG  . ARG B 1 21 ? 7.388   -3.385  -2.020  1.00 37.33 ? 21  ARG B CG  1 
ATOM   427 C CD  . ARG B 1 21 ? 6.989   -1.914  -2.005  1.00 39.70 ? 21  ARG B CD  1 
ATOM   428 N NE  . ARG B 1 21 ? 8.175   -1.070  -2.134  1.00 49.52 ? 21  ARG B NE  1 
ATOM   429 C CZ  . ARG B 1 21 ? 8.418   0.016   -1.413  1.00 55.96 ? 21  ARG B CZ  1 
ATOM   430 N NH1 . ARG B 1 21 ? 7.517   0.460   -0.541  1.00 36.32 ? 21  ARG B NH1 1 
ATOM   431 N NH2 . ARG B 1 21 ? 9.544   0.693   -1.585  1.00 41.61 ? 21  ARG B NH2 1 
ATOM   432 N N   . LYS B 1 22 ? 9.983   -5.619  1.259   1.00 28.24 ? 22  LYS B N   1 
ATOM   433 C CA  . LYS B 1 22 ? 11.125  -5.995  2.105   1.00 32.29 ? 22  LYS B CA  1 
ATOM   434 C C   . LYS B 1 22 ? 11.441  -7.483  1.853   1.00 39.16 ? 22  LYS B C   1 
ATOM   435 O O   . LYS B 1 22 ? 12.607  -7.867  1.917   1.00 40.78 ? 22  LYS B O   1 
ATOM   436 C CB  . LYS B 1 22 ? 10.795  -5.725  3.587   1.00 34.94 ? 22  LYS B CB  1 
ATOM   437 C CG  . LYS B 1 22 ? 11.989  -5.710  4.542   1.00 50.08 ? 22  LYS B CG  1 
ATOM   438 C CD  . LYS B 1 22 ? 11.550  -5.544  6.004   1.00 58.87 ? 22  LYS B CD  1 
ATOM   439 C CE  . LYS B 1 22 ? 11.071  -6.829  6.647   1.00 68.75 ? 22  LYS B CE  1 
ATOM   440 N NZ  . LYS B 1 22 ? 10.512  -6.601  8.008   1.00 76.14 ? 22  LYS B NZ  1 
ATOM   441 N N   . LYS B 1 23 ? 10.414  -8.306  1.513   1.00 34.61 ? 23  LYS B N   1 
ATOM   442 C CA  . LYS B 1 23 ? 10.613  -9.728  1.183   1.00 37.26 ? 23  LYS B CA  1 
ATOM   443 C C   . LYS B 1 23 ? 11.334  -9.892  -0.168  1.00 41.61 ? 23  LYS B C   1 
ATOM   444 O O   . LYS B 1 23 ? 12.286  -10.672 -0.258  1.00 42.91 ? 23  LYS B O   1 
ATOM   445 C CB  . LYS B 1 23 ? 9.275   -10.492 1.174   1.00 38.88 ? 23  LYS B CB  1 
ATOM   446 C CG  . LYS B 1 23 ? 8.887   -11.047 2.529   1.00 49.11 ? 23  LYS B CG  1 
ATOM   447 C CD  . LYS B 1 23 ? 7.455   -11.541 2.545   1.00 52.61 ? 23  LYS B CD  1 
ATOM   448 C CE  . LYS B 1 23 ? 7.178   -12.417 3.743   1.00 61.10 ? 23  LYS B CE  1 
ATOM   449 N NZ  . LYS B 1 23 ? 7.622   -13.815 3.519   1.00 68.16 ? 23  LYS B NZ  1 
ATOM   450 N N   . LEU B 1 24 ? 10.895  -9.136  -1.200  1.00 37.23 ? 24  LEU B N   1 
ATOM   451 C CA  . LEU B 1 24 ? 11.449  -9.145  -2.563  1.00 38.42 ? 24  LEU B CA  1 
ATOM   452 C C   . LEU B 1 24 ? 12.891  -8.593  -2.641  1.00 40.31 ? 24  LEU B C   1 
ATOM   453 O O   . LEU B 1 24 ? 13.715  -9.158  -3.359  1.00 40.32 ? 24  LEU B O   1 
ATOM   454 C CB  . LEU B 1 24 ? 10.512  -8.350  -3.504  1.00 36.39 ? 24  LEU B CB  1 
ATOM   455 C CG  . LEU B 1 24 ? 10.396  -8.809  -4.972  1.00 42.46 ? 24  LEU B CG  1 
ATOM   456 C CD1 . LEU B 1 24 ? 9.068   -8.390  -5.562  1.00 40.14 ? 24  LEU B CD1 1 
ATOM   457 C CD2 . LEU B 1 24 ? 11.502  -8.222  -5.832  1.00 45.02 ? 24  LEU B CD2 1 
ATOM   458 N N   . ARG B 1 25 ? 13.185  -7.473  -1.943  1.00 32.75 ? 25  ARG B N   1 
ATOM   459 C CA  . ARG B 1 25 ? 14.503  -6.827  -1.943  1.00 51.55 ? 25  ARG B CA  1 
ATOM   460 C C   . ARG B 1 25 ? 15.350  -7.336  -0.780  1.00 84.26 ? 25  ARG B C   1 
ATOM   461 O O   . ARG B 1 25 ? 15.290  -8.515  -0.448  1.00 49.20 ? 25  ARG B O   1 
ATOM   462 C CB  . ARG B 1 25 ? 14.353  -5.292  -1.873  1.00 48.37 ? 25  ARG B CB  1 
ATOM   463 C CG  . ARG B 1 25 ? 15.633  -4.483  -2.127  1.00 55.65 ? 25  ARG B CG  1 
ATOM   464 C CD  . ARG B 1 25 ? 15.852  -4.104  -3.587  1.00 58.84 ? 25  ARG B CD  1 
ATOM   465 N NE  . ARG B 1 25 ? 16.780  -2.976  -3.740  1.00 61.43 ? 25  ARG B NE  1 
ATOM   466 C CZ  . ARG B 1 25 ? 18.109  -3.078  -3.758  1.00 70.94 ? 25  ARG B CZ  1 
ATOM   467 N NH1 . ARG B 1 25 ? 18.694  -4.262  -3.629  1.00 66.55 ? 25  ARG B NH1 1 
ATOM   468 N NH2 . ARG B 1 25 ? 18.862  -1.994  -3.907  1.00 44.80 ? 25  ARG B NH2 1 
HETATM 469 O O3  . PG4 C 2 .  ? 9.679   -13.988 -9.339  1.00 57.30 ? 101 PG4 A O3  1 
HETATM 470 C C5  . PG4 C 2 .  ? 9.139   -13.287 -10.395 1.00 55.39 ? 101 PG4 A C5  1 
HETATM 471 C C6  . PG4 C 2 .  ? 9.556   -13.851 -11.817 1.00 54.42 ? 101 PG4 A C6  1 
HETATM 472 O O4  . PG4 C 2 .  ? 9.201   -15.214 -11.936 1.00 53.47 ? 101 PG4 A O4  1 
HETATM 473 C C7  . PG4 C 2 .  ? 8.202   -14.987 -12.851 1.00 52.39 ? 101 PG4 A C7  1 
HETATM 474 C C8  . PG4 C 2 .  ? 8.424   -14.984 -14.376 1.00 52.25 ? 101 PG4 A C8  1 
HETATM 475 O O5  . PG4 C 2 .  ? 8.688   -16.378 -15.124 1.00 51.93 ? 101 PG4 A O5  1 
HETATM 476 C C1  . EDO D 3 .  ? -15.806 7.705   0.920   1.00 34.00 ? 102 EDO A C1  1 
HETATM 477 O O1  . EDO D 3 .  ? -15.228 6.368   0.369   1.00 30.03 ? 102 EDO A O1  1 
HETATM 478 C C2  . EDO D 3 .  ? -16.292 8.003   2.463   1.00 36.66 ? 102 EDO A C2  1 
HETATM 479 O O2  . EDO D 3 .  ? -15.742 8.642   3.506   1.00 39.22 ? 102 EDO A O2  1 
HETATM 480 C C1  . EDO E 3 .  ? 14.173  -11.625 -10.459 1.00 40.97 ? 103 EDO A C1  1 
HETATM 481 O O1  . EDO E 3 .  ? 13.423  -12.618 -11.367 1.00 40.78 ? 103 EDO A O1  1 
HETATM 482 C C2  . EDO E 3 .  ? 15.044  -10.397 -11.075 1.00 41.92 ? 103 EDO A C2  1 
HETATM 483 O O2  . EDO E 3 .  ? 16.149  -9.756  -10.619 1.00 41.30 ? 103 EDO A O2  1 
HETATM 484 O O3  . PG4 F 2 .  ? 1.206   -6.792  7.804   1.00 37.32 ? 101 PG4 B O3  1 
HETATM 485 C C5  . PG4 F 2 .  ? 0.843   -8.064  8.201   1.00 35.86 ? 101 PG4 B C5  1 
HETATM 486 C C6  . PG4 F 2 .  ? 0.418   -8.213  9.749   1.00 33.34 ? 101 PG4 B C6  1 
HETATM 487 O O4  . PG4 F 2 .  ? 0.154   -6.921  10.277  1.00 33.37 ? 101 PG4 B O4  1 
HETATM 488 C C7  . PG4 F 2 .  ? -0.320  -7.396  11.463  1.00 31.93 ? 101 PG4 B C7  1 
HETATM 489 C C8  . PG4 F 2 .  ? -1.136  -6.515  12.414  1.00 32.14 ? 101 PG4 B C8  1 
HETATM 490 O O5  . PG4 F 2 .  ? -2.635  -6.109  11.951  1.00 30.25 ? 101 PG4 B O5  1 
HETATM 491 C C1  . EDO G 3 .  ? -13.714 -3.655  6.445   1.00 40.30 ? 102 EDO B C1  1 
HETATM 492 O O1  . EDO G 3 .  ? -12.430 -2.985  6.978   1.00 41.13 ? 102 EDO B O1  1 
HETATM 493 C C2  . EDO G 3 .  ? -14.149 -5.202  6.716   1.00 40.02 ? 102 EDO B C2  1 
HETATM 494 O O2  . EDO G 3 .  ? -15.336 -5.821  6.591   1.00 39.74 ? 102 EDO B O2  1 
HETATM 495 O O   . HOH H 4 .  ? -2.109  10.535  6.579   1.00 32.17 ? 201 HOH A O   1 
HETATM 496 O O   . HOH H 4 .  ? -1.522  8.633   4.305   1.00 21.82 ? 202 HOH A O   1 
HETATM 497 O O   . HOH H 4 .  ? -1.830  9.200   9.266   1.00 30.50 ? 203 HOH A O   1 
HETATM 498 O O   . HOH H 4 .  ? 3.568   3.007   2.951   1.00 33.48 ? 204 HOH A O   1 
HETATM 499 O O   . HOH H 4 .  ? 4.610   9.671   0.178   1.00 20.82 ? 205 HOH A O   1 
HETATM 500 O O   . HOH H 4 .  ? 14.820  -0.189  -2.204  1.00 37.05 ? 206 HOH A O   1 
HETATM 501 O O   . HOH H 4 .  ? 4.634   2.422   -12.741 1.00 23.40 ? 207 HOH A O   1 
HETATM 502 O O   . HOH H 4 .  ? 1.636   5.753   -7.131  1.00 19.33 ? 208 HOH A O   1 
HETATM 503 O O   . HOH H 4 .  ? 3.314   13.900  -0.145  1.00 38.35 ? 209 HOH A O   1 
HETATM 504 O O   . HOH H 4 .  ? 15.376  -1.645  -6.895  1.00 26.27 ? 210 HOH A O   1 
HETATM 505 O O   . HOH H 4 .  ? 13.171  0.883   -5.920  1.00 39.96 ? 211 HOH A O   1 
HETATM 506 O O   . HOH H 4 .  ? 2.935   0.313   -14.660 1.00 30.64 ? 212 HOH A O   1 
HETATM 507 O O   . HOH I 4 .  ? -4.778  -0.340  10.056  1.00 26.32 ? 201 HOH B O   1 
HETATM 508 O O   . HOH I 4 .  ? 10.980  2.271   -3.233  1.00 28.09 ? 202 HOH B O   1 
HETATM 509 O O   . HOH I 4 .  ? -14.993 6.709   13.123  1.00 39.05 ? 203 HOH B O   1 
HETATM 510 O O   . HOH I 4 .  ? 0.579   -9.653  3.161   1.00 26.49 ? 204 HOH B O   1 
HETATM 511 O O   . HOH I 4 .  ? -5.191  2.153   10.637  1.00 30.04 ? 205 HOH B O   1 
HETATM 512 O O   . HOH I 4 .  ? -5.191  -5.437  11.673  1.00 34.04 ? 206 HOH B O   1 
HETATM 513 O O   . HOH I 4 .  ? 13.556  3.962   -1.990  1.00 31.10 ? 207 HOH B O   1 
HETATM 514 O O   . HOH I 4 .  ? -5.565  4.570   11.529  1.00 42.72 ? 208 HOH B O   1 
HETATM 515 O O   . HOH I 4 .  ? 10.548  2.672   -0.042  1.00 29.81 ? 209 HOH B O   1 
HETATM 516 O O   . HOH I 4 .  ? -20.103 -1.081  10.571  1.00 34.79 ? 210 HOH B O   1 
HETATM 517 O O   . HOH I 4 .  ? 19.478  7.709   -3.848  1.00 28.41 ? 211 HOH B O   1 
HETATM 518 O O   . HOH I 4 .  ? 6.921   -14.632 0.947   1.00 36.65 ? 212 HOH B O   1 
HETATM 519 O O   . HOH I 4 .  ? 4.671   -13.425 1.885   1.00 28.17 ? 213 HOH B O   1 
HETATM 520 O O   . HOH I 4 .  ? -22.197 2.763   12.499  1.00 38.96 ? 214 HOH B O   1 
HETATM 521 O O   . HOH I 4 .  ? -7.792  0.271   15.960  1.00 29.53 ? 215 HOH B O   1 
HETATM 522 O O   . HOH I 4 .  ? 15.424  -11.144 -1.178  1.00 31.96 ? 216 HOH B O   1 
# 
loop_
_atom_site_anisotrop.id 
_atom_site_anisotrop.type_symbol 
_atom_site_anisotrop.pdbx_label_atom_id 
_atom_site_anisotrop.pdbx_label_alt_id 
_atom_site_anisotrop.pdbx_label_comp_id 
_atom_site_anisotrop.pdbx_label_asym_id 
_atom_site_anisotrop.pdbx_label_seq_id 
_atom_site_anisotrop.pdbx_PDB_ins_code 
_atom_site_anisotrop.U[1][1] 
_atom_site_anisotrop.U[2][2] 
_atom_site_anisotrop.U[3][3] 
_atom_site_anisotrop.U[1][2] 
_atom_site_anisotrop.U[1][3] 
_atom_site_anisotrop.U[2][3] 
_atom_site_anisotrop.pdbx_auth_seq_id 
_atom_site_anisotrop.pdbx_auth_comp_id 
_atom_site_anisotrop.pdbx_auth_asym_id 
_atom_site_anisotrop.pdbx_auth_atom_id 
1   N N   . GLY A 1  ? 0.4425 0.4450 0.2983 0.1295  0.1256  -0.0299 1  GLY A N   
2   C CA  . GLY A 1  ? 0.4723 0.4245 0.2917 0.1281  0.1310  -0.0406 1  GLY A CA  
3   C C   . GLY A 1  ? 0.5100 0.4176 0.3201 0.1172  0.1202  -0.0428 1  GLY A C   
4   O O   . GLY A 1  ? 0.4929 0.4087 0.3152 0.1000  0.1057  -0.0353 1  GLY A O   
5   N N   . ASN A 2  ? 0.5135 0.3718 0.3043 0.1266  0.1312  -0.0544 2  ASN A N   
6   C CA  . ASN A 2  ? 0.5287 0.3384 0.3138 0.1150  0.1303  -0.0602 2  ASN A CA  
7   C C   . ASN A 2  ? 0.5083 0.3249 0.3114 0.1151  0.1201  -0.0417 2  ASN A C   
8   O O   . ASN A 2  ? 0.4686 0.2816 0.2779 0.0927  0.1084  -0.0431 2  ASN A O   
9   C CB  . ASN A 2  ? 0.6397 0.3902 0.4064 0.1322  0.1546  -0.0709 2  ASN A CB  
10  C CG  . ASN A 2  ? 0.9091 0.6178 0.6612 0.1094  0.1620  -0.1011 2  ASN A CG  
11  O OD1 . ASN A 2  ? 0.8235 0.5204 0.5838 0.0834  0.1546  -0.1103 2  ASN A OD1 
12  N ND2 . ASN A 2  ? 0.8272 0.5161 0.5602 0.1191  0.1782  -0.1209 2  ASN A ND2 
13  N N   . ALA A 3  ? 0.4616 0.2958 0.2722 0.1431  0.1235  -0.0262 3  ALA A N   
14  C CA  . ALA A 3  ? 0.4490 0.2965 0.2705 0.1510  0.1142  -0.0102 3  ALA A CA  
15  C C   . ALA A 3  ? 0.4524 0.3491 0.2981 0.1290  0.0935  -0.0085 3  ALA A C   
16  O O   . ALA A 3  ? 0.4254 0.3115 0.2739 0.1151  0.0849  -0.0053 3  ALA A O   
17  C CB  . ALA A 3  ? 0.4828 0.3520 0.3036 0.1927  0.1202  0.0019  3  ALA A CB  
18  N N   . ASP A 4  ? 0.4070 0.3536 0.2705 0.1252  0.0897  -0.0114 4  ASP A N   
19  C CA  . ASP A 4  ? 0.3779 0.3625 0.2652 0.1023  0.0772  -0.0108 4  ASP A CA  
20  C C   . ASP A 4  ? 0.3773 0.3310 0.2536 0.0768  0.0702  -0.0117 4  ASP A C   
21  O O   . ASP A 4  ? 0.3259 0.2836 0.2132 0.0655  0.0594  -0.0083 4  ASP A O   
22  C CB  . ASP A 4  ? 0.4095 0.4389 0.3149 0.0988  0.0851  -0.0147 4  ASP A CB  
23  C CG  . ASP A 4  ? 0.5585 0.6244 0.4939 0.0749  0.0809  -0.0155 4  ASP A CG  
24  O OD1 . ASP A 4  ? 0.5400 0.6225 0.4936 0.0709  0.0690  -0.0172 4  ASP A OD1 
25  O OD2 . ASP A 4  ? 0.6340 0.7111 0.5743 0.0614  0.0933  -0.0154 4  ASP A OD2 
26  N N   . GLU A 5  ? 0.3631 0.2905 0.2170 0.0712  0.0755  -0.0188 5  GLU A N   
27  C CA  . GLU A 5  ? 0.3643 0.2752 0.2069 0.0531  0.0663  -0.0233 5  GLU A CA  
28  C C   . GLU A 5  ? 0.4091 0.2959 0.2554 0.0465  0.0601  -0.0263 5  GLU A C   
29  O O   . GLU A 5  ? 0.3569 0.2491 0.2094 0.0341  0.0484  -0.0248 5  GLU A O   
30  C CB  . GLU A 5  ? 0.4151 0.3167 0.2319 0.0526  0.0716  -0.0362 5  GLU A CB  
31  C CG  . GLU A 5  ? 0.4640 0.3899 0.2718 0.0566  0.0798  -0.0302 5  GLU A CG  
32  C CD  . GLU A 5  ? 0.5756 0.5199 0.3931 0.0467  0.0769  -0.0139 5  GLU A CD  
33  O OE1 . GLU A 5  ? 0.4355 0.4021 0.2732 0.0461  0.0873  -0.0062 5  GLU A OE1 
34  O OE2 . GLU A 5  ? 0.4869 0.4234 0.2945 0.0398  0.0656  -0.0105 5  GLU A OE2 
35  C C   . 6FL A 6  ? 0.4011 0.2521 0.2596 0.0541  0.0640  -0.0145 6  6FL A C   
36  N N   . 6FL A 6  ? 0.4071 0.2645 0.2487 0.0566  0.0714  -0.0290 6  6FL A N   
37  O O   . 6FL A 6  ? 0.3715 0.2195 0.2378 0.0418  0.0583  -0.0148 6  6FL A O   
38  C CA  . 6FL A 6  ? 0.4157 0.2457 0.2607 0.0501  0.0736  -0.0294 6  6FL A CA  
39  C CB  . 6FL A 6  ? 0.5025 0.2867 0.3337 0.0657  0.0962  -0.0289 6  6FL A CB  
40  C CG  . 6FL A 6  ? 0.6177 0.3670 0.4376 0.0551  0.1102  -0.0519 6  6FL A CG  
41  F FAC . 6FL A 6  ? 0.6990 0.3963 0.4965 0.1040  0.1415  -0.0249 6  6FL A FAC 
42  F FAD . 6FL A 6  ? 0.7151 0.3695 0.5248 0.0566  0.1510  -0.0503 6  6FL A FAD 
43  F FAE . 6FL A 6  ? 0.7528 0.4133 0.5451 0.0713  0.1538  -0.0683 6  6FL A FAE 
44  F FAF . 6FL A 6  ? 0.6926 0.4341 0.5367 0.0152  0.1049  -0.0673 6  6FL A FAF 
45  F FAG . 6FL A 6  ? 0.6113 0.4081 0.4450 0.0173  0.0807  -0.0772 6  6FL A FAG 
46  F FAH . 6FL A 6  ? 0.6956 0.4143 0.5203 0.0134  0.1182  -0.0993 6  6FL A FAH 
47  C CD1 . 6FL A 6  ? 0.6849 0.3733 0.4895 0.0719  0.1394  -0.0485 6  6FL A CD1 
48  C CD2 . 6FL A 6  ? 0.6523 0.4037 0.4834 0.0241  0.1026  -0.0739 6  6FL A CD2 
49  N N   . TYR A 7  ? 0.3430 0.2211 0.2063 0.0719  0.0625  -0.0052 7  TYR A N   
50  C CA  . TYR A 7  ? 0.3156 0.2235 0.1918 0.0775  0.0524  0.0021  7  TYR A CA  
51  C C   . TYR A 7  ? 0.3207 0.2457 0.2127 0.0545  0.0393  -0.0015 7  TYR A C   
52  O O   . TYR A 7  ? 0.3104 0.2328 0.2068 0.0489  0.0333  -0.0003 7  TYR A O   
53  C CB  . TYR A 7  ? 0.3244 0.2749 0.2097 0.0980  0.0513  0.0036  7  TYR A CB  
54  C CG  . TYR A 7  ? 0.3616 0.3529 0.2594 0.1081  0.0398  0.0042  7  TYR A CG  
55  C CD1 . TYR A 7  ? 0.4302 0.4190 0.3094 0.1386  0.0423  0.0138  7  TYR A CD1 
56  C CD2 . TYR A 7  ? 0.3482 0.3793 0.2733 0.0887  0.0286  -0.0061 7  TYR A CD2 
57  C CE1 . TYR A 7  ? 0.4775 0.5127 0.3633 0.1512  0.0291  0.0109  7  TYR A CE1 
58  C CE2 . TYR A 7  ? 0.3611 0.4368 0.3001 0.0960  0.0171  -0.0137 7  TYR A CE2 
59  C CZ  . TYR A 7  ? 0.5286 0.6115 0.4469 0.1283  0.0148  -0.0064 7  TYR A CZ  
60  O OH  . TYR A 7  ? 0.5774 0.7127 0.5045 0.1389  0.0008  -0.0172 7  TYR A OH  
61  N N   . LYS A 8  ? 0.2722 0.2084 0.1681 0.0439  0.0386  -0.0044 8  LYS A N   
62  C CA  . LYS A 8  ? 0.2460 0.1874 0.1499 0.0277  0.0317  -0.0035 8  LYS A CA  
63  C C   . LYS A 8  ? 0.2715 0.1924 0.1681 0.0204  0.0251  -0.0050 8  LYS A C   
64  O O   . LYS A 8  ? 0.2881 0.2111 0.1940 0.0151  0.0184  -0.0032 8  LYS A O   
65  C CB  . LYS A 8  ? 0.2478 0.1965 0.1478 0.0227  0.0386  -0.0012 8  LYS A CB  
66  C CG  . LYS A 8  ? 0.2928 0.2732 0.2131 0.0224  0.0468  -0.0027 8  LYS A CG  
67  C CD  . LYS A 8  ? 0.3995 0.3795 0.3113 0.0163  0.0599  0.0023  8  LYS A CD  
68  C CE  . LYS A 8  ? 0.4186 0.4335 0.3492 0.0187  0.0730  -0.0023 8  LYS A CE  
69  N NZ  . LYS A 8  ? 0.6422 0.6503 0.5533 0.0175  0.0894  0.0041  8  LYS A NZ  
70  N N   . GLU A 9  ? 0.2555 0.1600 0.1393 0.0199  0.0277  -0.0122 9  GLU A N   
71  C CA  . GLU A 9  ? 0.2710 0.1699 0.1567 0.0110  0.0214  -0.0203 9  GLU A CA  
72  C C   . GLU A 9  ? 0.2818 0.1734 0.1798 0.0092  0.0231  -0.0188 9  GLU A C   
73  O O   . GLU A 9  ? 0.2560 0.1568 0.1642 0.0038  0.0154  -0.0204 9  GLU A O   
74  C CB  . GLU A 9  ? 0.3217 0.2109 0.1974 0.0063  0.0259  -0.0370 9  GLU A CB  
75  C CG  . GLU A 9  ? 0.4893 0.3981 0.3674 -0.0015 0.0132  -0.0504 9  GLU A CG  
76  C CD  . GLU A 9  ? 0.6777 0.6080 0.5402 0.0076  0.0014  -0.0424 9  GLU A CD  
77  O OE1 . GLU A 9  ? 0.4728 0.3991 0.3200 0.0150  0.0073  -0.0303 9  GLU A OE1 
78  O OE2 . GLU A 9  ? 0.6328 0.5852 0.4976 0.0095  -0.0117 -0.0476 9  GLU A OE2 
79  C C   . 6FL A 10 ? 0.2737 0.1668 0.1795 0.0239  0.0275  -0.0037 10 6FL A C   
80  N N   . 6FL A 10 ? 0.2629 0.1396 0.1566 0.0185  0.0345  -0.0136 10 6FL A N   
81  O O   . 6FL A 10 ? 0.2937 0.1874 0.2056 0.0203  0.0265  -0.0044 10 6FL A O   
82  C CA  . 6FL A 10 ? 0.2751 0.1429 0.1713 0.0221  0.0400  -0.0079 10 6FL A CA  
83  C CB  . 6FL A 10 ? 0.3235 0.1713 0.2026 0.0419  0.0551  0.0024  10 6FL A CB  
84  C CG  . 6FL A 10 ? 0.3634 0.1728 0.2299 0.0429  0.0740  -0.0018 10 6FL A CG  
85  F FAC . 6FL A 10 ? 0.5678 0.3094 0.3982 0.0765  0.1117  0.0115  10 6FL A FAC 
86  F FAD . 6FL A 10 ? 0.5071 0.3310 0.3511 0.0910  0.0775  0.0199  10 6FL A FAD 
87  F FAE . 6FL A 10 ? 0.5239 0.2949 0.3583 0.0800  0.1002  0.0261  10 6FL A FAE 
88  F FAF . 6FL A 10 ? 0.4398 0.2535 0.3309 0.0018  0.0680  -0.0322 10 6FL A FAF 
89  F FAG . 6FL A 10 ? 0.5219 0.2666 0.3869 0.0187  0.1055  -0.0244 10 6FL A FAG 
90  F FAH . 6FL A 10 ? 0.5590 0.3304 0.4371 0.0171  0.0960  -0.0101 10 6FL A FAH 
91  C CD1 . 6FL A 10 ? 0.4933 0.2782 0.3368 0.0726  0.0910  0.0145  10 6FL A CD1 
92  C CD2 . 6FL A 10 ? 0.4749 0.2589 0.3506 0.0190  0.0854  -0.0172 10 6FL A CD2 
93  N N   . GLU A 11 ? 0.2401 0.1542 0.1498 0.0274  0.0206  -0.0026 11 GLU A N   
94  C CA  . GLU A 11 ? 0.2309 0.1651 0.1538 0.0238  0.0118  -0.0050 11 GLU A CA  
95  C C   . GLU A 11 ? 0.2832 0.2092 0.2122 0.0129  0.0068  -0.0062 11 GLU A C   
96  O O   . GLU A 11 ? 0.2563 0.1844 0.1921 0.0122  0.0037  -0.0088 11 GLU A O   
97  C CB  . GLU A 11 ? 0.2455 0.2037 0.1789 0.0229  0.0109  -0.0084 11 GLU A CB  
98  C CG  . GLU A 11 ? 0.3938 0.3762 0.3443 0.0184  0.0053  -0.0186 11 GLU A CG  
99  C CD  . GLU A 11 ? 0.6021 0.5736 0.5659 0.0015  0.0064  -0.0230 11 GLU A CD  
100 O OE1 . GLU A 11 ? 0.4631 0.4089 0.4186 -0.0028 0.0099  -0.0136 11 GLU A OE1 
101 O OE2 . GLU A 11 ? 0.5412 0.5298 0.5217 -0.0055 0.0046  -0.0373 11 GLU A OE2 
102 N N   . ASP A 12 ? 0.2402 0.1595 0.1633 0.0090  0.0061  -0.0047 12 ASP A N   
103 C CA  . ASP A 12 ? 0.2545 0.1718 0.1776 0.0080  0.0000  -0.0035 12 ASP A CA  
104 C C   . ASP A 12 ? 0.2767 0.1988 0.2089 0.0076  -0.0033 -0.0098 12 ASP A C   
105 O O   . ASP A 12 ? 0.2587 0.1840 0.1981 0.0110  -0.0077 -0.0091 12 ASP A O   
106 C CB  . ASP A 12 ? 0.2825 0.2015 0.1903 0.0103  -0.0017 -0.0029 12 ASP A CB  
107 C CG  . ASP A 12 ? 0.4452 0.3580 0.3396 0.0159  -0.0002 0.0089  12 ASP A CG  
108 O OD1 . ASP A 12 ? 0.4731 0.3751 0.3722 0.0183  0.0011  0.0157  12 ASP A OD1 
109 O OD2 . ASP A 12 ? 0.4171 0.3310 0.2931 0.0193  0.0029  0.0117  12 ASP A OD2 
110 C C   . 6FL A 13 ? 0.2494 0.1727 0.1998 0.0028  0.0095  -0.0189 13 6FL A C   
111 N N   . 6FL A 13 ? 0.2661 0.1858 0.1995 0.0031  0.0027  -0.0166 13 6FL A N   
112 O O   . 6FL A 13 ? 0.2280 0.1629 0.1913 0.0027  0.0083  -0.0229 13 6FL A O   
113 C CA  . 6FL A 13 ? 0.2567 0.1830 0.2044 -0.0021 0.0054  -0.0245 13 6FL A CA  
114 C CB  . 6FL A 13 ? 0.2959 0.2094 0.2458 -0.0125 0.0200  -0.0335 13 6FL A CB  
115 C CG  . 6FL A 13 ? 0.3604 0.2751 0.3057 -0.0191 0.0183  -0.0461 13 6FL A CG  
116 F FAC . 6FL A 13 ? 0.4023 0.2579 0.3332 -0.0207 0.0540  -0.0403 13 6FL A FAC 
117 F FAD . 6FL A 13 ? 0.4462 0.3414 0.4168 -0.0453 0.0484  -0.0676 13 6FL A FAD 
118 F FAE . 6FL A 13 ? 0.4063 0.2936 0.3494 -0.0378 0.0389  -0.0721 13 6FL A FAE 
119 F FAF . 6FL A 13 ? 0.4411 0.4117 0.4225 -0.0343 0.0053  -0.0783 13 6FL A FAF 
120 F FAG . 6FL A 13 ? 0.3892 0.3532 0.3396 -0.0076 -0.0111 -0.0483 13 6FL A FAG 
121 F FAH . 6FL A 13 ? 0.3921 0.3477 0.3353 -0.0230 -0.0018 -0.0716 13 6FL A FAH 
122 C CD1 . 6FL A 13 ? 0.4068 0.2943 0.3545 -0.0314 0.0397  -0.0565 13 6FL A CD1 
123 C CD2 . 6FL A 13 ? 0.4065 0.3580 0.3620 -0.0215 0.0017  -0.0609 13 6FL A CD2 
124 N N   . GLN A 14 ? 0.2254 0.1404 0.1635 0.0098  0.0138  -0.0119 14 GLN A N   
125 C CA  . GLN A 14 ? 0.2446 0.1644 0.1797 0.0176  0.0155  -0.0103 14 GLN A CA  
126 C C   . GLN A 14 ? 0.2366 0.1657 0.1823 0.0168  0.0060  -0.0157 14 GLN A C   
127 O O   . GLN A 14 ? 0.2101 0.1436 0.1595 0.0201  0.0075  -0.0195 14 GLN A O   
128 C CB  . GLN A 14 ? 0.2707 0.1950 0.1918 0.0290  0.0161  -0.0062 14 GLN A CB  
129 C CG  . GLN A 14 ? 0.3562 0.2876 0.2621 0.0441  0.0208  -0.0035 14 GLN A CG  
130 C CD  . GLN A 14 ? 0.4682 0.4206 0.3636 0.0596  0.0153  -0.0033 14 GLN A CD  
131 O OE1 . GLN A 14 ? 0.4326 0.3767 0.3175 0.0693  0.0213  0.0051  14 GLN A OE1 
132 N NE2 . GLN A 14 ? 0.4983 0.4826 0.4000 0.0621  0.0037  -0.0165 14 GLN A NE2 
133 N N   . GLU A 15 ? 0.2027 0.1293 0.1514 0.0133  -0.0001 -0.0152 15 GLU A N   
134 C CA  . GLU A 15 ? 0.2143 0.1351 0.1699 0.0130  -0.0028 -0.0178 15 GLU A CA  
135 C C   . GLU A 15 ? 0.2446 0.1647 0.2055 0.0190  -0.0054 -0.0163 15 GLU A C   
136 O O   . GLU A 15 ? 0.2559 0.1701 0.2221 0.0244  -0.0046 -0.0197 15 GLU A O   
137 C CB  . GLU A 15 ? 0.2554 0.1666 0.2100 0.0075  -0.0009 -0.0142 15 GLU A CB  
138 C CG  . GLU A 15 ? 0.3312 0.2574 0.2914 0.0016  0.0009  -0.0227 15 GLU A CG  
139 C CD  . GLU A 15 ? 0.4933 0.4308 0.4617 0.0009  -0.0009 -0.0381 15 GLU A CD  
140 O OE1 . GLU A 15 ? 0.3279 0.2482 0.3043 -0.0044 0.0030  -0.0447 15 GLU A OE1 
141 O OE2 . GLU A 15 ? 0.3749 0.3346 0.3368 0.0095  -0.0048 -0.0427 15 GLU A OE2 
142 N N   . ARG A 16 ? 0.2201 0.1517 0.1823 0.0193  -0.0084 -0.0152 16 ARG A N   
143 C CA  . ARG A 16 ? 0.2227 0.1712 0.1962 0.0275  -0.0133 -0.0185 16 ARG A CA  
144 C C   . ARG A 16 ? 0.1998 0.1605 0.1880 0.0266  -0.0070 -0.0264 16 ARG A C   
145 O O   . ARG A 16 ? 0.1965 0.1661 0.1944 0.0375  -0.0086 -0.0290 16 ARG A O   
146 C CB  . ARG A 16 ? 0.2081 0.1793 0.1836 0.0270  -0.0207 -0.0230 16 ARG A CB  
147 C CG  . ARG A 16 ? 0.3202 0.2814 0.2746 0.0362  -0.0264 -0.0126 16 ARG A CG  
148 C CD  . ARG A 16 ? 0.2952 0.2836 0.2451 0.0375  -0.0354 -0.0208 16 ARG A CD  
149 N NE  . ARG A 16 ? 0.2646 0.2939 0.2274 0.0515  -0.0476 -0.0298 16 ARG A NE  
150 C CZ  . ARG A 16 ? 0.3672 0.4367 0.3289 0.0565  -0.0604 -0.0432 16 ARG A CZ  
151 N NH1 . ARG A 16 ? 0.3218 0.3872 0.2668 0.0477  -0.0605 -0.0483 16 ARG A NH1 
152 N NH2 . ARG A 16 ? 0.3556 0.4757 0.3334 0.0721  -0.0739 -0.0547 16 ARG A NH2 
153 N N   . LEU A 17 ? 0.1908 0.1495 0.1775 0.0170  0.0033  -0.0283 17 LEU A N   
154 C CA  . LEU A 17 ? 0.1802 0.1454 0.1734 0.0172  0.0151  -0.0319 17 LEU A CA  
155 C C   . LEU A 17 ? 0.1768 0.1350 0.1611 0.0277  0.0137  -0.0328 17 LEU A C   
156 O O   . LEU A 17 ? 0.1960 0.1642 0.1872 0.0335  0.0199  -0.0382 17 LEU A O   
157 C CB  . LEU A 17 ? 0.1900 0.1407 0.1704 0.0105  0.0307  -0.0269 17 LEU A CB  
158 C CG  . LEU A 17 ? 0.2420 0.1925 0.2353 -0.0047 0.0414  -0.0320 17 LEU A CG  
159 C CD1 . LEU A 17 ? 0.2749 0.1938 0.2463 -0.0057 0.0577  -0.0224 17 LEU A CD1 
160 C CD2 . LEU A 17 ? 0.2635 0.2354 0.2841 -0.0143 0.0552  -0.0426 17 LEU A CD2 
161 N N   . ARG A 18 ? 0.2122 0.1566 0.1833 0.0283  0.0080  -0.0316 18 ARG A N   
162 C CA  . ARG A 18 ? 0.2283 0.1681 0.1951 0.0331  0.0069  -0.0409 18 ARG A CA  
163 C C   . ARG A 18 ? 0.2374 0.1681 0.2158 0.0403  0.0059  -0.0445 18 ARG A C   
164 O O   . ARG A 18 ? 0.2605 0.1924 0.2406 0.0478  0.0103  -0.0542 18 ARG A O   
165 C CB  . ARG A 18 ? 0.2722 0.2070 0.2333 0.0269  0.0020  -0.0444 18 ARG A CB  
166 C CG  . ARG A 18 ? 0.2956 0.2354 0.2559 0.0268  0.0011  -0.0631 18 ARG A CG  
167 C CD  . ARG A 18 ? 0.3462 0.2929 0.3120 0.0158  -0.0027 -0.0721 18 ARG A CD  
168 N NE  . ARG A 18 ? 0.2734 0.2091 0.2528 0.0050  0.0004  -0.0935 18 ARG A NE  
169 C CZ  . ARG A 18 ? 0.6456 0.6034 0.6264 0.0033  -0.0026 -0.1198 18 ARG A CZ  
170 N NH1 . ARG A 18 ? 0.4847 0.4793 0.4479 0.0177  -0.0102 -0.1232 18 ARG A NH1 
171 N NH2 . ARG A 18 ? 0.6010 0.5433 0.5987 -0.0117 0.0040  -0.1440 18 ARG A NH2 
172 N N   . LYS A 19 ? 0.2361 0.1587 0.2185 0.0427  0.0011  -0.0355 19 LYS A N   
173 C CA  . LYS A 19 ? 0.2673 0.1789 0.2544 0.0581  0.0011  -0.0332 19 LYS A CA  
174 C C   . LYS A 19 ? 0.2929 0.2355 0.2958 0.0705  0.0007  -0.0371 19 LYS A C   
175 O O   . LYS A 19 ? 0.3070 0.2436 0.3141 0.0851  0.0051  -0.0421 19 LYS A O   
176 C CB  . LYS A 19 ? 0.3347 0.2283 0.3118 0.0638  -0.0020 -0.0189 19 LYS A CB  
177 C CG  . LYS A 19 ? 0.4510 0.3129 0.4182 0.0497  0.0046  -0.0164 19 LYS A CG  
178 C CD  . LYS A 19 ? 0.4502 0.2877 0.4223 0.0418  0.0147  -0.0316 19 LYS A CD  
179 C CE  . LYS A 19 ? 0.4513 0.2898 0.4267 0.0201  0.0174  -0.0410 19 LYS A CE  
180 N NZ  . LYS A 19 ? 0.3853 0.2249 0.3700 0.0103  0.0213  -0.0662 19 LYS A NZ  
181 N N   . LEU A 20 ? 0.2130 0.1888 0.2277 0.0629  -0.0014 -0.0384 20 LEU A N   
182 C CA  . LEU A 20 ? 0.2416 0.2579 0.2814 0.0674  0.0014  -0.0471 20 LEU A CA  
183 C C   . LEU A 20 ? 0.2833 0.3000 0.3253 0.0693  0.0148  -0.0543 20 LEU A C   
184 O O   . LEU A 20 ? 0.2862 0.3296 0.3479 0.0819  0.0185  -0.0614 20 LEU A O   
185 C CB  . LEU A 20 ? 0.2479 0.2882 0.3007 0.0472  0.0053  -0.0520 20 LEU A CB  
186 C CG  . LEU A 20 ? 0.3147 0.3913 0.3853 0.0453  -0.0060 -0.0592 20 LEU A CG  
187 C CD1 . LEU A 20 ? 0.2935 0.3826 0.3801 0.0189  0.0062  -0.0700 20 LEU A CD1 
188 C CD2 . LEU A 20 ? 0.3501 0.4756 0.4475 0.0647  -0.0138 -0.0687 20 LEU A CD2 
189 N N   . ARG A 21 ? 0.1980 0.1923 0.2192 0.0599  0.0220  -0.0536 21 ARG A N   
190 C CA  . ARG A 21 ? 0.2184 0.2161 0.2328 0.0647  0.0347  -0.0607 21 ARG A CA  
191 C C   . ARG A 21 ? 0.2909 0.2758 0.3047 0.0810  0.0327  -0.0701 21 ARG A C   
192 O O   . ARG A 21 ? 0.3021 0.3030 0.3246 0.0925  0.0422  -0.0782 21 ARG A O   
193 C CB  . ARG A 21 ? 0.2215 0.2043 0.2069 0.0587  0.0382  -0.0585 21 ARG A CB  
194 C CG  . ARG A 21 ? 0.3241 0.3108 0.3025 0.0498  0.0511  -0.0477 21 ARG A CG  
195 C CD  . ARG A 21 ? 0.2856 0.2594 0.2307 0.0537  0.0498  -0.0424 21 ARG A CD  
196 N NE  . ARG A 21 ? 0.4237 0.4053 0.3477 0.0674  0.0523  -0.0520 21 ARG A NE  
197 C CZ  . ARG A 21 ? 0.5728 0.5586 0.4768 0.0741  0.0408  -0.0616 21 ARG A CZ  
198 N NH1 . ARG A 21 ? 0.4329 0.4324 0.3180 0.0866  0.0422  -0.0762 21 ARG A NH1 
199 N NH2 . ARG A 21 ? 0.4035 0.3864 0.3081 0.0679  0.0283  -0.0603 21 ARG A NH2 
200 N N   . LYS A 22 ? 0.2541 0.2066 0.2592 0.0820  0.0242  -0.0693 22 LYS A N   
201 C CA  . LYS A 22 ? 0.3029 0.2269 0.3063 0.0961  0.0278  -0.0783 22 LYS A CA  
202 C C   . LYS A 22 ? 0.3790 0.3154 0.3990 0.1195  0.0283  -0.0730 22 LYS A C   
203 O O   . LYS A 22 ? 0.4160 0.3463 0.4387 0.1366  0.0367  -0.0831 22 LYS A O   
204 C CB  . LYS A 22 ? 0.3395 0.2209 0.3336 0.0886  0.0257  -0.0757 22 LYS A CB  
205 C CG  . LYS A 22 ? 0.3427 0.2197 0.3269 0.0671  0.0239  -0.0865 22 LYS A CG  
206 C CD  . LYS A 22 ? 0.4750 0.3120 0.4591 0.0569  0.0274  -0.0851 22 LYS A CD  
207 C CE  . LYS A 22 ? 0.5454 0.3781 0.5307 0.0369  0.0299  -0.1101 22 LYS A CE  
208 N NZ  . LYS A 22 ? 0.6300 0.4968 0.6135 0.0236  0.0197  -0.1086 22 LYS A NZ  
209 N N   . LYS A 23 ? 0.3114 0.2703 0.3418 0.1232  0.0185  -0.0600 23 LYS A N   
210 C CA  . LYS A 23 ? 0.3144 0.3028 0.3622 0.1507  0.0141  -0.0564 23 LYS A CA  
211 C C   . LYS A 23 ? 0.3512 0.3926 0.4268 0.1547  0.0209  -0.0695 23 LYS A C   
212 O O   . LYS A 23 ? 0.3610 0.4190 0.4498 0.1825  0.0236  -0.0735 23 LYS A O   
213 C CB  . LYS A 23 ? 0.3272 0.3398 0.3778 0.1522  -0.0008 -0.0452 23 LYS A CB  
214 N N   . LEU A 24 ? 0.3149 0.3805 0.3989 0.1285  0.0274  -0.0751 24 LEU A N   
215 C CA  . LEU A 24 ? 0.3002 0.4106 0.4094 0.1255  0.0420  -0.0863 24 LEU A CA  
216 C C   . LEU A 24 ? 0.3874 0.4795 0.4842 0.1412  0.0550  -0.0944 24 LEU A C   
217 O O   . LEU A 24 ? 0.4051 0.5230 0.5220 0.1648  0.0586  -0.1016 24 LEU A O   
218 C CB  . LEU A 24 ? 0.2824 0.3997 0.3914 0.0946  0.0538  -0.0851 24 LEU A CB  
219 C CG  . LEU A 24 ? 0.3287 0.4952 0.4722 0.0835  0.0744  -0.0950 24 LEU A CG  
220 C CD1 . LEU A 24 ? 0.3069 0.5351 0.4977 0.0857  0.0645  -0.1069 24 LEU A CD1 
221 C CD2 . LEU A 24 ? 0.3565 0.5062 0.4889 0.0558  0.0922  -0.0885 24 LEU A CD2 
222 N N   . ARG A 25 ? 0.3404 0.3915 0.4036 0.1317  0.0600  -0.0961 25 ARG A N   
223 C CA  . ARG A 25 ? 0.4218 0.4545 0.4668 0.1436  0.0710  -0.1101 25 ARG A CA  
224 C C   . ARG A 25 ? 0.8745 0.8816 0.9228 0.1701  0.0698  -0.1174 25 ARG A C   
225 O O   . ARG A 25 ? 0.4931 0.4712 0.5403 0.1767  0.0598  -0.1082 25 ARG A O   
226 C CB  . ARG A 25 ? 0.4289 0.4316 0.4387 0.1288  0.0689  -0.1144 25 ARG A CB  
227 C CG  . ARG A 25 ? 0.5146 0.5094 0.5016 0.1385  0.0789  -0.1354 25 ARG A CG  
228 C CD  . ARG A 25 ? 0.6088 0.5869 0.5653 0.1264  0.0710  -0.1457 25 ARG A CD  
229 N NE  . ARG A 25 ? 0.7501 0.6977 0.7125 0.1135  0.0572  -0.1435 25 ARG A NE  
230 C CZ  . ARG A 25 ? 0.9847 0.8946 0.9496 0.1133  0.0567  -0.1596 25 ARG A CZ  
231 N NH1 . ARG A 25 ? 0.9138 0.8095 0.8754 0.1262  0.0670  -0.1822 25 ARG A NH1 
232 N NH2 . ARG A 25 ? 0.7743 0.6564 0.7450 0.0992  0.0497  -0.1542 25 ARG A NH2 
233 N N   . GLY B 1  ? 0.3567 0.6235 0.6514 0.0887  0.0952  -0.0630 1  GLY B N   
234 C CA  . GLY B 1  ? 0.3323 0.6707 0.6376 0.0910  0.0761  -0.0508 1  GLY B CA  
235 C C   . GLY B 1  ? 0.3687 0.7107 0.6486 0.0805  0.0503  -0.0362 1  GLY B C   
236 O O   . GLY B 1  ? 0.3733 0.7305 0.6270 0.0501  0.0352  -0.0456 1  GLY B O   
237 N N   . ASN B 2  ? 0.2865 0.6088 0.5721 0.1040  0.0481  -0.0142 2  ASN B N   
238 C CA  . ASN B 2  ? 0.2640 0.5864 0.5273 0.0953  0.0274  -0.0009 2  ASN B CA  
239 C C   . ASN B 2  ? 0.3108 0.5772 0.5685 0.1115  0.0320  0.0118  2  ASN B C   
240 O O   . ASN B 2  ? 0.2918 0.5486 0.5283 0.1016  0.0175  0.0189  2  ASN B O   
241 C CB  . ASN B 2  ? 0.2599 0.6613 0.5373 0.1008  0.0130  0.0180  2  ASN B CB  
242 C CG  . ASN B 2  ? 0.4455 0.8635 0.6893 0.0665  -0.0055 0.0117  2  ASN B CG  
243 O OD1 . ASN B 2  ? 0.3479 0.7434 0.5734 0.0617  -0.0142 0.0196  2  ASN B OD1 
244 N ND2 . ASN B 2  ? 0.2811 0.7379 0.5153 0.0403  -0.0087 -0.0040 2  ASN B ND2 
245 N N   . ALA B 3  ? 0.2731 0.4998 0.5473 0.1326  0.0553  0.0117  3  ALA B N   
246 C CA  . ALA B 3  ? 0.2965 0.4634 0.5620 0.1443  0.0653  0.0202  3  ALA B CA  
247 C C   . ALA B 3  ? 0.2940 0.4132 0.5235 0.1123  0.0634  -0.0022 3  ALA B C   
248 O O   . ALA B 3  ? 0.2869 0.3827 0.4957 0.1056  0.0535  0.0037  3  ALA B O   
249 C CB  . ALA B 3  ? 0.3509 0.4856 0.6423 0.1723  0.0973  0.0228  3  ALA B CB  
250 N N   . ASP B 4  ? 0.2363 0.3494 0.4593 0.0915  0.0718  -0.0265 4  ASP B N   
251 C CA  . ASP B 4  ? 0.2137 0.2969 0.4059 0.0608  0.0690  -0.0443 4  ASP B CA  
252 C C   . ASP B 4  ? 0.2425 0.3451 0.4144 0.0422  0.0433  -0.0423 4  ASP B C   
253 O O   . ASP B 4  ? 0.2307 0.3100 0.3814 0.0287  0.0369  -0.0443 4  ASP B O   
254 C CB  . ASP B 4  ? 0.2555 0.3305 0.4459 0.0425  0.0876  -0.0682 4  ASP B CB  
255 C CG  . ASP B 4  ? 0.3825 0.5009 0.5839 0.0346  0.0846  -0.0772 4  ASP B CG  
256 O OD1 . ASP B 4  ? 0.3656 0.5253 0.5788 0.0450  0.0696  -0.0651 4  ASP B OD1 
257 O OD2 . ASP B 4  ? 0.4882 0.6030 0.6853 0.0150  0.0989  -0.0977 4  ASP B OD2 
258 N N   . GLU B 5  ? 0.1677 0.3135 0.3466 0.0410  0.0315  -0.0388 5  GLU B N   
259 C CA  . GLU B 5  ? 0.1588 0.3196 0.3183 0.0224  0.0133  -0.0386 5  GLU B CA  
260 C C   . GLU B 5  ? 0.2189 0.3686 0.3698 0.0284  0.0033  -0.0254 5  GLU B C   
261 O O   . GLU B 5  ? 0.2125 0.3399 0.3433 0.0153  -0.0035 -0.0281 5  GLU B O   
262 C CB  . GLU B 5  ? 0.1687 0.3824 0.3390 0.0199  0.0086  -0.0384 5  GLU B CB  
263 C CG  . GLU B 5  ? 0.3330 0.5545 0.4784 -0.0075 -0.0018 -0.0458 5  GLU B CG  
264 C CD  . GLU B 5  ? 0.5022 0.7793 0.6528 -0.0173 -0.0044 -0.0490 5  GLU B CD  
265 O OE1 . GLU B 5  ? 0.3827 0.6927 0.5561 -0.0085 0.0034  -0.0524 5  GLU B OE1 
266 O OE2 . GLU B 5  ? 0.3785 0.6668 0.5091 -0.0364 -0.0116 -0.0502 5  GLU B OE2 
267 C C   . 6FL B 6  ? 0.1861 0.2958 0.3328 0.0536  0.0008  0.0008  6  6FL B C   
268 N N   . 6FL B 6  ? 0.1909 0.3575 0.3589 0.0496  0.0037  -0.0096 6  6FL B N   
269 O O   . 6FL B 6  ? 0.1625 0.2612 0.2924 0.0423  -0.0075 -0.0006 6  6FL B O   
270 C CA  . 6FL B 6  ? 0.1919 0.3524 0.3522 0.0544  -0.0046 0.0040  6  6FL B CA  
271 C CB  . 6FL B 6  ? 0.2979 0.4902 0.4801 0.0784  -0.0043 0.0262  6  6FL B CB  
272 C CG  . 6FL B 6  ? 0.3990 0.6267 0.5692 0.0655  -0.0203 0.0345  6  6FL B CG  
273 F FAC . 6FL B 6  ? 0.4629 0.7911 0.6681 0.0763  -0.0225 0.0459  6  6FL B FAC 
274 F FAD . 6FL B 6  ? 0.4089 0.7333 0.5717 0.0377  -0.0377 0.0382  6  6FL B FAD 
275 F FAE . 6FL B 6  ? 0.3502 0.6234 0.5118 0.0329  -0.0245 0.0103  6  6FL B FAE 
276 F FAF . 6FL B 6  ? 0.5030 0.7410 0.6578 0.0632  -0.0335 0.0572  6  6FL B FAF 
277 F FAG . 6FL B 6  ? 0.5384 0.8279 0.7384 0.1004  -0.0257 0.0803  6  6FL B FAG 
278 F FAH . 6FL B 6  ? 0.5401 0.7208 0.7164 0.0965  -0.0115 0.0604  6  6FL B FAH 
279 C CD1 . 6FL B 6  ? 0.4090 0.6990 0.5844 0.0532  -0.0271 0.0321  6  6FL B CD1 
280 C CD2 . 6FL B 6  ? 0.4868 0.7211 0.6628 0.0825  -0.0234 0.0590  6  6FL B CD2 
281 N N   . TYR B 7  ? 0.1772 0.2569 0.3303 0.0624  0.0174  -0.0031 7  TYR B N   
282 C CA  . TYR B 7  ? 0.1957 0.2322 0.3332 0.0559  0.0257  -0.0092 7  TYR B CA  
283 C C   . TYR B 7  ? 0.2211 0.2544 0.3393 0.0331  0.0164  -0.0211 7  TYR B C   
284 O O   . TYR B 7  ? 0.2223 0.2422 0.3274 0.0276  0.0117  -0.0197 7  TYR B O   
285 C CB  . TYR B 7  ? 0.2464 0.2540 0.3905 0.0603  0.0504  -0.0185 7  TYR B CB  
286 C CG  . TYR B 7  ? 0.3004 0.2649 0.4252 0.0503  0.0633  -0.0251 7  TYR B CG  
287 C CD1 . TYR B 7  ? 0.3608 0.2914 0.4863 0.0658  0.0787  -0.0148 7  TYR B CD1 
288 C CD2 . TYR B 7  ? 0.3103 0.2716 0.4149 0.0244  0.0605  -0.0398 7  TYR B CD2 
289 C CE1 . TYR B 7  ? 0.3795 0.2702 0.4822 0.0512  0.0922  -0.0233 7  TYR B CE1 
290 C CE2 . TYR B 7  ? 0.3550 0.2883 0.4402 0.0108  0.0712  -0.0467 7  TYR B CE2 
291 C CZ  . TYR B 7  ? 0.4318 0.3274 0.5142 0.0218  0.0887  -0.0413 7  TYR B CZ  
292 O OH  . TYR B 7  ? 0.4335 0.3008 0.4921 0.0028  0.1021  -0.0513 7  TYR B OH  
293 N N   . LYS B 8  ? 0.1664 0.2139 0.2841 0.0211  0.0148  -0.0307 8  LYS B N   
294 C CA  . LYS B 8  ? 0.1564 0.2039 0.2589 0.0033  0.0066  -0.0360 8  LYS B CA  
295 C C   . LYS B 8  ? 0.1774 0.2292 0.2732 0.0031  -0.0065 -0.0287 8  LYS B C   
296 O O   . LYS B 8  ? 0.1740 0.2154 0.2605 -0.0016 -0.0100 -0.0274 8  LYS B O   
297 C CB  . LYS B 8  ? 0.1787 0.2415 0.2819 -0.0087 0.0082  -0.0443 8  LYS B CB  
298 C CG  . LYS B 8  ? 0.3724 0.4349 0.4601 -0.0262 0.0019  -0.0450 8  LYS B CG  
299 C CD  . LYS B 8  ? 0.5224 0.5976 0.6071 -0.0424 0.0070  -0.0541 8  LYS B CD  
300 C CE  . LYS B 8  ? 0.6922 0.7712 0.7614 -0.0577 -0.0012 -0.0473 8  LYS B CE  
301 N NZ  . LYS B 8  ? 0.8075 0.9019 0.8698 -0.0775 0.0017  -0.0540 8  LYS B NZ  
302 N N   . GLU B 9  ? 0.1277 0.1978 0.2288 0.0077  -0.0113 -0.0244 9  GLU B N   
303 C CA  . GLU B 9  ? 0.1060 0.1788 0.1978 0.0022  -0.0186 -0.0218 9  GLU B CA  
304 C C   . GLU B 9  ? 0.1407 0.2017 0.2298 0.0082  -0.0197 -0.0165 9  GLU B C   
305 O O   . GLU B 9  ? 0.1842 0.2352 0.2644 0.0023  -0.0215 -0.0184 9  GLU B O   
306 C CB  . GLU B 9  ? 0.1254 0.2317 0.2215 -0.0006 -0.0215 -0.0201 9  GLU B CB  
307 C CG  . GLU B 9  ? 0.2542 0.3666 0.3363 -0.0148 -0.0244 -0.0226 9  GLU B CG  
308 C CD  . GLU B 9  ? 0.5632 0.6476 0.6288 -0.0287 -0.0201 -0.0311 9  GLU B CD  
309 O OE1 . GLU B 9  ? 0.6948 0.7507 0.7592 -0.0227 -0.0186 -0.0295 9  GLU B OE1 
310 O OE2 . GLU B 9  ? 0.3618 0.4536 0.4150 -0.0461 -0.0165 -0.0382 9  GLU B OE2 
311 C C   . 6FL B 10 ? 0.1843 0.2087 0.2657 0.0164  -0.0135 -0.0120 10 6FL B C   
312 N N   . 6FL B 10 ? 0.1540 0.2128 0.2505 0.0200  -0.0163 -0.0098 10 6FL B N   
313 O O   . 6FL B 10 ? 0.1808 0.2026 0.2553 0.0119  -0.0164 -0.0131 10 6FL B O   
314 C CA  . 6FL B 10 ? 0.1689 0.2147 0.2594 0.0231  -0.0166 -0.0044 10 6FL B CA  
315 C CB  . 6FL B 10 ? 0.1646 0.2044 0.2630 0.0382  -0.0098 0.0069  10 6FL B CB  
316 C CG  . 6FL B 10 ? 0.1973 0.2724 0.3104 0.0494  -0.0142 0.0209  10 6FL B CG  
317 F FAC . 6FL B 10 ? 0.2322 0.3346 0.3721 0.0844  -0.0096 0.0567  10 6FL B FAC 
318 F FAD . 6FL B 10 ? 0.2756 0.3065 0.4007 0.0751  0.0096  0.0314  10 6FL B FAD 
319 F FAE . 6FL B 10 ? 0.3020 0.3523 0.4097 0.0654  -0.0091 0.0453  10 6FL B FAE 
320 F FAF . 6FL B 10 ? 0.2337 0.3456 0.3319 0.0211  -0.0286 0.0093  10 6FL B FAF 
321 F FAG . 6FL B 10 ? 0.2508 0.4000 0.3696 0.0455  -0.0303 0.0383  10 6FL B FAG 
322 F FAH . 6FL B 10 ? 0.2647 0.3609 0.3586 0.0328  -0.0285 0.0276  10 6FL B FAH 
323 C CD1 . 6FL B 10 ? 0.2414 0.3056 0.3631 0.0695  -0.0064 0.0391  10 6FL B CD1 
324 C CD2 . 6FL B 10 ? 0.2304 0.3386 0.3361 0.0371  -0.0264 0.0239  10 6FL B CD2 
325 N N   . GLU B 11 ? 0.1583 0.1740 0.2399 0.0135  -0.0065 -0.0179 11 GLU B N   
326 C CA  . GLU B 11 ? 0.1724 0.1826 0.2455 0.0038  -0.0046 -0.0232 11 GLU B CA  
327 C C   . GLU B 11 ? 0.2033 0.2251 0.2765 0.0004  -0.0127 -0.0220 11 GLU B C   
328 O O   . GLU B 11 ? 0.1608 0.1858 0.2314 -0.0014 -0.0137 -0.0213 11 GLU B O   
329 C CB  . GLU B 11 ? 0.2025 0.2067 0.2726 -0.0047 0.0069  -0.0310 11 GLU B CB  
330 C CG  . GLU B 11 ? 0.2527 0.2586 0.3108 -0.0186 0.0112  -0.0364 11 GLU B CG  
331 C CD  . GLU B 11 ? 0.3227 0.3238 0.3722 -0.0352 0.0267  -0.0481 11 GLU B CD  
332 O OE1 . GLU B 11 ? 0.3531 0.3436 0.4085 -0.0326 0.0361  -0.0527 11 GLU B OE1 
333 O OE2 . GLU B 11 ? 0.3766 0.3887 0.4133 -0.0532 0.0311  -0.0541 11 GLU B OE2 
334 N N   . ASP B 12 ? 0.1445 0.1709 0.2205 0.0005  -0.0163 -0.0209 12 ASP B N   
335 C CA  . ASP B 12 ? 0.1708 0.1961 0.2454 -0.0004 -0.0190 -0.0175 12 ASP B CA  
336 C C   . ASP B 12 ? 0.1771 0.1953 0.2510 0.0031  -0.0181 -0.0182 12 ASP B C   
337 O O   . ASP B 12 ? 0.1624 0.1780 0.2389 0.0068  -0.0162 -0.0155 12 ASP B O   
338 C CB  . ASP B 12 ? 0.1938 0.2183 0.2659 -0.0055 -0.0193 -0.0178 12 ASP B CB  
339 C CG  . ASP B 12 ? 0.3135 0.3255 0.3818 -0.0053 -0.0176 -0.0118 12 ASP B CG  
340 O OD1 . ASP B 12 ? 0.3521 0.3693 0.4220 -0.0040 -0.0192 -0.0026 12 ASP B OD1 
341 O OD2 . ASP B 12 ? 0.3665 0.3642 0.4297 -0.0074 -0.0125 -0.0152 12 ASP B OD2 
342 C C   . 6FL B 13 ? 0.1660 0.1831 0.2346 0.0022  -0.0161 -0.0234 13 6FL B C   
343 N N   . 6FL B 13 ? 0.1508 0.1713 0.2225 0.0018  -0.0187 -0.0207 13 6FL B N   
344 O O   . 6FL B 13 ? 0.1698 0.1845 0.2385 0.0010  -0.0122 -0.0274 13 6FL B O   
345 C CA  . 6FL B 13 ? 0.1490 0.1672 0.2171 -0.0009 -0.0166 -0.0237 13 6FL B CA  
346 C CB  . 6FL B 13 ? 0.1709 0.2043 0.2352 -0.0062 -0.0196 -0.0226 13 6FL B CB  
347 C CG  . 6FL B 13 ? 0.2087 0.2566 0.2708 -0.0143 -0.0199 -0.0245 13 6FL B CG  
348 F FAC . 6FL B 13 ? 0.2529 0.3337 0.3232 -0.0037 -0.0284 -0.0072 13 6FL B FAC 
349 F FAD . 6FL B 13 ? 0.2521 0.3357 0.3042 -0.0293 -0.0234 -0.0213 13 6FL B FAD 
350 F FAE . 6FL B 13 ? 0.2690 0.3715 0.3294 -0.0269 -0.0258 -0.0197 13 6FL B FAE 
351 F FAF . 6FL B 13 ? 0.3185 0.3515 0.3639 -0.0361 -0.0063 -0.0404 13 6FL B FAF 
352 F FAG . 6FL B 13 ? 0.2882 0.2978 0.3432 -0.0199 -0.0071 -0.0337 13 6FL B FAG 
353 F FAH . 6FL B 13 ? 0.3226 0.3706 0.3687 -0.0390 -0.0104 -0.0379 13 6FL B FAH 
354 C CD1 . 6FL B 13 ? 0.2558 0.3344 0.3172 -0.0183 -0.0250 -0.0183 13 6FL B CD1 
355 C CD2 . 6FL B 13 ? 0.3162 0.3497 0.3684 -0.0271 -0.0112 -0.0345 13 6FL B CD2 
356 N N   . GLN B 14 ? 0.1525 0.1704 0.2203 0.0037  -0.0170 -0.0210 14 GLN B N   
357 C CA  . GLN B 14 ? 0.1659 0.1834 0.2291 0.0010  -0.0146 -0.0229 14 GLN B CA  
358 C C   . GLN B 14 ? 0.1749 0.2041 0.2441 0.0018  -0.0138 -0.0237 14 GLN B C   
359 O O   . GLN B 14 ? 0.1670 0.2040 0.2373 0.0010  -0.0118 -0.0266 14 GLN B O   
360 C CB  . GLN B 14 ? 0.1855 0.1944 0.2429 -0.0011 -0.0101 -0.0224 14 GLN B CB  
361 C CG  . GLN B 14 ? 0.2821 0.2808 0.3272 -0.0071 -0.0049 -0.0238 14 GLN B CG  
362 C CD  . GLN B 14 ? 0.2828 0.2633 0.3197 -0.0117 0.0062  -0.0261 14 GLN B CD  
363 O OE1 . GLN B 14 ? 0.2883 0.2583 0.3304 -0.0050 0.0105  -0.0234 14 GLN B OE1 
364 N NE2 . GLN B 14 ? 0.3504 0.3263 0.3729 -0.0252 0.0141  -0.0330 14 GLN B NE2 
365 N N   . GLU B 15 ? 0.1730 0.2081 0.2472 0.0037  -0.0154 -0.0194 15 GLU B N   
366 C CA  . GLU B 15 ? 0.1671 0.2225 0.2494 0.0067  -0.0163 -0.0130 15 GLU B CA  
367 C C   . GLU B 15 ? 0.2020 0.2509 0.2948 0.0186  -0.0133 -0.0088 15 GLU B C   
368 O O   . GLU B 15 ? 0.1872 0.2543 0.2909 0.0260  -0.0113 -0.0037 15 GLU B O   
369 C CB  . GLU B 15 ? 0.1894 0.2542 0.2707 0.0021  -0.0190 -0.0075 15 GLU B CB  
370 C CG  . GLU B 15 ? 0.3643 0.4609 0.4533 0.0038  -0.0222 0.0054  15 GLU B CG  
371 C CD  . GLU B 15 ? 0.4732 0.6076 0.5611 -0.0061 -0.0223 0.0050  15 GLU B CD  
372 O OE1 . GLU B 15 ? 0.3073 0.4356 0.3823 -0.0199 -0.0173 -0.0086 15 GLU B OE1 
373 O OE2 . GLU B 15 ? 0.4019 0.5739 0.5009 -0.0008 -0.0263 0.0198  15 GLU B OE2 
374 N N   . ARG B 16 ? 0.1657 0.1905 0.2552 0.0191  -0.0099 -0.0126 16 ARG B N   
375 C CA  . ARG B 16 ? 0.1742 0.1823 0.2699 0.0265  0.0002  -0.0130 16 ARG B CA  
376 C C   . ARG B 16 ? 0.1998 0.2118 0.2989 0.0265  0.0062  -0.0218 16 ARG B C   
377 O O   . ARG B 16 ? 0.2138 0.2253 0.3263 0.0380  0.0158  -0.0196 16 ARG B O   
378 C CB  . ARG B 16 ? 0.1753 0.1588 0.2605 0.0186  0.0056  -0.0190 16 ARG B CB  
379 C CG  . ARG B 16 ? 0.2130 0.1910 0.2959 0.0194  0.0028  -0.0098 16 ARG B CG  
380 C CD  . ARG B 16 ? 0.2324 0.1910 0.3016 0.0068  0.0088  -0.0180 16 ARG B CD  
381 N NE  . ARG B 16 ? 0.4854 0.4105 0.5515 0.0082  0.0264  -0.0200 16 ARG B NE  
382 C CZ  . ARG B 16 ? 0.7104 0.6133 0.7779 0.0171  0.0337  -0.0074 16 ARG B CZ  
383 N NH1 . ARG B 16 ? 0.5218 0.4409 0.5925 0.0220  0.0217  0.0078  16 ARG B NH1 
384 N NH2 . ARG B 16 ? 0.6506 0.5131 0.7150 0.0200  0.0552  -0.0095 16 ARG B NH2 
385 N N   . LEU B 17 ? 0.1680 0.1857 0.2564 0.0149  0.0016  -0.0297 17 LEU B N   
386 C CA  . LEU B 17 ? 0.1621 0.1863 0.2497 0.0101  0.0063  -0.0387 17 LEU B CA  
387 C C   . LEU B 17 ? 0.2095 0.2592 0.3075 0.0163  0.0058  -0.0355 17 LEU B C   
388 O O   . LEU B 17 ? 0.1681 0.2263 0.2765 0.0205  0.0142  -0.0407 17 LEU B O   
389 C CB  . LEU B 17 ? 0.1743 0.1984 0.2453 -0.0044 0.0010  -0.0430 17 LEU B CB  
390 C CG  . LEU B 17 ? 0.2382 0.2544 0.3001 -0.0143 0.0027  -0.0469 17 LEU B CG  
391 C CD1 . LEU B 17 ? 0.2155 0.2407 0.2669 -0.0204 -0.0072 -0.0396 17 LEU B CD1 
392 C CD2 . LEU B 17 ? 0.3207 0.3337 0.3792 -0.0255 0.0149  -0.0604 17 LEU B CD2 
393 N N   . ARG B 18 ? 0.1808 0.2470 0.2763 0.0146  -0.0023 -0.0284 18 ARG B N   
394 C CA  . ARG B 18 ? 0.1958 0.2981 0.2983 0.0145  -0.0035 -0.0249 18 ARG B CA  
395 C C   . ARG B 18 ? 0.2055 0.3260 0.3326 0.0339  0.0013  -0.0148 18 ARG B C   
396 O O   . ARG B 18 ? 0.1870 0.3375 0.3272 0.0386  0.0057  -0.0157 18 ARG B O   
397 C CB  . ARG B 18 ? 0.2477 0.3643 0.3432 0.0069  -0.0097 -0.0186 18 ARG B CB  
398 C CG  . ARG B 18 ? 0.3565 0.4596 0.4302 -0.0111 -0.0088 -0.0277 18 ARG B CG  
399 C CD  . ARG B 18 ? 0.4423 0.5700 0.5100 -0.0239 -0.0091 -0.0260 18 ARG B CD  
400 N NE  . ARG B 18 ? 0.4848 0.5897 0.5304 -0.0417 -0.0014 -0.0367 18 ARG B NE  
401 C CZ  . ARG B 18 ? 0.6405 0.7167 0.6801 -0.0425 0.0018  -0.0381 18 ARG B CZ  
402 N NH1 . ARG B 18 ? 0.4149 0.4859 0.4663 -0.0300 -0.0043 -0.0309 18 ARG B NH1 
403 N NH2 . ARG B 18 ? 0.5571 0.6069 0.5787 -0.0556 0.0138  -0.0468 18 ARG B NH2 
404 N N   . LYS B 19 ? 0.1677 0.2705 0.3016 0.0460  0.0019  -0.0037 19 LYS B N   
405 C CA  . LYS B 19 ? 0.1915 0.2996 0.3480 0.0686  0.0087  0.0125  19 LYS B CA  
406 C C   . LYS B 19 ? 0.2532 0.3402 0.4228 0.0805  0.0261  0.0042  19 LYS B C   
407 O O   . LYS B 19 ? 0.2037 0.3151 0.3980 0.0999  0.0336  0.0142  19 LYS B O   
408 C CB  . LYS B 19 ? 0.2372 0.3205 0.3895 0.0730  0.0070  0.0246  19 LYS B CB  
409 C CG  . LYS B 19 ? 0.2619 0.3788 0.4096 0.0653  -0.0069 0.0375  19 LYS B CG  
410 C CD  . LYS B 19 ? 0.3394 0.4464 0.4906 0.0753  -0.0075 0.0574  19 LYS B CD  
411 C CE  . LYS B 19 ? 0.3997 0.5425 0.5418 0.0603  -0.0205 0.0661  19 LYS B CE  
412 N NZ  . LYS B 19 ? 0.3663 0.4840 0.4986 0.0576  -0.0218 0.0744  19 LYS B NZ  
413 N N   . LEU B 20 ? 0.2439 0.2910 0.3973 0.0671  0.0337  -0.0142 20 LEU B N   
414 C CA  . LEU B 20 ? 0.2795 0.3016 0.4374 0.0679  0.0538  -0.0294 20 LEU B CA  
415 C C   . LEU B 20 ? 0.3317 0.3860 0.4980 0.0651  0.0562  -0.0397 20 LEU B C   
416 O O   . LEU B 20 ? 0.3756 0.4261 0.5599 0.0763  0.0753  -0.0462 20 LEU B O   
417 C CB  . LEU B 20 ? 0.2944 0.2828 0.4264 0.0445  0.0567  -0.0463 20 LEU B CB  
418 C CG  . LEU B 20 ? 0.4017 0.3530 0.5301 0.0374  0.0823  -0.0635 20 LEU B CG  
419 C CD1 . LEU B 20 ? 0.4417 0.3542 0.5789 0.0547  0.0999  -0.0538 20 LEU B CD1 
420 C CD2 . LEU B 20 ? 0.4465 0.3887 0.5465 0.0067  0.0797  -0.0791 20 LEU B CD2 
421 N N   . ARG B 21 ? 0.2467 0.3315 0.4005 0.0504  0.0399  -0.0414 21 ARG B N   
422 C CA  . ARG B 21 ? 0.2464 0.3642 0.4033 0.0430  0.0415  -0.0516 21 ARG B CA  
423 C C   . ARG B 21 ? 0.2636 0.4295 0.4503 0.0640  0.0434  -0.0381 21 ARG B C   
424 O O   . ARG B 21 ? 0.2200 0.4104 0.4230 0.0686  0.0544  -0.0463 21 ARG B O   
425 C CB  . ARG B 21 ? 0.2631 0.3885 0.3923 0.0186  0.0276  -0.0572 21 ARG B CB  
426 C CG  . ARG B 21 ? 0.4071 0.4992 0.5121 0.0000  0.0272  -0.0681 21 ARG B CG  
427 C CD  . ARG B 21 ? 0.4459 0.5366 0.5261 -0.0170 0.0156  -0.0664 21 ARG B CD  
428 N NE  . ARG B 21 ? 0.5630 0.6805 0.6380 -0.0274 0.0162  -0.0719 21 ARG B NE  
429 C CZ  . ARG B 21 ? 0.6456 0.7728 0.7078 -0.0364 0.0113  -0.0685 21 ARG B CZ  
430 N NH1 . ARG B 21 ? 0.4052 0.5148 0.4600 -0.0348 0.0057  -0.0597 21 ARG B NH1 
431 N NH2 . ARG B 21 ? 0.4574 0.6114 0.5119 -0.0507 0.0144  -0.0763 21 ARG B NH2 
432 N N   . LYS B 22 ? 0.2306 0.4163 0.4262 0.0763  0.0336  -0.0164 22 LYS B N   
433 C CA  . LYS B 22 ? 0.2529 0.4955 0.4786 0.0979  0.0327  0.0045  22 LYS B CA  
434 C C   . LYS B 22 ? 0.3353 0.5592 0.5936 0.1312  0.0527  0.0142  22 LYS B C   
435 O O   . LYS B 22 ? 0.3295 0.6002 0.6200 0.1529  0.0599  0.0254  22 LYS B O   
436 C CB  . LYS B 22 ? 0.2804 0.5461 0.5010 0.0966  0.0167  0.0257  22 LYS B CB  
437 C CG  . LYS B 22 ? 0.4373 0.7848 0.6806 0.1064  0.0096  0.0480  22 LYS B CG  
438 C CD  . LYS B 22 ? 0.5441 0.9140 0.7785 0.0997  -0.0049 0.0682  22 LYS B CD  
439 C CE  . LYS B 22 ? 0.6704 1.0186 0.9234 0.1290  -0.0022 0.0958  22 LYS B CE  
440 N NZ  . LYS B 22 ? 0.7630 1.1289 1.0011 0.1159  -0.0165 0.1118  22 LYS B NZ  
441 N N   . LYS B 23 ? 0.3033 0.4590 0.5528 0.1341  0.0649  0.0087  23 LYS B N   
442 C CA  . LYS B 23 ? 0.3408 0.4601 0.6148 0.1617  0.0917  0.0131  23 LYS B CA  
443 C C   . LYS B 23 ? 0.3930 0.5100 0.6780 0.1595  0.1131  -0.0119 23 LYS B C   
444 O O   . LYS B 23 ? 0.3933 0.5229 0.7144 0.1893  0.1329  -0.0035 23 LYS B O   
445 C CB  . LYS B 23 ? 0.3926 0.4389 0.6458 0.1554  0.1015  0.0088  23 LYS B CB  
446 C CG  . LYS B 23 ? 0.5227 0.5621 0.7810 0.1737  0.0949  0.0398  23 LYS B CG  
447 C CD  . LYS B 23 ? 0.5984 0.5729 0.8278 0.1575  0.1008  0.0310  23 LYS B CD  
448 C CE  . LYS B 23 ? 0.7103 0.6656 0.9456 0.1777  0.1025  0.0614  23 LYS B CE  
449 N NZ  . LYS B 23 ? 0.8078 0.7168 1.0649 0.2077  0.1357  0.0718  23 LYS B NZ  
450 N N   . LEU B 24 ? 0.3517 0.4559 0.6069 0.1250  0.1096  -0.0406 24 LEU B N   
451 C CA  . LEU B 24 ? 0.3666 0.4699 0.6231 0.1125  0.1279  -0.0682 24 LEU B CA  
452 C C   . LEU B 24 ? 0.3600 0.5320 0.6397 0.1197  0.1248  -0.0674 24 LEU B C   
453 O O   . LEU B 24 ? 0.3498 0.5287 0.6534 0.1304  0.1482  -0.0798 24 LEU B O   
454 C CB  . LEU B 24 ? 0.3622 0.4435 0.5768 0.0713  0.1191  -0.0915 24 LEU B CB  
455 C CG  . LEU B 24 ? 0.4521 0.5049 0.6562 0.0498  0.1432  -0.1217 24 LEU B CG  
456 C CD1 . LEU B 24 ? 0.4448 0.4713 0.6091 0.0155  0.1339  -0.1328 24 LEU B CD1 
457 C CD2 . LEU B 24 ? 0.4695 0.5631 0.6780 0.0378  0.1464  -0.1382 24 LEU B CD2 
458 N N   . ARG B 25 ? 0.2503 0.4732 0.5210 0.1102  0.0988  -0.0561 25 ARG B N   
459 C CA  . ARG B 25 ? 0.4591 0.7549 0.7446 0.1089  0.0940  -0.0567 25 ARG B CA  
460 C C   . ARG B 25 ? 0.8403 1.1942 1.1671 0.1448  0.0925  -0.0255 25 ARG B C   
461 O O   . ARG B 25 ? 0.3950 0.7250 0.7492 0.1786  0.1064  -0.0076 25 ARG B O   
462 C CB  . ARG B 25 ? 0.4248 0.7409 0.6721 0.0726  0.0714  -0.0638 25 ARG B CB  
463 C CG  . ARG B 25 ? 0.4943 0.8772 0.7427 0.0569  0.0692  -0.0737 25 ARG B CG  
464 C CD  . ARG B 25 ? 0.5437 0.9136 0.7784 0.0346  0.0816  -0.1031 25 ARG B CD  
465 N NE  . ARG B 25 ? 0.5665 0.9853 0.7822 0.0054  0.0748  -0.1148 25 ARG B NE  
466 C CZ  . ARG B 25 ? 0.6537 1.1471 0.8945 0.0104  0.0798  -0.1160 25 ARG B CZ  
467 N NH1 . ARG B 25 ? 0.5687 1.0994 0.8604 0.0494  0.0912  -0.1023 25 ARG B NH1 
468 N NH2 . ARG B 25 ? 0.3181 0.8507 0.5336 -0.0231 0.0748  -0.1297 25 ARG B NH2 
# 
